data_2CYH
# 
_entry.id   2CYH 
# 
_audit_conform.dict_name       mmcif_pdbx.dic 
_audit_conform.dict_version    5.387 
_audit_conform.dict_location   http://mmcif.pdb.org/dictionaries/ascii/mmcif_pdbx.dic 
# 
loop_
_database_2.database_id 
_database_2.database_code 
_database_2.pdbx_database_accession 
_database_2.pdbx_DOI 
PDB   2CYH         pdb_00002cyh 10.2210/pdb2cyh/pdb 
WWPDB D_1000177968 ?            ?                   
# 
loop_
_pdbx_audit_revision_history.ordinal 
_pdbx_audit_revision_history.data_content_type 
_pdbx_audit_revision_history.major_revision 
_pdbx_audit_revision_history.minor_revision 
_pdbx_audit_revision_history.revision_date 
1 'Structure model' 1 0 1996-07-11 
2 'Structure model' 1 1 2008-03-24 
3 'Structure model' 1 2 2011-07-13 
4 'Structure model' 1 3 2017-11-29 
5 'Structure model' 1 4 2024-02-14 
# 
_pdbx_audit_revision_details.ordinal             1 
_pdbx_audit_revision_details.revision_ordinal    1 
_pdbx_audit_revision_details.data_content_type   'Structure model' 
_pdbx_audit_revision_details.provider            repository 
_pdbx_audit_revision_details.type                'Initial release' 
_pdbx_audit_revision_details.description         ? 
_pdbx_audit_revision_details.details             ? 
# 
loop_
_pdbx_audit_revision_group.ordinal 
_pdbx_audit_revision_group.revision_ordinal 
_pdbx_audit_revision_group.data_content_type 
_pdbx_audit_revision_group.group 
1 2 'Structure model' 'Version format compliance' 
2 3 'Structure model' 'Version format compliance' 
3 4 'Structure model' 'Derived calculations'      
4 4 'Structure model' Other                       
5 5 'Structure model' 'Data collection'           
6 5 'Structure model' 'Database references'       
7 5 'Structure model' 'Derived calculations'      
# 
loop_
_pdbx_audit_revision_category.ordinal 
_pdbx_audit_revision_category.revision_ordinal 
_pdbx_audit_revision_category.data_content_type 
_pdbx_audit_revision_category.category 
1 4 'Structure model' pdbx_database_status 
2 4 'Structure model' struct_conf          
3 4 'Structure model' struct_conf_type     
4 5 'Structure model' chem_comp_atom       
5 5 'Structure model' chem_comp_bond       
6 5 'Structure model' database_2           
7 5 'Structure model' struct_conn          
8 5 'Structure model' struct_site          
# 
loop_
_pdbx_audit_revision_item.ordinal 
_pdbx_audit_revision_item.revision_ordinal 
_pdbx_audit_revision_item.data_content_type 
_pdbx_audit_revision_item.item 
1 4 'Structure model' '_pdbx_database_status.process_site'  
2 5 'Structure model' '_database_2.pdbx_DOI'                
3 5 'Structure model' '_database_2.pdbx_database_accession' 
4 5 'Structure model' '_struct_conn.pdbx_leaving_atom_flag' 
5 5 'Structure model' '_struct_site.pdbx_auth_asym_id'      
6 5 'Structure model' '_struct_site.pdbx_auth_comp_id'      
7 5 'Structure model' '_struct_site.pdbx_auth_seq_id'       
# 
_pdbx_database_PDB_obs_spr.id               SPRSDE 
_pdbx_database_PDB_obs_spr.date             1996-07-11 
_pdbx_database_PDB_obs_spr.pdb_id           2CYH 
_pdbx_database_PDB_obs_spr.replace_pdb_id   1CYH 
_pdbx_database_PDB_obs_spr.details          ? 
# 
_pdbx_database_status.status_code                     REL 
_pdbx_database_status.entry_id                        2CYH 
_pdbx_database_status.recvd_initial_deposition_date   1996-02-27 
_pdbx_database_status.deposit_site                    ? 
_pdbx_database_status.process_site                    BNL 
_pdbx_database_status.SG_entry                        . 
_pdbx_database_status.status_code_sf                  ? 
_pdbx_database_status.status_code_mr                  ? 
_pdbx_database_status.pdb_format_compatible           Y 
_pdbx_database_status.status_code_cs                  ? 
_pdbx_database_status.methods_development_category    ? 
_pdbx_database_status.status_code_nmr_data            ? 
# 
loop_
_audit_author.name 
_audit_author.pdbx_ordinal 
'Zhao, Y.' 1 
'Ke, H.'   2 
# 
_citation.id                        primary 
_citation.title                     'Mechanistic implication of crystal structures of the cyclophilin-dipeptide complexes.' 
_citation.journal_abbrev            Biochemistry 
_citation.journal_volume            35 
_citation.page_first                7362 
_citation.page_last                 7368 
_citation.year                      1996 
_citation.journal_id_ASTM           BICHAW 
_citation.country                   US 
_citation.journal_id_ISSN           0006-2960 
_citation.journal_id_CSD            0033 
_citation.book_publisher            ? 
_citation.pdbx_database_id_PubMed   8652512 
_citation.pdbx_database_id_DOI      10.1021/bi960278x 
# 
loop_
_citation_author.citation_id 
_citation_author.name 
_citation_author.ordinal 
_citation_author.identifier_ORCID 
primary 'Zhao, Y.' 1 ? 
primary 'Ke, H.'   2 ? 
# 
loop_
_entity.id 
_entity.type 
_entity.src_method 
_entity.pdbx_description 
_entity.formula_weight 
_entity.pdbx_number_of_molecules 
_entity.pdbx_ec 
_entity.pdbx_mutation 
_entity.pdbx_fragment 
_entity.details 
1 polymer     man 'CYCLOPHILIN A' 17905.307 1  5.2.1.8 ? ? ? 
2 non-polymer syn ALANINE         89.093    1  ?       ? ? ? 
3 non-polymer syn PROLINE         115.130   1  ?       ? ? ? 
4 water       nat water           18.015    87 ?       ? ? ? 
# 
_entity_poly.entity_id                      1 
_entity_poly.type                           'polypeptide(L)' 
_entity_poly.nstd_linkage                   no 
_entity_poly.nstd_monomer                   no 
_entity_poly.pdbx_seq_one_letter_code       
;VNPTVFFDIAVDGEPLGRVSFELFADKVPKTAENFRALSTGEKGFGYKGSCFHRIIPGFMCQGGDFTRHNGTGGKSIYGE
KFEDENFILKHTGPGILSMANAGPNTNGSQFFICTAKTEWLDGKHVVFGKVKEGMNIVEAMERFGSRNGKTSKKITIADC
GQLE
;
_entity_poly.pdbx_seq_one_letter_code_can   
;VNPTVFFDIAVDGEPLGRVSFELFADKVPKTAENFRALSTGEKGFGYKGSCFHRIIPGFMCQGGDFTRHNGTGGKSIYGE
KFEDENFILKHTGPGILSMANAGPNTNGSQFFICTAKTEWLDGKHVVFGKVKEGMNIVEAMERFGSRNGKTSKKITIADC
GQLE
;
_entity_poly.pdbx_strand_id                 A 
_entity_poly.pdbx_target_identifier         ? 
# 
loop_
_pdbx_entity_nonpoly.entity_id 
_pdbx_entity_nonpoly.name 
_pdbx_entity_nonpoly.comp_id 
2 ALANINE ALA 
3 PROLINE PRO 
4 water   HOH 
# 
loop_
_entity_poly_seq.entity_id 
_entity_poly_seq.num 
_entity_poly_seq.mon_id 
_entity_poly_seq.hetero 
1 1   VAL n 
1 2   ASN n 
1 3   PRO n 
1 4   THR n 
1 5   VAL n 
1 6   PHE n 
1 7   PHE n 
1 8   ASP n 
1 9   ILE n 
1 10  ALA n 
1 11  VAL n 
1 12  ASP n 
1 13  GLY n 
1 14  GLU n 
1 15  PRO n 
1 16  LEU n 
1 17  GLY n 
1 18  ARG n 
1 19  VAL n 
1 20  SER n 
1 21  PHE n 
1 22  GLU n 
1 23  LEU n 
1 24  PHE n 
1 25  ALA n 
1 26  ASP n 
1 27  LYS n 
1 28  VAL n 
1 29  PRO n 
1 30  LYS n 
1 31  THR n 
1 32  ALA n 
1 33  GLU n 
1 34  ASN n 
1 35  PHE n 
1 36  ARG n 
1 37  ALA n 
1 38  LEU n 
1 39  SER n 
1 40  THR n 
1 41  GLY n 
1 42  GLU n 
1 43  LYS n 
1 44  GLY n 
1 45  PHE n 
1 46  GLY n 
1 47  TYR n 
1 48  LYS n 
1 49  GLY n 
1 50  SER n 
1 51  CYS n 
1 52  PHE n 
1 53  HIS n 
1 54  ARG n 
1 55  ILE n 
1 56  ILE n 
1 57  PRO n 
1 58  GLY n 
1 59  PHE n 
1 60  MET n 
1 61  CYS n 
1 62  GLN n 
1 63  GLY n 
1 64  GLY n 
1 65  ASP n 
1 66  PHE n 
1 67  THR n 
1 68  ARG n 
1 69  HIS n 
1 70  ASN n 
1 71  GLY n 
1 72  THR n 
1 73  GLY n 
1 74  GLY n 
1 75  LYS n 
1 76  SER n 
1 77  ILE n 
1 78  TYR n 
1 79  GLY n 
1 80  GLU n 
1 81  LYS n 
1 82  PHE n 
1 83  GLU n 
1 84  ASP n 
1 85  GLU n 
1 86  ASN n 
1 87  PHE n 
1 88  ILE n 
1 89  LEU n 
1 90  LYS n 
1 91  HIS n 
1 92  THR n 
1 93  GLY n 
1 94  PRO n 
1 95  GLY n 
1 96  ILE n 
1 97  LEU n 
1 98  SER n 
1 99  MET n 
1 100 ALA n 
1 101 ASN n 
1 102 ALA n 
1 103 GLY n 
1 104 PRO n 
1 105 ASN n 
1 106 THR n 
1 107 ASN n 
1 108 GLY n 
1 109 SER n 
1 110 GLN n 
1 111 PHE n 
1 112 PHE n 
1 113 ILE n 
1 114 CYS n 
1 115 THR n 
1 116 ALA n 
1 117 LYS n 
1 118 THR n 
1 119 GLU n 
1 120 TRP n 
1 121 LEU n 
1 122 ASP n 
1 123 GLY n 
1 124 LYS n 
1 125 HIS n 
1 126 VAL n 
1 127 VAL n 
1 128 PHE n 
1 129 GLY n 
1 130 LYS n 
1 131 VAL n 
1 132 LYS n 
1 133 GLU n 
1 134 GLY n 
1 135 MET n 
1 136 ASN n 
1 137 ILE n 
1 138 VAL n 
1 139 GLU n 
1 140 ALA n 
1 141 MET n 
1 142 GLU n 
1 143 ARG n 
1 144 PHE n 
1 145 GLY n 
1 146 SER n 
1 147 ARG n 
1 148 ASN n 
1 149 GLY n 
1 150 LYS n 
1 151 THR n 
1 152 SER n 
1 153 LYS n 
1 154 LYS n 
1 155 ILE n 
1 156 THR n 
1 157 ILE n 
1 158 ALA n 
1 159 ASP n 
1 160 CYS n 
1 161 GLY n 
1 162 GLN n 
1 163 LEU n 
1 164 GLU n 
# 
_entity_src_gen.entity_id                          1 
_entity_src_gen.pdbx_src_id                        1 
_entity_src_gen.pdbx_alt_source_flag               sample 
_entity_src_gen.pdbx_seq_type                      ? 
_entity_src_gen.pdbx_beg_seq_num                   ? 
_entity_src_gen.pdbx_end_seq_num                   ? 
_entity_src_gen.gene_src_common_name               human 
_entity_src_gen.gene_src_genus                     Homo 
_entity_src_gen.pdbx_gene_src_gene                 CYCLOPHILIN 
_entity_src_gen.gene_src_species                   ? 
_entity_src_gen.gene_src_strain                    ? 
_entity_src_gen.gene_src_tissue                    ? 
_entity_src_gen.gene_src_tissue_fraction           ? 
_entity_src_gen.gene_src_details                   ? 
_entity_src_gen.pdbx_gene_src_fragment             ? 
_entity_src_gen.pdbx_gene_src_scientific_name      'Homo sapiens' 
_entity_src_gen.pdbx_gene_src_ncbi_taxonomy_id     9606 
_entity_src_gen.pdbx_gene_src_variant              ? 
_entity_src_gen.pdbx_gene_src_cell_line            XA90 
_entity_src_gen.pdbx_gene_src_atcc                 ? 
_entity_src_gen.pdbx_gene_src_organ                ? 
_entity_src_gen.pdbx_gene_src_organelle            ? 
_entity_src_gen.pdbx_gene_src_cell                 ? 
_entity_src_gen.pdbx_gene_src_cellular_location    ? 
_entity_src_gen.host_org_common_name               ? 
_entity_src_gen.pdbx_host_org_scientific_name      'Escherichia coli' 
_entity_src_gen.pdbx_host_org_ncbi_taxonomy_id     562 
_entity_src_gen.host_org_genus                     Escherichia 
_entity_src_gen.pdbx_host_org_gene                 CYCLOPHILIN 
_entity_src_gen.pdbx_host_org_organ                ? 
_entity_src_gen.host_org_species                   ? 
_entity_src_gen.pdbx_host_org_tissue               ? 
_entity_src_gen.pdbx_host_org_tissue_fraction      ? 
_entity_src_gen.pdbx_host_org_strain               
;XA90 F'
;
_entity_src_gen.pdbx_host_org_variant              ? 
_entity_src_gen.pdbx_host_org_cell_line            ? 
_entity_src_gen.pdbx_host_org_atcc                 ? 
_entity_src_gen.pdbx_host_org_culture_collection   ? 
_entity_src_gen.pdbx_host_org_cell                 ? 
_entity_src_gen.pdbx_host_org_organelle            ? 
_entity_src_gen.pdbx_host_org_cellular_location    ? 
_entity_src_gen.pdbx_host_org_vector_type          ? 
_entity_src_gen.pdbx_host_org_vector               ? 
_entity_src_gen.host_org_details                   ? 
_entity_src_gen.expression_system_id               ? 
_entity_src_gen.plasmid_name                       PHN1+ 
_entity_src_gen.plasmid_details                    ? 
_entity_src_gen.pdbx_description                   ? 
# 
loop_
_chem_comp.id 
_chem_comp.type 
_chem_comp.mon_nstd_flag 
_chem_comp.name 
_chem_comp.pdbx_synonyms 
_chem_comp.formula 
_chem_comp.formula_weight 
ALA 'L-peptide linking' y ALANINE         ? 'C3 H7 N O2'     89.093  
ARG 'L-peptide linking' y ARGININE        ? 'C6 H15 N4 O2 1' 175.209 
ASN 'L-peptide linking' y ASPARAGINE      ? 'C4 H8 N2 O3'    132.118 
ASP 'L-peptide linking' y 'ASPARTIC ACID' ? 'C4 H7 N O4'     133.103 
CYS 'L-peptide linking' y CYSTEINE        ? 'C3 H7 N O2 S'   121.158 
GLN 'L-peptide linking' y GLUTAMINE       ? 'C5 H10 N2 O3'   146.144 
GLU 'L-peptide linking' y 'GLUTAMIC ACID' ? 'C5 H9 N O4'     147.129 
GLY 'peptide linking'   y GLYCINE         ? 'C2 H5 N O2'     75.067  
HIS 'L-peptide linking' y HISTIDINE       ? 'C6 H10 N3 O2 1' 156.162 
HOH non-polymer         . WATER           ? 'H2 O'           18.015  
ILE 'L-peptide linking' y ISOLEUCINE      ? 'C6 H13 N O2'    131.173 
LEU 'L-peptide linking' y LEUCINE         ? 'C6 H13 N O2'    131.173 
LYS 'L-peptide linking' y LYSINE          ? 'C6 H15 N2 O2 1' 147.195 
MET 'L-peptide linking' y METHIONINE      ? 'C5 H11 N O2 S'  149.211 
PHE 'L-peptide linking' y PHENYLALANINE   ? 'C9 H11 N O2'    165.189 
PRO 'L-peptide linking' y PROLINE         ? 'C5 H9 N O2'     115.130 
SER 'L-peptide linking' y SERINE          ? 'C3 H7 N O3'     105.093 
THR 'L-peptide linking' y THREONINE       ? 'C4 H9 N O3'     119.119 
TRP 'L-peptide linking' y TRYPTOPHAN      ? 'C11 H12 N2 O2'  204.225 
TYR 'L-peptide linking' y TYROSINE        ? 'C9 H11 N O3'    181.189 
VAL 'L-peptide linking' y VALINE          ? 'C5 H11 N O2'    117.146 
# 
loop_
_pdbx_poly_seq_scheme.asym_id 
_pdbx_poly_seq_scheme.entity_id 
_pdbx_poly_seq_scheme.seq_id 
_pdbx_poly_seq_scheme.mon_id 
_pdbx_poly_seq_scheme.ndb_seq_num 
_pdbx_poly_seq_scheme.pdb_seq_num 
_pdbx_poly_seq_scheme.auth_seq_num 
_pdbx_poly_seq_scheme.pdb_mon_id 
_pdbx_poly_seq_scheme.auth_mon_id 
_pdbx_poly_seq_scheme.pdb_strand_id 
_pdbx_poly_seq_scheme.pdb_ins_code 
_pdbx_poly_seq_scheme.hetero 
A 1 1   VAL 1   2   2   VAL VAL A . n 
A 1 2   ASN 2   3   3   ASN ASN A . n 
A 1 3   PRO 3   4   4   PRO PRO A . n 
A 1 4   THR 4   5   5   THR THR A . n 
A 1 5   VAL 5   6   6   VAL VAL A . n 
A 1 6   PHE 6   7   7   PHE PHE A . n 
A 1 7   PHE 7   8   8   PHE PHE A . n 
A 1 8   ASP 8   9   9   ASP ASP A . n 
A 1 9   ILE 9   10  10  ILE ILE A . n 
A 1 10  ALA 10  11  11  ALA ALA A . n 
A 1 11  VAL 11  12  12  VAL VAL A . n 
A 1 12  ASP 12  13  13  ASP ASP A . n 
A 1 13  GLY 13  14  14  GLY GLY A . n 
A 1 14  GLU 14  15  15  GLU GLU A . n 
A 1 15  PRO 15  16  16  PRO PRO A . n 
A 1 16  LEU 16  17  17  LEU LEU A . n 
A 1 17  GLY 17  18  18  GLY GLY A . n 
A 1 18  ARG 18  19  19  ARG ARG A . n 
A 1 19  VAL 19  20  20  VAL VAL A . n 
A 1 20  SER 20  21  21  SER SER A . n 
A 1 21  PHE 21  22  22  PHE PHE A . n 
A 1 22  GLU 22  23  23  GLU GLU A . n 
A 1 23  LEU 23  24  24  LEU LEU A . n 
A 1 24  PHE 24  25  25  PHE PHE A . n 
A 1 25  ALA 25  26  26  ALA ALA A . n 
A 1 26  ASP 26  27  27  ASP ASP A . n 
A 1 27  LYS 27  28  28  LYS LYS A . n 
A 1 28  VAL 28  29  29  VAL VAL A . n 
A 1 29  PRO 29  30  30  PRO PRO A . n 
A 1 30  LYS 30  31  31  LYS LYS A . n 
A 1 31  THR 31  32  32  THR THR A . n 
A 1 32  ALA 32  33  33  ALA ALA A . n 
A 1 33  GLU 33  34  34  GLU GLU A . n 
A 1 34  ASN 34  35  35  ASN ASN A . n 
A 1 35  PHE 35  36  36  PHE PHE A . n 
A 1 36  ARG 36  37  37  ARG ARG A . n 
A 1 37  ALA 37  38  38  ALA ALA A . n 
A 1 38  LEU 38  39  39  LEU LEU A . n 
A 1 39  SER 39  40  40  SER SER A . n 
A 1 40  THR 40  41  41  THR THR A . n 
A 1 41  GLY 41  42  42  GLY GLY A . n 
A 1 42  GLU 42  43  43  GLU GLU A . n 
A 1 43  LYS 43  44  44  LYS LYS A . n 
A 1 44  GLY 44  45  45  GLY GLY A . n 
A 1 45  PHE 45  46  46  PHE PHE A . n 
A 1 46  GLY 46  47  47  GLY GLY A . n 
A 1 47  TYR 47  48  48  TYR TYR A . n 
A 1 48  LYS 48  49  49  LYS LYS A . n 
A 1 49  GLY 49  50  50  GLY GLY A . n 
A 1 50  SER 50  51  51  SER SER A . n 
A 1 51  CYS 51  52  52  CYS CYS A . n 
A 1 52  PHE 52  53  53  PHE PHE A . n 
A 1 53  HIS 53  54  54  HIS HIS A . n 
A 1 54  ARG 54  55  55  ARG ARG A . n 
A 1 55  ILE 55  56  56  ILE ILE A . n 
A 1 56  ILE 56  57  57  ILE ILE A . n 
A 1 57  PRO 57  58  58  PRO PRO A . n 
A 1 58  GLY 58  59  59  GLY GLY A . n 
A 1 59  PHE 59  60  60  PHE PHE A . n 
A 1 60  MET 60  61  61  MET MET A . n 
A 1 61  CYS 61  62  62  CYS CYS A . n 
A 1 62  GLN 62  63  63  GLN GLN A . n 
A 1 63  GLY 63  64  64  GLY GLY A . n 
A 1 64  GLY 64  65  65  GLY GLY A . n 
A 1 65  ASP 65  66  66  ASP ASP A . n 
A 1 66  PHE 66  67  67  PHE PHE A . n 
A 1 67  THR 67  68  68  THR THR A . n 
A 1 68  ARG 68  69  69  ARG ARG A . n 
A 1 69  HIS 69  70  70  HIS HIS A . n 
A 1 70  ASN 70  71  71  ASN ASN A . n 
A 1 71  GLY 71  72  72  GLY GLY A . n 
A 1 72  THR 72  73  73  THR THR A . n 
A 1 73  GLY 73  74  74  GLY GLY A . n 
A 1 74  GLY 74  75  75  GLY GLY A . n 
A 1 75  LYS 75  76  76  LYS LYS A . n 
A 1 76  SER 76  77  77  SER SER A . n 
A 1 77  ILE 77  78  78  ILE ILE A . n 
A 1 78  TYR 78  79  79  TYR TYR A . n 
A 1 79  GLY 79  80  80  GLY GLY A . n 
A 1 80  GLU 80  81  81  GLU GLU A . n 
A 1 81  LYS 81  82  82  LYS LYS A . n 
A 1 82  PHE 82  83  83  PHE PHE A . n 
A 1 83  GLU 83  84  84  GLU GLU A . n 
A 1 84  ASP 84  85  85  ASP ASP A . n 
A 1 85  GLU 85  86  86  GLU GLU A . n 
A 1 86  ASN 86  87  87  ASN ASN A . n 
A 1 87  PHE 87  88  88  PHE PHE A . n 
A 1 88  ILE 88  89  89  ILE ILE A . n 
A 1 89  LEU 89  90  90  LEU LEU A . n 
A 1 90  LYS 90  91  91  LYS LYS A . n 
A 1 91  HIS 91  92  92  HIS HIS A . n 
A 1 92  THR 92  93  93  THR THR A . n 
A 1 93  GLY 93  94  94  GLY GLY A . n 
A 1 94  PRO 94  95  95  PRO PRO A . n 
A 1 95  GLY 95  96  96  GLY GLY A . n 
A 1 96  ILE 96  97  97  ILE ILE A . n 
A 1 97  LEU 97  98  98  LEU LEU A . n 
A 1 98  SER 98  99  99  SER SER A . n 
A 1 99  MET 99  100 100 MET MET A . n 
A 1 100 ALA 100 101 101 ALA ALA A . n 
A 1 101 ASN 101 102 102 ASN ASN A . n 
A 1 102 ALA 102 103 103 ALA ALA A . n 
A 1 103 GLY 103 104 104 GLY GLY A . n 
A 1 104 PRO 104 105 105 PRO PRO A . n 
A 1 105 ASN 105 106 106 ASN ASN A . n 
A 1 106 THR 106 107 107 THR THR A . n 
A 1 107 ASN 107 108 108 ASN ASN A . n 
A 1 108 GLY 108 109 109 GLY GLY A . n 
A 1 109 SER 109 110 110 SER SER A . n 
A 1 110 GLN 110 111 111 GLN GLN A . n 
A 1 111 PHE 111 112 112 PHE PHE A . n 
A 1 112 PHE 112 113 113 PHE PHE A . n 
A 1 113 ILE 113 114 114 ILE ILE A . n 
A 1 114 CYS 114 115 115 CYS CYS A . n 
A 1 115 THR 115 116 116 THR THR A . n 
A 1 116 ALA 116 117 117 ALA ALA A . n 
A 1 117 LYS 117 118 118 LYS LYS A . n 
A 1 118 THR 118 119 119 THR THR A . n 
A 1 119 GLU 119 120 120 GLU GLU A . n 
A 1 120 TRP 120 121 121 TRP TRP A . n 
A 1 121 LEU 121 122 122 LEU LEU A . n 
A 1 122 ASP 122 123 123 ASP ASP A . n 
A 1 123 GLY 123 124 124 GLY GLY A . n 
A 1 124 LYS 124 125 125 LYS LYS A . n 
A 1 125 HIS 125 126 126 HIS HIS A . n 
A 1 126 VAL 126 127 127 VAL VAL A . n 
A 1 127 VAL 127 128 128 VAL VAL A . n 
A 1 128 PHE 128 129 129 PHE PHE A . n 
A 1 129 GLY 129 130 130 GLY GLY A . n 
A 1 130 LYS 130 131 131 LYS LYS A . n 
A 1 131 VAL 131 132 132 VAL VAL A . n 
A 1 132 LYS 132 133 133 LYS LYS A . n 
A 1 133 GLU 133 134 134 GLU GLU A . n 
A 1 134 GLY 134 135 135 GLY GLY A . n 
A 1 135 MET 135 136 136 MET MET A . n 
A 1 136 ASN 136 137 137 ASN ASN A . n 
A 1 137 ILE 137 138 138 ILE ILE A . n 
A 1 138 VAL 138 139 139 VAL VAL A . n 
A 1 139 GLU 139 140 140 GLU GLU A . n 
A 1 140 ALA 140 141 141 ALA ALA A . n 
A 1 141 MET 141 142 142 MET MET A . n 
A 1 142 GLU 142 143 143 GLU GLU A . n 
A 1 143 ARG 143 144 144 ARG ARG A . n 
A 1 144 PHE 144 145 145 PHE PHE A . n 
A 1 145 GLY 145 146 146 GLY GLY A . n 
A 1 146 SER 146 147 147 SER SER A . n 
A 1 147 ARG 147 148 148 ARG ARG A . n 
A 1 148 ASN 148 149 149 ASN ASN A . n 
A 1 149 GLY 149 150 150 GLY GLY A . n 
A 1 150 LYS 150 151 151 LYS LYS A . n 
A 1 151 THR 151 152 152 THR THR A . n 
A 1 152 SER 152 153 153 SER SER A . n 
A 1 153 LYS 153 154 154 LYS LYS A . n 
A 1 154 LYS 154 155 155 LYS LYS A . n 
A 1 155 ILE 155 156 156 ILE ILE A . n 
A 1 156 THR 156 157 157 THR THR A . n 
A 1 157 ILE 157 158 158 ILE ILE A . n 
A 1 158 ALA 158 159 159 ALA ALA A . n 
A 1 159 ASP 159 160 160 ASP ASP A . n 
A 1 160 CYS 160 161 161 CYS CYS A . n 
A 1 161 GLY 161 162 162 GLY GLY A . n 
A 1 162 GLN 162 163 163 GLN GLN A . n 
A 1 163 LEU 163 164 164 LEU LEU A . n 
A 1 164 GLU 164 165 165 GLU GLU A . n 
# 
loop_
_pdbx_nonpoly_scheme.asym_id 
_pdbx_nonpoly_scheme.entity_id 
_pdbx_nonpoly_scheme.mon_id 
_pdbx_nonpoly_scheme.ndb_seq_num 
_pdbx_nonpoly_scheme.pdb_seq_num 
_pdbx_nonpoly_scheme.auth_seq_num 
_pdbx_nonpoly_scheme.pdb_mon_id 
_pdbx_nonpoly_scheme.auth_mon_id 
_pdbx_nonpoly_scheme.pdb_strand_id 
_pdbx_nonpoly_scheme.pdb_ins_code 
B 2 ALA 1  201 201 ALA ALA A . 
C 3 PRO 1  202 202 PRO PRO A . 
D 4 HOH 1  203 166 HOH HOH A . 
D 4 HOH 2  204 167 HOH HOH A . 
D 4 HOH 3  205 168 HOH HOH A . 
D 4 HOH 4  206 169 HOH HOH A . 
D 4 HOH 5  207 170 HOH HOH A . 
D 4 HOH 6  208 171 HOH HOH A . 
D 4 HOH 7  209 172 HOH HOH A . 
D 4 HOH 8  210 173 HOH HOH A . 
D 4 HOH 9  211 174 HOH HOH A . 
D 4 HOH 10 212 175 HOH HOH A . 
D 4 HOH 11 213 176 HOH HOH A . 
D 4 HOH 12 214 177 HOH HOH A . 
D 4 HOH 13 215 178 HOH HOH A . 
D 4 HOH 14 216 179 HOH HOH A . 
D 4 HOH 15 217 180 HOH HOH A . 
D 4 HOH 16 218 181 HOH HOH A . 
D 4 HOH 17 219 182 HOH HOH A . 
D 4 HOH 18 220 183 HOH HOH A . 
D 4 HOH 19 221 184 HOH HOH A . 
D 4 HOH 20 222 185 HOH HOH A . 
D 4 HOH 21 223 186 HOH HOH A . 
D 4 HOH 22 224 187 HOH HOH A . 
D 4 HOH 23 225 188 HOH HOH A . 
D 4 HOH 24 226 189 HOH HOH A . 
D 4 HOH 25 227 190 HOH HOH A . 
D 4 HOH 26 228 191 HOH HOH A . 
D 4 HOH 27 229 192 HOH HOH A . 
D 4 HOH 28 230 193 HOH HOH A . 
D 4 HOH 29 231 194 HOH HOH A . 
D 4 HOH 30 232 195 HOH HOH A . 
D 4 HOH 31 233 196 HOH HOH A . 
D 4 HOH 32 234 197 HOH HOH A . 
D 4 HOH 33 235 198 HOH HOH A . 
D 4 HOH 34 236 199 HOH HOH A . 
D 4 HOH 35 237 200 HOH HOH A . 
D 4 HOH 36 238 201 HOH HOH A . 
D 4 HOH 37 239 202 HOH HOH A . 
D 4 HOH 38 240 203 HOH HOH A . 
D 4 HOH 39 241 204 HOH HOH A . 
D 4 HOH 40 242 205 HOH HOH A . 
D 4 HOH 41 243 206 HOH HOH A . 
D 4 HOH 42 244 207 HOH HOH A . 
D 4 HOH 43 245 208 HOH HOH A . 
D 4 HOH 44 246 209 HOH HOH A . 
D 4 HOH 45 247 210 HOH HOH A . 
D 4 HOH 46 248 211 HOH HOH A . 
D 4 HOH 47 249 212 HOH HOH A . 
D 4 HOH 48 250 213 HOH HOH A . 
D 4 HOH 49 251 214 HOH HOH A . 
D 4 HOH 50 252 215 HOH HOH A . 
D 4 HOH 51 253 216 HOH HOH A . 
D 4 HOH 52 254 217 HOH HOH A . 
D 4 HOH 53 255 218 HOH HOH A . 
D 4 HOH 54 256 219 HOH HOH A . 
D 4 HOH 55 257 220 HOH HOH A . 
D 4 HOH 56 258 221 HOH HOH A . 
D 4 HOH 57 259 222 HOH HOH A . 
D 4 HOH 58 260 223 HOH HOH A . 
D 4 HOH 59 261 224 HOH HOH A . 
D 4 HOH 60 262 225 HOH HOH A . 
D 4 HOH 61 263 226 HOH HOH A . 
D 4 HOH 62 264 227 HOH HOH A . 
D 4 HOH 63 265 228 HOH HOH A . 
D 4 HOH 64 266 229 HOH HOH A . 
D 4 HOH 65 267 230 HOH HOH A . 
D 4 HOH 66 268 231 HOH HOH A . 
D 4 HOH 67 269 232 HOH HOH A . 
D 4 HOH 68 270 233 HOH HOH A . 
D 4 HOH 69 271 234 HOH HOH A . 
D 4 HOH 70 272 235 HOH HOH A . 
D 4 HOH 71 273 236 HOH HOH A . 
D 4 HOH 72 274 237 HOH HOH A . 
D 4 HOH 73 275 238 HOH HOH A . 
D 4 HOH 74 276 239 HOH HOH A . 
D 4 HOH 75 277 240 HOH HOH A . 
D 4 HOH 76 278 241 HOH HOH A . 
D 4 HOH 77 279 242 HOH HOH A . 
D 4 HOH 78 280 243 HOH HOH A . 
D 4 HOH 79 281 244 HOH HOH A . 
D 4 HOH 80 282 245 HOH HOH A . 
D 4 HOH 81 283 246 HOH HOH A . 
D 4 HOH 82 284 247 HOH HOH A . 
D 4 HOH 83 285 248 HOH HOH A . 
D 4 HOH 84 286 249 HOH HOH A . 
D 4 HOH 85 287 16  HOH HOH A . 
D 4 HOH 86 288 33  HOH HOH A . 
D 4 HOH 87 289 84  HOH HOH A . 
# 
loop_
_software.name 
_software.classification 
_software.version 
_software.citation_id 
_software.pdbx_ordinal 
X-PLOR 'model building' . ? 1 
X-PLOR refinement       . ? 2 
RIGAKU 'data reduction' . ? 3 
RIGAKU 'data scaling'   . ? 4 
X-PLOR phasing          . ? 5 
# 
_cell.entry_id           2CYH 
_cell.length_a           40.700 
_cell.length_b           52.300 
_cell.length_c           90.400 
_cell.angle_alpha        90.00 
_cell.angle_beta         90.00 
_cell.angle_gamma        90.00 
_cell.Z_PDB              4 
_cell.pdbx_unique_axis   ? 
_cell.length_a_esd       ? 
_cell.length_b_esd       ? 
_cell.length_c_esd       ? 
_cell.angle_alpha_esd    ? 
_cell.angle_beta_esd     ? 
_cell.angle_gamma_esd    ? 
# 
_symmetry.entry_id                         2CYH 
_symmetry.space_group_name_H-M             'P 21 21 21' 
_symmetry.pdbx_full_space_group_name_H-M   ? 
_symmetry.cell_setting                     ? 
_symmetry.Int_Tables_number                19 
_symmetry.space_group_name_Hall            ? 
# 
_exptl.entry_id          2CYH 
_exptl.method            'X-RAY DIFFRACTION' 
_exptl.crystals_number   ? 
# 
_exptl_crystal.id                    1 
_exptl_crystal.density_meas          ? 
_exptl_crystal.density_Matthews      2.66 
_exptl_crystal.density_percent_sol   53.72 
_exptl_crystal.description           ? 
_exptl_crystal.F_000                 ? 
_exptl_crystal.preparation           ? 
# 
_diffrn.id                     1 
_diffrn.ambient_temp           ? 
_diffrn.ambient_temp_details   ? 
_diffrn.crystal_id             1 
# 
_diffrn_detector.diffrn_id              1 
_diffrn_detector.detector               'IMAGE PLATE' 
_diffrn_detector.type                   'RIGAKU RAXIS IIC' 
_diffrn_detector.pdbx_collection_date   ? 
_diffrn_detector.details                ? 
# 
_diffrn_radiation.diffrn_id                        1 
_diffrn_radiation.wavelength_id                    1 
_diffrn_radiation.pdbx_monochromatic_or_laue_m_l   M 
_diffrn_radiation.monochromator                    ? 
_diffrn_radiation.pdbx_diffrn_protocol             ? 
_diffrn_radiation.pdbx_scattering_type             x-ray 
# 
_diffrn_radiation_wavelength.id           1 
_diffrn_radiation_wavelength.wavelength   1.5418 
_diffrn_radiation_wavelength.wt           1.0 
# 
_diffrn_source.diffrn_id                   1 
_diffrn_source.source                      ? 
_diffrn_source.type                        ? 
_diffrn_source.pdbx_synchrotron_site       ? 
_diffrn_source.pdbx_synchrotron_beamline   ? 
_diffrn_source.pdbx_wavelength             1.5418 
_diffrn_source.pdbx_wavelength_list        ? 
# 
_reflns.entry_id                     2CYH 
_reflns.observed_criterion_sigma_I   ? 
_reflns.observed_criterion_sigma_F   ? 
_reflns.d_resolution_low             ? 
_reflns.d_resolution_high            1.64 
_reflns.number_obs                   21601 
_reflns.number_all                   ? 
_reflns.percent_possible_obs         89 
_reflns.pdbx_Rmerge_I_obs            0.0510000 
_reflns.pdbx_Rsym_value              ? 
_reflns.pdbx_netI_over_sigmaI        1 
_reflns.B_iso_Wilson_estimate        ? 
_reflns.pdbx_redundancy              2.6 
_reflns.R_free_details               ? 
_reflns.limit_h_max                  ? 
_reflns.limit_h_min                  ? 
_reflns.limit_k_max                  ? 
_reflns.limit_k_min                  ? 
_reflns.limit_l_max                  ? 
_reflns.limit_l_min                  ? 
_reflns.observed_criterion_F_max     ? 
_reflns.observed_criterion_F_min     ? 
_reflns.pdbx_chi_squared             ? 
_reflns.pdbx_scaling_rejects         ? 
_reflns.pdbx_diffrn_id               1 
_reflns.pdbx_ordinal                 1 
# 
_refine.entry_id                                 2CYH 
_refine.ls_number_reflns_obs                     21119 
_refine.ls_number_reflns_all                     ? 
_refine.pdbx_ls_sigma_I                          ? 
_refine.pdbx_ls_sigma_F                          2. 
_refine.pdbx_data_cutoff_high_absF               ? 
_refine.pdbx_data_cutoff_low_absF                ? 
_refine.pdbx_data_cutoff_high_rms_absF           ? 
_refine.ls_d_res_low                             6. 
_refine.ls_d_res_high                            1.64 
_refine.ls_percent_reflns_obs                    ? 
_refine.ls_R_factor_obs                          0.1850000 
_refine.ls_R_factor_all                          ? 
_refine.ls_R_factor_R_work                       0.1850000 
_refine.ls_R_factor_R_free                       ? 
_refine.ls_R_factor_R_free_error                 ? 
_refine.ls_R_factor_R_free_error_details         ? 
_refine.ls_percent_reflns_R_free                 ? 
_refine.ls_number_reflns_R_free                  ? 
_refine.ls_number_parameters                     ? 
_refine.ls_number_restraints                     ? 
_refine.occupancy_min                            ? 
_refine.occupancy_max                            ? 
_refine.B_iso_mean                               25.5 
_refine.aniso_B[1][1]                            ? 
_refine.aniso_B[2][2]                            ? 
_refine.aniso_B[3][3]                            ? 
_refine.aniso_B[1][2]                            ? 
_refine.aniso_B[1][3]                            ? 
_refine.aniso_B[2][3]                            ? 
_refine.solvent_model_details                    ? 
_refine.solvent_model_param_ksol                 ? 
_refine.solvent_model_param_bsol                 ? 
_refine.pdbx_ls_cross_valid_method               ? 
_refine.details                                  ? 
_refine.pdbx_starting_model                      ? 
_refine.pdbx_method_to_determine_struct          ? 
_refine.pdbx_isotropic_thermal_model             ? 
_refine.pdbx_stereochemistry_target_values       ? 
_refine.pdbx_stereochem_target_val_spec_case     ? 
_refine.pdbx_R_Free_selection_details            ? 
_refine.pdbx_overall_ESU_R                       ? 
_refine.pdbx_overall_ESU_R_Free                  ? 
_refine.overall_SU_ML                            ? 
_refine.overall_SU_B                             ? 
_refine.ls_redundancy_reflns_obs                 ? 
_refine.pdbx_overall_phase_error                 ? 
_refine.B_iso_min                                ? 
_refine.B_iso_max                                ? 
_refine.correlation_coeff_Fo_to_Fc               ? 
_refine.correlation_coeff_Fo_to_Fc_free          ? 
_refine.pdbx_solvent_vdw_probe_radii             ? 
_refine.pdbx_solvent_ion_probe_radii             ? 
_refine.pdbx_solvent_shrinkage_radii             ? 
_refine.overall_SU_R_Cruickshank_DPI             ? 
_refine.overall_SU_R_free                        ? 
_refine.ls_wR_factor_R_free                      ? 
_refine.ls_wR_factor_R_work                      ? 
_refine.overall_FOM_free_R_set                   ? 
_refine.overall_FOM_work_R_set                   ? 
_refine.pdbx_refine_id                           'X-RAY DIFFRACTION' 
_refine.pdbx_diffrn_id                           1 
_refine.pdbx_TLS_residual_ADP_flag               ? 
_refine.pdbx_overall_SU_R_free_Cruickshank_DPI   ? 
_refine.pdbx_overall_SU_R_Blow_DPI               ? 
_refine.pdbx_overall_SU_R_free_Blow_DPI          ? 
# 
_refine_hist.pdbx_refine_id                   'X-RAY DIFFRACTION' 
_refine_hist.cycle_id                         LAST 
_refine_hist.pdbx_number_atoms_protein        1544 
_refine_hist.pdbx_number_atoms_nucleic_acid   0 
_refine_hist.pdbx_number_atoms_ligand         16 
_refine_hist.number_atoms_solvent             261 
_refine_hist.number_atoms_total               1821 
_refine_hist.d_res_high                       1.64 
_refine_hist.d_res_low                        6. 
# 
loop_
_refine_ls_restr.type 
_refine_ls_restr.dev_ideal 
_refine_ls_restr.dev_ideal_target 
_refine_ls_restr.weight 
_refine_ls_restr.number 
_refine_ls_restr.pdbx_refine_id 
_refine_ls_restr.pdbx_restraint_function 
x_bond_d                0.013 ? ? ? 'X-RAY DIFFRACTION' ? 
x_bond_d_na             ?     ? ? ? 'X-RAY DIFFRACTION' ? 
x_bond_d_prot           ?     ? ? ? 'X-RAY DIFFRACTION' ? 
x_angle_d               ?     ? ? ? 'X-RAY DIFFRACTION' ? 
x_angle_d_na            ?     ? ? ? 'X-RAY DIFFRACTION' ? 
x_angle_d_prot          ?     ? ? ? 'X-RAY DIFFRACTION' ? 
x_angle_deg             2.56  ? ? ? 'X-RAY DIFFRACTION' ? 
x_angle_deg_na          ?     ? ? ? 'X-RAY DIFFRACTION' ? 
x_angle_deg_prot        ?     ? ? ? 'X-RAY DIFFRACTION' ? 
x_dihedral_angle_d      ?     ? ? ? 'X-RAY DIFFRACTION' ? 
x_dihedral_angle_d_na   ?     ? ? ? 'X-RAY DIFFRACTION' ? 
x_dihedral_angle_d_prot ?     ? ? ? 'X-RAY DIFFRACTION' ? 
x_improper_angle_d      ?     ? ? ? 'X-RAY DIFFRACTION' ? 
x_improper_angle_d_na   ?     ? ? ? 'X-RAY DIFFRACTION' ? 
x_improper_angle_d_prot ?     ? ? ? 'X-RAY DIFFRACTION' ? 
x_mcbond_it             ?     ? ? ? 'X-RAY DIFFRACTION' ? 
x_mcangle_it            ?     ? ? ? 'X-RAY DIFFRACTION' ? 
x_scbond_it             ?     ? ? ? 'X-RAY DIFFRACTION' ? 
x_scangle_it            ?     ? ? ? 'X-RAY DIFFRACTION' ? 
# 
_struct.entry_id                  2CYH 
_struct.title                     'CYCLOPHILIN A COMPLEXED WITH DIPEPTIDE ALA-PRO' 
_struct.pdbx_model_details        ? 
_struct.pdbx_CASP_flag            ? 
_struct.pdbx_model_type_details   ? 
# 
_struct_keywords.entry_id        2CYH 
_struct_keywords.pdbx_keywords   ISOMERASE 
_struct_keywords.text            'CYCLOPHILIN, BINDING PROTEIN FOR CYCLOSPORIN A, COMPLEX (ISOMERASE-DIPEPTIDE) COMPLEX, ISOMERASE' 
# 
loop_
_struct_asym.id 
_struct_asym.pdbx_blank_PDB_chainid_flag 
_struct_asym.pdbx_modified 
_struct_asym.entity_id 
_struct_asym.details 
A N N 1 ? 
B N N 2 ? 
C N N 3 ? 
D N N 4 ? 
# 
_struct_ref.id                         1 
_struct_ref.db_name                    UNP 
_struct_ref.db_code                    CYPH_HUMAN 
_struct_ref.entity_id                  1 
_struct_ref.pdbx_db_accession          P05092 
_struct_ref.pdbx_align_begin           1 
_struct_ref.pdbx_seq_one_letter_code   
;VNPTVFFDIAVDGEPLGRVSFELFADKVPKTAENFRALSTGEKGFGYKGSCFHRIIPGFMCQGGDFTRHNGTGGKSIYGE
KFEDENFILKHTGPGILSMANAGPNTNGSQFFICTAKTEWLDGKHVVFGKVKEGMNIVEAMERFGSRNGKTSKKITIADC
GQLE
;
_struct_ref.pdbx_db_isoform            ? 
# 
_struct_ref_seq.align_id                      1 
_struct_ref_seq.ref_id                        1 
_struct_ref_seq.pdbx_PDB_id_code              2CYH 
_struct_ref_seq.pdbx_strand_id                A 
_struct_ref_seq.seq_align_beg                 1 
_struct_ref_seq.pdbx_seq_align_beg_ins_code   ? 
_struct_ref_seq.seq_align_end                 164 
_struct_ref_seq.pdbx_seq_align_end_ins_code   ? 
_struct_ref_seq.pdbx_db_accession             P05092 
_struct_ref_seq.db_align_beg                  1 
_struct_ref_seq.pdbx_db_align_beg_ins_code    ? 
_struct_ref_seq.db_align_end                  164 
_struct_ref_seq.pdbx_db_align_end_ins_code    ? 
_struct_ref_seq.pdbx_auth_seq_align_beg       2 
_struct_ref_seq.pdbx_auth_seq_align_end       165 
# 
_pdbx_struct_assembly.id                   1 
_pdbx_struct_assembly.details              author_and_software_defined_assembly 
_pdbx_struct_assembly.method_details       PISA 
_pdbx_struct_assembly.oligomeric_details   monomeric 
_pdbx_struct_assembly.oligomeric_count     1 
# 
_pdbx_struct_assembly_gen.assembly_id       1 
_pdbx_struct_assembly_gen.oper_expression   1 
_pdbx_struct_assembly_gen.asym_id_list      A,B,C,D 
# 
_pdbx_struct_oper_list.id                   1 
_pdbx_struct_oper_list.type                 'identity operation' 
_pdbx_struct_oper_list.name                 1_555 
_pdbx_struct_oper_list.symmetry_operation   x,y,z 
_pdbx_struct_oper_list.matrix[1][1]         1.0000000000 
_pdbx_struct_oper_list.matrix[1][2]         0.0000000000 
_pdbx_struct_oper_list.matrix[1][3]         0.0000000000 
_pdbx_struct_oper_list.vector[1]            0.0000000000 
_pdbx_struct_oper_list.matrix[2][1]         0.0000000000 
_pdbx_struct_oper_list.matrix[2][2]         1.0000000000 
_pdbx_struct_oper_list.matrix[2][3]         0.0000000000 
_pdbx_struct_oper_list.vector[2]            0.0000000000 
_pdbx_struct_oper_list.matrix[3][1]         0.0000000000 
_pdbx_struct_oper_list.matrix[3][2]         0.0000000000 
_pdbx_struct_oper_list.matrix[3][3]         1.0000000000 
_pdbx_struct_oper_list.vector[3]            0.0000000000 
# 
_struct_biol.id        1 
_struct_biol.details   ? 
# 
loop_
_struct_conf.conf_type_id 
_struct_conf.id 
_struct_conf.pdbx_PDB_helix_id 
_struct_conf.beg_label_comp_id 
_struct_conf.beg_label_asym_id 
_struct_conf.beg_label_seq_id 
_struct_conf.pdbx_beg_PDB_ins_code 
_struct_conf.end_label_comp_id 
_struct_conf.end_label_asym_id 
_struct_conf.end_label_seq_id 
_struct_conf.pdbx_end_PDB_ins_code 
_struct_conf.beg_auth_comp_id 
_struct_conf.beg_auth_asym_id 
_struct_conf.beg_auth_seq_id 
_struct_conf.end_auth_comp_id 
_struct_conf.end_auth_asym_id 
_struct_conf.end_auth_seq_id 
_struct_conf.pdbx_PDB_helix_class 
_struct_conf.details 
_struct_conf.pdbx_PDB_helix_length 
HELX_P HELX_P1 H1 PHE A 24  ? VAL A 28  ? PHE A 25  VAL A 29  5 ? 5  
HELX_P HELX_P2 H2 PRO A 29  ? THR A 40  ? PRO A 30  THR A 41  1 ? 12 
HELX_P HELX_P3 H3 THR A 118 ? ASP A 122 ? THR A 119 ASP A 123 5 ? 5  
HELX_P HELX_P4 H4 GLY A 134 ? MET A 141 ? GLY A 135 MET A 142 1 ? 8  
HELX_P HELX_P5 H5 GLU A 142 ? GLY A 145 ? GLU A 143 GLY A 146 5 ? 4  
# 
_struct_conf_type.id          HELX_P 
_struct_conf_type.criteria    ? 
_struct_conf_type.reference   ? 
# 
_struct_conn.id                            covale1 
_struct_conn.conn_type_id                  covale 
_struct_conn.pdbx_leaving_atom_flag        both 
_struct_conn.pdbx_PDB_id                   ? 
_struct_conn.ptnr1_label_asym_id           B 
_struct_conn.ptnr1_label_comp_id           ALA 
_struct_conn.ptnr1_label_seq_id            . 
_struct_conn.ptnr1_label_atom_id           C 
_struct_conn.pdbx_ptnr1_label_alt_id       ? 
_struct_conn.pdbx_ptnr1_PDB_ins_code       ? 
_struct_conn.pdbx_ptnr1_standard_comp_id   ? 
_struct_conn.ptnr1_symmetry                1_555 
_struct_conn.ptnr2_label_asym_id           C 
_struct_conn.ptnr2_label_comp_id           PRO 
_struct_conn.ptnr2_label_seq_id            . 
_struct_conn.ptnr2_label_atom_id           N 
_struct_conn.pdbx_ptnr2_label_alt_id       ? 
_struct_conn.pdbx_ptnr2_PDB_ins_code       ? 
_struct_conn.ptnr1_auth_asym_id            A 
_struct_conn.ptnr1_auth_comp_id            ALA 
_struct_conn.ptnr1_auth_seq_id             201 
_struct_conn.ptnr2_auth_asym_id            A 
_struct_conn.ptnr2_auth_comp_id            PRO 
_struct_conn.ptnr2_auth_seq_id             202 
_struct_conn.ptnr2_symmetry                1_555 
_struct_conn.pdbx_ptnr3_label_atom_id      ? 
_struct_conn.pdbx_ptnr3_label_seq_id       ? 
_struct_conn.pdbx_ptnr3_label_comp_id      ? 
_struct_conn.pdbx_ptnr3_label_asym_id      ? 
_struct_conn.pdbx_ptnr3_label_alt_id       ? 
_struct_conn.pdbx_ptnr3_PDB_ins_code       ? 
_struct_conn.details                       ? 
_struct_conn.pdbx_dist_value               1.346 
_struct_conn.pdbx_value_order              ? 
_struct_conn.pdbx_role                     ? 
# 
_struct_conn_type.id          covale 
_struct_conn_type.criteria    ? 
_struct_conn_type.reference   ? 
# 
_struct_sheet.id               A 
_struct_sheet.type             ? 
_struct_sheet.number_strands   8 
_struct_sheet.details          ? 
# 
loop_
_struct_sheet_order.sheet_id 
_struct_sheet_order.range_id_1 
_struct_sheet_order.range_id_2 
_struct_sheet_order.offset 
_struct_sheet_order.sense 
A 1 2 ? anti-parallel 
A 2 3 ? anti-parallel 
A 3 4 ? anti-parallel 
A 4 5 ? anti-parallel 
A 5 6 ? anti-parallel 
A 6 7 ? anti-parallel 
A 7 8 ? anti-parallel 
# 
loop_
_struct_sheet_range.sheet_id 
_struct_sheet_range.id 
_struct_sheet_range.beg_label_comp_id 
_struct_sheet_range.beg_label_asym_id 
_struct_sheet_range.beg_label_seq_id 
_struct_sheet_range.pdbx_beg_PDB_ins_code 
_struct_sheet_range.end_label_comp_id 
_struct_sheet_range.end_label_asym_id 
_struct_sheet_range.end_label_seq_id 
_struct_sheet_range.pdbx_end_PDB_ins_code 
_struct_sheet_range.beg_auth_comp_id 
_struct_sheet_range.beg_auth_asym_id 
_struct_sheet_range.beg_auth_seq_id 
_struct_sheet_range.end_auth_comp_id 
_struct_sheet_range.end_auth_asym_id 
_struct_sheet_range.end_auth_seq_id 
A 1 ILE A 155 ? GLN A 162 ? ILE A 156 GLN A 163 
A 2 THR A 4   ? VAL A 11  ? THR A 5   VAL A 12  
A 3 GLU A 14  ? LEU A 23  ? GLU A 15  LEU A 24  
A 4 VAL A 127 ? GLU A 133 ? VAL A 128 GLU A 134 
A 5 ILE A 96  ? MET A 99  ? ILE A 97  MET A 100 
A 6 PHE A 111 ? CYS A 114 ? PHE A 112 CYS A 115 
A 7 MET A 60  ? GLY A 63  ? MET A 61  GLY A 64  
A 8 PHE A 52  ? ILE A 56  ? PHE A 53  ILE A 57  
# 
loop_
_pdbx_struct_sheet_hbond.sheet_id 
_pdbx_struct_sheet_hbond.range_id_1 
_pdbx_struct_sheet_hbond.range_id_2 
_pdbx_struct_sheet_hbond.range_1_label_atom_id 
_pdbx_struct_sheet_hbond.range_1_label_comp_id 
_pdbx_struct_sheet_hbond.range_1_label_asym_id 
_pdbx_struct_sheet_hbond.range_1_label_seq_id 
_pdbx_struct_sheet_hbond.range_1_PDB_ins_code 
_pdbx_struct_sheet_hbond.range_1_auth_atom_id 
_pdbx_struct_sheet_hbond.range_1_auth_comp_id 
_pdbx_struct_sheet_hbond.range_1_auth_asym_id 
_pdbx_struct_sheet_hbond.range_1_auth_seq_id 
_pdbx_struct_sheet_hbond.range_2_label_atom_id 
_pdbx_struct_sheet_hbond.range_2_label_comp_id 
_pdbx_struct_sheet_hbond.range_2_label_asym_id 
_pdbx_struct_sheet_hbond.range_2_label_seq_id 
_pdbx_struct_sheet_hbond.range_2_PDB_ins_code 
_pdbx_struct_sheet_hbond.range_2_auth_atom_id 
_pdbx_struct_sheet_hbond.range_2_auth_comp_id 
_pdbx_struct_sheet_hbond.range_2_auth_asym_id 
_pdbx_struct_sheet_hbond.range_2_auth_seq_id 
A 1 2 O THR A 156 ? O THR A 157 N ALA A 10  ? N ALA A 11  
A 2 3 O VAL A 5   ? O VAL A 6   N PHE A 21  ? N PHE A 22  
A 3 4 O SER A 20  ? O SER A 21  N GLU A 133 ? N GLU A 134 
A 4 5 O PHE A 128 ? O PHE A 129 N LEU A 97  ? N LEU A 98  
A 5 6 O SER A 98  ? O SER A 99  N PHE A 112 ? N PHE A 113 
A 6 7 O PHE A 111 ? O PHE A 112 N GLY A 63  ? N GLY A 64  
A 7 8 O MET A 60  ? O MET A 61  N ILE A 56  ? N ILE A 57  
# 
loop_
_struct_site.id 
_struct_site.pdbx_evidence_code 
_struct_site.pdbx_auth_asym_id 
_struct_site.pdbx_auth_comp_id 
_struct_site.pdbx_auth_seq_id 
_struct_site.pdbx_auth_ins_code 
_struct_site.pdbx_num_residues 
_struct_site.details 
AC1 Software A ALA 201 ? 5 'BINDING SITE FOR RESIDUE ALA A 201' 
AC2 Software A PRO 202 ? 7 'BINDING SITE FOR RESIDUE PRO A 202' 
# 
loop_
_struct_site_gen.id 
_struct_site_gen.site_id 
_struct_site_gen.pdbx_num_res 
_struct_site_gen.label_comp_id 
_struct_site_gen.label_asym_id 
_struct_site_gen.label_seq_id 
_struct_site_gen.pdbx_auth_ins_code 
_struct_site_gen.auth_comp_id 
_struct_site_gen.auth_asym_id 
_struct_site_gen.auth_seq_id 
_struct_site_gen.label_atom_id 
_struct_site_gen.label_alt_id 
_struct_site_gen.symmetry 
_struct_site_gen.details 
1  AC1 5 ALA A 100 ? ALA A 101 . ? 1_555 ? 
2  AC1 5 ASN A 101 ? ASN A 102 . ? 1_555 ? 
3  AC1 5 HIS A 125 ? HIS A 126 . ? 1_555 ? 
4  AC1 5 PRO C .   ? PRO A 202 . ? 1_555 ? 
5  AC1 5 HOH D .   ? HOH A 288 . ? 1_555 ? 
6  AC2 7 ARG A 54  ? ARG A 55  . ? 1_555 ? 
7  AC2 7 GLN A 62  ? GLN A 63  . ? 1_555 ? 
8  AC2 7 PHE A 112 ? PHE A 113 . ? 1_555 ? 
9  AC2 7 HIS A 125 ? HIS A 126 . ? 1_555 ? 
10 AC2 7 ALA B .   ? ALA A 201 . ? 1_555 ? 
11 AC2 7 HOH D .   ? HOH A 287 . ? 1_555 ? 
12 AC2 7 HOH D .   ? HOH A 288 . ? 1_555 ? 
# 
loop_
_pdbx_validate_rmsd_bond.id 
_pdbx_validate_rmsd_bond.PDB_model_num 
_pdbx_validate_rmsd_bond.auth_atom_id_1 
_pdbx_validate_rmsd_bond.auth_asym_id_1 
_pdbx_validate_rmsd_bond.auth_comp_id_1 
_pdbx_validate_rmsd_bond.auth_seq_id_1 
_pdbx_validate_rmsd_bond.PDB_ins_code_1 
_pdbx_validate_rmsd_bond.label_alt_id_1 
_pdbx_validate_rmsd_bond.auth_atom_id_2 
_pdbx_validate_rmsd_bond.auth_asym_id_2 
_pdbx_validate_rmsd_bond.auth_comp_id_2 
_pdbx_validate_rmsd_bond.auth_seq_id_2 
_pdbx_validate_rmsd_bond.PDB_ins_code_2 
_pdbx_validate_rmsd_bond.label_alt_id_2 
_pdbx_validate_rmsd_bond.bond_value 
_pdbx_validate_rmsd_bond.bond_target_value 
_pdbx_validate_rmsd_bond.bond_deviation 
_pdbx_validate_rmsd_bond.bond_standard_deviation 
_pdbx_validate_rmsd_bond.linker_flag 
1 1 NE2 A HIS 70  ? ? CD2 A HIS 70  ? ? 1.296 1.373 -0.077 0.011 N 
2 1 NE2 A HIS 126 ? ? CD2 A HIS 126 ? ? 1.307 1.373 -0.066 0.011 N 
# 
loop_
_pdbx_validate_rmsd_angle.id 
_pdbx_validate_rmsd_angle.PDB_model_num 
_pdbx_validate_rmsd_angle.auth_atom_id_1 
_pdbx_validate_rmsd_angle.auth_asym_id_1 
_pdbx_validate_rmsd_angle.auth_comp_id_1 
_pdbx_validate_rmsd_angle.auth_seq_id_1 
_pdbx_validate_rmsd_angle.PDB_ins_code_1 
_pdbx_validate_rmsd_angle.label_alt_id_1 
_pdbx_validate_rmsd_angle.auth_atom_id_2 
_pdbx_validate_rmsd_angle.auth_asym_id_2 
_pdbx_validate_rmsd_angle.auth_comp_id_2 
_pdbx_validate_rmsd_angle.auth_seq_id_2 
_pdbx_validate_rmsd_angle.PDB_ins_code_2 
_pdbx_validate_rmsd_angle.label_alt_id_2 
_pdbx_validate_rmsd_angle.auth_atom_id_3 
_pdbx_validate_rmsd_angle.auth_asym_id_3 
_pdbx_validate_rmsd_angle.auth_comp_id_3 
_pdbx_validate_rmsd_angle.auth_seq_id_3 
_pdbx_validate_rmsd_angle.PDB_ins_code_3 
_pdbx_validate_rmsd_angle.label_alt_id_3 
_pdbx_validate_rmsd_angle.angle_value 
_pdbx_validate_rmsd_angle.angle_target_value 
_pdbx_validate_rmsd_angle.angle_deviation 
_pdbx_validate_rmsd_angle.angle_standard_deviation 
_pdbx_validate_rmsd_angle.linker_flag 
1 1 NE  A ARG 19  ? ? CZ  A ARG 19  ? ? NH2 A ARG 19  ? ? 115.09 120.30 -5.21 0.50 N 
2 1 CD1 A TRP 121 ? ? CG  A TRP 121 ? ? CD2 A TRP 121 ? ? 112.55 106.30 6.25  0.80 N 
3 1 CE2 A TRP 121 ? ? CD2 A TRP 121 ? ? CG  A TRP 121 ? ? 101.70 107.30 -5.60 0.80 N 
# 
_pdbx_validate_torsion.id              1 
_pdbx_validate_torsion.PDB_model_num   1 
_pdbx_validate_torsion.auth_comp_id    PHE 
_pdbx_validate_torsion.auth_asym_id    A 
_pdbx_validate_torsion.auth_seq_id     60 
_pdbx_validate_torsion.PDB_ins_code    ? 
_pdbx_validate_torsion.label_alt_id    ? 
_pdbx_validate_torsion.phi             -124.98 
_pdbx_validate_torsion.psi             -70.19 
# 
_pdbx_entry_details.entry_id                 2CYH 
_pdbx_entry_details.nonpolymer_details       'THE RESIDUES 201 AND 202 REPRESENT A DIPEPTIDE BOUND TO CYCLOPHILIN A' 
_pdbx_entry_details.compound_details         ? 
_pdbx_entry_details.source_details           ? 
_pdbx_entry_details.sequence_details         ? 
_pdbx_entry_details.has_ligand_of_interest   ? 
# 
loop_
_chem_comp_atom.comp_id 
_chem_comp_atom.atom_id 
_chem_comp_atom.type_symbol 
_chem_comp_atom.pdbx_aromatic_flag 
_chem_comp_atom.pdbx_stereo_config 
_chem_comp_atom.pdbx_ordinal 
ALA N    N N N 1   
ALA CA   C N S 2   
ALA C    C N N 3   
ALA O    O N N 4   
ALA CB   C N N 5   
ALA OXT  O N N 6   
ALA H    H N N 7   
ALA H2   H N N 8   
ALA HA   H N N 9   
ALA HB1  H N N 10  
ALA HB2  H N N 11  
ALA HB3  H N N 12  
ALA HXT  H N N 13  
ARG N    N N N 14  
ARG CA   C N S 15  
ARG C    C N N 16  
ARG O    O N N 17  
ARG CB   C N N 18  
ARG CG   C N N 19  
ARG CD   C N N 20  
ARG NE   N N N 21  
ARG CZ   C N N 22  
ARG NH1  N N N 23  
ARG NH2  N N N 24  
ARG OXT  O N N 25  
ARG H    H N N 26  
ARG H2   H N N 27  
ARG HA   H N N 28  
ARG HB2  H N N 29  
ARG HB3  H N N 30  
ARG HG2  H N N 31  
ARG HG3  H N N 32  
ARG HD2  H N N 33  
ARG HD3  H N N 34  
ARG HE   H N N 35  
ARG HH11 H N N 36  
ARG HH12 H N N 37  
ARG HH21 H N N 38  
ARG HH22 H N N 39  
ARG HXT  H N N 40  
ASN N    N N N 41  
ASN CA   C N S 42  
ASN C    C N N 43  
ASN O    O N N 44  
ASN CB   C N N 45  
ASN CG   C N N 46  
ASN OD1  O N N 47  
ASN ND2  N N N 48  
ASN OXT  O N N 49  
ASN H    H N N 50  
ASN H2   H N N 51  
ASN HA   H N N 52  
ASN HB2  H N N 53  
ASN HB3  H N N 54  
ASN HD21 H N N 55  
ASN HD22 H N N 56  
ASN HXT  H N N 57  
ASP N    N N N 58  
ASP CA   C N S 59  
ASP C    C N N 60  
ASP O    O N N 61  
ASP CB   C N N 62  
ASP CG   C N N 63  
ASP OD1  O N N 64  
ASP OD2  O N N 65  
ASP OXT  O N N 66  
ASP H    H N N 67  
ASP H2   H N N 68  
ASP HA   H N N 69  
ASP HB2  H N N 70  
ASP HB3  H N N 71  
ASP HD2  H N N 72  
ASP HXT  H N N 73  
CYS N    N N N 74  
CYS CA   C N R 75  
CYS C    C N N 76  
CYS O    O N N 77  
CYS CB   C N N 78  
CYS SG   S N N 79  
CYS OXT  O N N 80  
CYS H    H N N 81  
CYS H2   H N N 82  
CYS HA   H N N 83  
CYS HB2  H N N 84  
CYS HB3  H N N 85  
CYS HG   H N N 86  
CYS HXT  H N N 87  
GLN N    N N N 88  
GLN CA   C N S 89  
GLN C    C N N 90  
GLN O    O N N 91  
GLN CB   C N N 92  
GLN CG   C N N 93  
GLN CD   C N N 94  
GLN OE1  O N N 95  
GLN NE2  N N N 96  
GLN OXT  O N N 97  
GLN H    H N N 98  
GLN H2   H N N 99  
GLN HA   H N N 100 
GLN HB2  H N N 101 
GLN HB3  H N N 102 
GLN HG2  H N N 103 
GLN HG3  H N N 104 
GLN HE21 H N N 105 
GLN HE22 H N N 106 
GLN HXT  H N N 107 
GLU N    N N N 108 
GLU CA   C N S 109 
GLU C    C N N 110 
GLU O    O N N 111 
GLU CB   C N N 112 
GLU CG   C N N 113 
GLU CD   C N N 114 
GLU OE1  O N N 115 
GLU OE2  O N N 116 
GLU OXT  O N N 117 
GLU H    H N N 118 
GLU H2   H N N 119 
GLU HA   H N N 120 
GLU HB2  H N N 121 
GLU HB3  H N N 122 
GLU HG2  H N N 123 
GLU HG3  H N N 124 
GLU HE2  H N N 125 
GLU HXT  H N N 126 
GLY N    N N N 127 
GLY CA   C N N 128 
GLY C    C N N 129 
GLY O    O N N 130 
GLY OXT  O N N 131 
GLY H    H N N 132 
GLY H2   H N N 133 
GLY HA2  H N N 134 
GLY HA3  H N N 135 
GLY HXT  H N N 136 
HIS N    N N N 137 
HIS CA   C N S 138 
HIS C    C N N 139 
HIS O    O N N 140 
HIS CB   C N N 141 
HIS CG   C Y N 142 
HIS ND1  N Y N 143 
HIS CD2  C Y N 144 
HIS CE1  C Y N 145 
HIS NE2  N Y N 146 
HIS OXT  O N N 147 
HIS H    H N N 148 
HIS H2   H N N 149 
HIS HA   H N N 150 
HIS HB2  H N N 151 
HIS HB3  H N N 152 
HIS HD1  H N N 153 
HIS HD2  H N N 154 
HIS HE1  H N N 155 
HIS HE2  H N N 156 
HIS HXT  H N N 157 
HOH O    O N N 158 
HOH H1   H N N 159 
HOH H2   H N N 160 
ILE N    N N N 161 
ILE CA   C N S 162 
ILE C    C N N 163 
ILE O    O N N 164 
ILE CB   C N S 165 
ILE CG1  C N N 166 
ILE CG2  C N N 167 
ILE CD1  C N N 168 
ILE OXT  O N N 169 
ILE H    H N N 170 
ILE H2   H N N 171 
ILE HA   H N N 172 
ILE HB   H N N 173 
ILE HG12 H N N 174 
ILE HG13 H N N 175 
ILE HG21 H N N 176 
ILE HG22 H N N 177 
ILE HG23 H N N 178 
ILE HD11 H N N 179 
ILE HD12 H N N 180 
ILE HD13 H N N 181 
ILE HXT  H N N 182 
LEU N    N N N 183 
LEU CA   C N S 184 
LEU C    C N N 185 
LEU O    O N N 186 
LEU CB   C N N 187 
LEU CG   C N N 188 
LEU CD1  C N N 189 
LEU CD2  C N N 190 
LEU OXT  O N N 191 
LEU H    H N N 192 
LEU H2   H N N 193 
LEU HA   H N N 194 
LEU HB2  H N N 195 
LEU HB3  H N N 196 
LEU HG   H N N 197 
LEU HD11 H N N 198 
LEU HD12 H N N 199 
LEU HD13 H N N 200 
LEU HD21 H N N 201 
LEU HD22 H N N 202 
LEU HD23 H N N 203 
LEU HXT  H N N 204 
LYS N    N N N 205 
LYS CA   C N S 206 
LYS C    C N N 207 
LYS O    O N N 208 
LYS CB   C N N 209 
LYS CG   C N N 210 
LYS CD   C N N 211 
LYS CE   C N N 212 
LYS NZ   N N N 213 
LYS OXT  O N N 214 
LYS H    H N N 215 
LYS H2   H N N 216 
LYS HA   H N N 217 
LYS HB2  H N N 218 
LYS HB3  H N N 219 
LYS HG2  H N N 220 
LYS HG3  H N N 221 
LYS HD2  H N N 222 
LYS HD3  H N N 223 
LYS HE2  H N N 224 
LYS HE3  H N N 225 
LYS HZ1  H N N 226 
LYS HZ2  H N N 227 
LYS HZ3  H N N 228 
LYS HXT  H N N 229 
MET N    N N N 230 
MET CA   C N S 231 
MET C    C N N 232 
MET O    O N N 233 
MET CB   C N N 234 
MET CG   C N N 235 
MET SD   S N N 236 
MET CE   C N N 237 
MET OXT  O N N 238 
MET H    H N N 239 
MET H2   H N N 240 
MET HA   H N N 241 
MET HB2  H N N 242 
MET HB3  H N N 243 
MET HG2  H N N 244 
MET HG3  H N N 245 
MET HE1  H N N 246 
MET HE2  H N N 247 
MET HE3  H N N 248 
MET HXT  H N N 249 
PHE N    N N N 250 
PHE CA   C N S 251 
PHE C    C N N 252 
PHE O    O N N 253 
PHE CB   C N N 254 
PHE CG   C Y N 255 
PHE CD1  C Y N 256 
PHE CD2  C Y N 257 
PHE CE1  C Y N 258 
PHE CE2  C Y N 259 
PHE CZ   C Y N 260 
PHE OXT  O N N 261 
PHE H    H N N 262 
PHE H2   H N N 263 
PHE HA   H N N 264 
PHE HB2  H N N 265 
PHE HB3  H N N 266 
PHE HD1  H N N 267 
PHE HD2  H N N 268 
PHE HE1  H N N 269 
PHE HE2  H N N 270 
PHE HZ   H N N 271 
PHE HXT  H N N 272 
PRO N    N N N 273 
PRO CA   C N S 274 
PRO C    C N N 275 
PRO O    O N N 276 
PRO CB   C N N 277 
PRO CG   C N N 278 
PRO CD   C N N 279 
PRO OXT  O N N 280 
PRO H    H N N 281 
PRO HA   H N N 282 
PRO HB2  H N N 283 
PRO HB3  H N N 284 
PRO HG2  H N N 285 
PRO HG3  H N N 286 
PRO HD2  H N N 287 
PRO HD3  H N N 288 
PRO HXT  H N N 289 
SER N    N N N 290 
SER CA   C N S 291 
SER C    C N N 292 
SER O    O N N 293 
SER CB   C N N 294 
SER OG   O N N 295 
SER OXT  O N N 296 
SER H    H N N 297 
SER H2   H N N 298 
SER HA   H N N 299 
SER HB2  H N N 300 
SER HB3  H N N 301 
SER HG   H N N 302 
SER HXT  H N N 303 
THR N    N N N 304 
THR CA   C N S 305 
THR C    C N N 306 
THR O    O N N 307 
THR CB   C N R 308 
THR OG1  O N N 309 
THR CG2  C N N 310 
THR OXT  O N N 311 
THR H    H N N 312 
THR H2   H N N 313 
THR HA   H N N 314 
THR HB   H N N 315 
THR HG1  H N N 316 
THR HG21 H N N 317 
THR HG22 H N N 318 
THR HG23 H N N 319 
THR HXT  H N N 320 
TRP N    N N N 321 
TRP CA   C N S 322 
TRP C    C N N 323 
TRP O    O N N 324 
TRP CB   C N N 325 
TRP CG   C Y N 326 
TRP CD1  C Y N 327 
TRP CD2  C Y N 328 
TRP NE1  N Y N 329 
TRP CE2  C Y N 330 
TRP CE3  C Y N 331 
TRP CZ2  C Y N 332 
TRP CZ3  C Y N 333 
TRP CH2  C Y N 334 
TRP OXT  O N N 335 
TRP H    H N N 336 
TRP H2   H N N 337 
TRP HA   H N N 338 
TRP HB2  H N N 339 
TRP HB3  H N N 340 
TRP HD1  H N N 341 
TRP HE1  H N N 342 
TRP HE3  H N N 343 
TRP HZ2  H N N 344 
TRP HZ3  H N N 345 
TRP HH2  H N N 346 
TRP HXT  H N N 347 
TYR N    N N N 348 
TYR CA   C N S 349 
TYR C    C N N 350 
TYR O    O N N 351 
TYR CB   C N N 352 
TYR CG   C Y N 353 
TYR CD1  C Y N 354 
TYR CD2  C Y N 355 
TYR CE1  C Y N 356 
TYR CE2  C Y N 357 
TYR CZ   C Y N 358 
TYR OH   O N N 359 
TYR OXT  O N N 360 
TYR H    H N N 361 
TYR H2   H N N 362 
TYR HA   H N N 363 
TYR HB2  H N N 364 
TYR HB3  H N N 365 
TYR HD1  H N N 366 
TYR HD2  H N N 367 
TYR HE1  H N N 368 
TYR HE2  H N N 369 
TYR HH   H N N 370 
TYR HXT  H N N 371 
VAL N    N N N 372 
VAL CA   C N S 373 
VAL C    C N N 374 
VAL O    O N N 375 
VAL CB   C N N 376 
VAL CG1  C N N 377 
VAL CG2  C N N 378 
VAL OXT  O N N 379 
VAL H    H N N 380 
VAL H2   H N N 381 
VAL HA   H N N 382 
VAL HB   H N N 383 
VAL HG11 H N N 384 
VAL HG12 H N N 385 
VAL HG13 H N N 386 
VAL HG21 H N N 387 
VAL HG22 H N N 388 
VAL HG23 H N N 389 
VAL HXT  H N N 390 
# 
loop_
_chem_comp_bond.comp_id 
_chem_comp_bond.atom_id_1 
_chem_comp_bond.atom_id_2 
_chem_comp_bond.value_order 
_chem_comp_bond.pdbx_aromatic_flag 
_chem_comp_bond.pdbx_stereo_config 
_chem_comp_bond.pdbx_ordinal 
ALA N   CA   sing N N 1   
ALA N   H    sing N N 2   
ALA N   H2   sing N N 3   
ALA CA  C    sing N N 4   
ALA CA  CB   sing N N 5   
ALA CA  HA   sing N N 6   
ALA C   O    doub N N 7   
ALA C   OXT  sing N N 8   
ALA CB  HB1  sing N N 9   
ALA CB  HB2  sing N N 10  
ALA CB  HB3  sing N N 11  
ALA OXT HXT  sing N N 12  
ARG N   CA   sing N N 13  
ARG N   H    sing N N 14  
ARG N   H2   sing N N 15  
ARG CA  C    sing N N 16  
ARG CA  CB   sing N N 17  
ARG CA  HA   sing N N 18  
ARG C   O    doub N N 19  
ARG C   OXT  sing N N 20  
ARG CB  CG   sing N N 21  
ARG CB  HB2  sing N N 22  
ARG CB  HB3  sing N N 23  
ARG CG  CD   sing N N 24  
ARG CG  HG2  sing N N 25  
ARG CG  HG3  sing N N 26  
ARG CD  NE   sing N N 27  
ARG CD  HD2  sing N N 28  
ARG CD  HD3  sing N N 29  
ARG NE  CZ   sing N N 30  
ARG NE  HE   sing N N 31  
ARG CZ  NH1  sing N N 32  
ARG CZ  NH2  doub N N 33  
ARG NH1 HH11 sing N N 34  
ARG NH1 HH12 sing N N 35  
ARG NH2 HH21 sing N N 36  
ARG NH2 HH22 sing N N 37  
ARG OXT HXT  sing N N 38  
ASN N   CA   sing N N 39  
ASN N   H    sing N N 40  
ASN N   H2   sing N N 41  
ASN CA  C    sing N N 42  
ASN CA  CB   sing N N 43  
ASN CA  HA   sing N N 44  
ASN C   O    doub N N 45  
ASN C   OXT  sing N N 46  
ASN CB  CG   sing N N 47  
ASN CB  HB2  sing N N 48  
ASN CB  HB3  sing N N 49  
ASN CG  OD1  doub N N 50  
ASN CG  ND2  sing N N 51  
ASN ND2 HD21 sing N N 52  
ASN ND2 HD22 sing N N 53  
ASN OXT HXT  sing N N 54  
ASP N   CA   sing N N 55  
ASP N   H    sing N N 56  
ASP N   H2   sing N N 57  
ASP CA  C    sing N N 58  
ASP CA  CB   sing N N 59  
ASP CA  HA   sing N N 60  
ASP C   O    doub N N 61  
ASP C   OXT  sing N N 62  
ASP CB  CG   sing N N 63  
ASP CB  HB2  sing N N 64  
ASP CB  HB3  sing N N 65  
ASP CG  OD1  doub N N 66  
ASP CG  OD2  sing N N 67  
ASP OD2 HD2  sing N N 68  
ASP OXT HXT  sing N N 69  
CYS N   CA   sing N N 70  
CYS N   H    sing N N 71  
CYS N   H2   sing N N 72  
CYS CA  C    sing N N 73  
CYS CA  CB   sing N N 74  
CYS CA  HA   sing N N 75  
CYS C   O    doub N N 76  
CYS C   OXT  sing N N 77  
CYS CB  SG   sing N N 78  
CYS CB  HB2  sing N N 79  
CYS CB  HB3  sing N N 80  
CYS SG  HG   sing N N 81  
CYS OXT HXT  sing N N 82  
GLN N   CA   sing N N 83  
GLN N   H    sing N N 84  
GLN N   H2   sing N N 85  
GLN CA  C    sing N N 86  
GLN CA  CB   sing N N 87  
GLN CA  HA   sing N N 88  
GLN C   O    doub N N 89  
GLN C   OXT  sing N N 90  
GLN CB  CG   sing N N 91  
GLN CB  HB2  sing N N 92  
GLN CB  HB3  sing N N 93  
GLN CG  CD   sing N N 94  
GLN CG  HG2  sing N N 95  
GLN CG  HG3  sing N N 96  
GLN CD  OE1  doub N N 97  
GLN CD  NE2  sing N N 98  
GLN NE2 HE21 sing N N 99  
GLN NE2 HE22 sing N N 100 
GLN OXT HXT  sing N N 101 
GLU N   CA   sing N N 102 
GLU N   H    sing N N 103 
GLU N   H2   sing N N 104 
GLU CA  C    sing N N 105 
GLU CA  CB   sing N N 106 
GLU CA  HA   sing N N 107 
GLU C   O    doub N N 108 
GLU C   OXT  sing N N 109 
GLU CB  CG   sing N N 110 
GLU CB  HB2  sing N N 111 
GLU CB  HB3  sing N N 112 
GLU CG  CD   sing N N 113 
GLU CG  HG2  sing N N 114 
GLU CG  HG3  sing N N 115 
GLU CD  OE1  doub N N 116 
GLU CD  OE2  sing N N 117 
GLU OE2 HE2  sing N N 118 
GLU OXT HXT  sing N N 119 
GLY N   CA   sing N N 120 
GLY N   H    sing N N 121 
GLY N   H2   sing N N 122 
GLY CA  C    sing N N 123 
GLY CA  HA2  sing N N 124 
GLY CA  HA3  sing N N 125 
GLY C   O    doub N N 126 
GLY C   OXT  sing N N 127 
GLY OXT HXT  sing N N 128 
HIS N   CA   sing N N 129 
HIS N   H    sing N N 130 
HIS N   H2   sing N N 131 
HIS CA  C    sing N N 132 
HIS CA  CB   sing N N 133 
HIS CA  HA   sing N N 134 
HIS C   O    doub N N 135 
HIS C   OXT  sing N N 136 
HIS CB  CG   sing N N 137 
HIS CB  HB2  sing N N 138 
HIS CB  HB3  sing N N 139 
HIS CG  ND1  sing Y N 140 
HIS CG  CD2  doub Y N 141 
HIS ND1 CE1  doub Y N 142 
HIS ND1 HD1  sing N N 143 
HIS CD2 NE2  sing Y N 144 
HIS CD2 HD2  sing N N 145 
HIS CE1 NE2  sing Y N 146 
HIS CE1 HE1  sing N N 147 
HIS NE2 HE2  sing N N 148 
HIS OXT HXT  sing N N 149 
HOH O   H1   sing N N 150 
HOH O   H2   sing N N 151 
ILE N   CA   sing N N 152 
ILE N   H    sing N N 153 
ILE N   H2   sing N N 154 
ILE CA  C    sing N N 155 
ILE CA  CB   sing N N 156 
ILE CA  HA   sing N N 157 
ILE C   O    doub N N 158 
ILE C   OXT  sing N N 159 
ILE CB  CG1  sing N N 160 
ILE CB  CG2  sing N N 161 
ILE CB  HB   sing N N 162 
ILE CG1 CD1  sing N N 163 
ILE CG1 HG12 sing N N 164 
ILE CG1 HG13 sing N N 165 
ILE CG2 HG21 sing N N 166 
ILE CG2 HG22 sing N N 167 
ILE CG2 HG23 sing N N 168 
ILE CD1 HD11 sing N N 169 
ILE CD1 HD12 sing N N 170 
ILE CD1 HD13 sing N N 171 
ILE OXT HXT  sing N N 172 
LEU N   CA   sing N N 173 
LEU N   H    sing N N 174 
LEU N   H2   sing N N 175 
LEU CA  C    sing N N 176 
LEU CA  CB   sing N N 177 
LEU CA  HA   sing N N 178 
LEU C   O    doub N N 179 
LEU C   OXT  sing N N 180 
LEU CB  CG   sing N N 181 
LEU CB  HB2  sing N N 182 
LEU CB  HB3  sing N N 183 
LEU CG  CD1  sing N N 184 
LEU CG  CD2  sing N N 185 
LEU CG  HG   sing N N 186 
LEU CD1 HD11 sing N N 187 
LEU CD1 HD12 sing N N 188 
LEU CD1 HD13 sing N N 189 
LEU CD2 HD21 sing N N 190 
LEU CD2 HD22 sing N N 191 
LEU CD2 HD23 sing N N 192 
LEU OXT HXT  sing N N 193 
LYS N   CA   sing N N 194 
LYS N   H    sing N N 195 
LYS N   H2   sing N N 196 
LYS CA  C    sing N N 197 
LYS CA  CB   sing N N 198 
LYS CA  HA   sing N N 199 
LYS C   O    doub N N 200 
LYS C   OXT  sing N N 201 
LYS CB  CG   sing N N 202 
LYS CB  HB2  sing N N 203 
LYS CB  HB3  sing N N 204 
LYS CG  CD   sing N N 205 
LYS CG  HG2  sing N N 206 
LYS CG  HG3  sing N N 207 
LYS CD  CE   sing N N 208 
LYS CD  HD2  sing N N 209 
LYS CD  HD3  sing N N 210 
LYS CE  NZ   sing N N 211 
LYS CE  HE2  sing N N 212 
LYS CE  HE3  sing N N 213 
LYS NZ  HZ1  sing N N 214 
LYS NZ  HZ2  sing N N 215 
LYS NZ  HZ3  sing N N 216 
LYS OXT HXT  sing N N 217 
MET N   CA   sing N N 218 
MET N   H    sing N N 219 
MET N   H2   sing N N 220 
MET CA  C    sing N N 221 
MET CA  CB   sing N N 222 
MET CA  HA   sing N N 223 
MET C   O    doub N N 224 
MET C   OXT  sing N N 225 
MET CB  CG   sing N N 226 
MET CB  HB2  sing N N 227 
MET CB  HB3  sing N N 228 
MET CG  SD   sing N N 229 
MET CG  HG2  sing N N 230 
MET CG  HG3  sing N N 231 
MET SD  CE   sing N N 232 
MET CE  HE1  sing N N 233 
MET CE  HE2  sing N N 234 
MET CE  HE3  sing N N 235 
MET OXT HXT  sing N N 236 
PHE N   CA   sing N N 237 
PHE N   H    sing N N 238 
PHE N   H2   sing N N 239 
PHE CA  C    sing N N 240 
PHE CA  CB   sing N N 241 
PHE CA  HA   sing N N 242 
PHE C   O    doub N N 243 
PHE C   OXT  sing N N 244 
PHE CB  CG   sing N N 245 
PHE CB  HB2  sing N N 246 
PHE CB  HB3  sing N N 247 
PHE CG  CD1  doub Y N 248 
PHE CG  CD2  sing Y N 249 
PHE CD1 CE1  sing Y N 250 
PHE CD1 HD1  sing N N 251 
PHE CD2 CE2  doub Y N 252 
PHE CD2 HD2  sing N N 253 
PHE CE1 CZ   doub Y N 254 
PHE CE1 HE1  sing N N 255 
PHE CE2 CZ   sing Y N 256 
PHE CE2 HE2  sing N N 257 
PHE CZ  HZ   sing N N 258 
PHE OXT HXT  sing N N 259 
PRO N   CA   sing N N 260 
PRO N   CD   sing N N 261 
PRO N   H    sing N N 262 
PRO CA  C    sing N N 263 
PRO CA  CB   sing N N 264 
PRO CA  HA   sing N N 265 
PRO C   O    doub N N 266 
PRO C   OXT  sing N N 267 
PRO CB  CG   sing N N 268 
PRO CB  HB2  sing N N 269 
PRO CB  HB3  sing N N 270 
PRO CG  CD   sing N N 271 
PRO CG  HG2  sing N N 272 
PRO CG  HG3  sing N N 273 
PRO CD  HD2  sing N N 274 
PRO CD  HD3  sing N N 275 
PRO OXT HXT  sing N N 276 
SER N   CA   sing N N 277 
SER N   H    sing N N 278 
SER N   H2   sing N N 279 
SER CA  C    sing N N 280 
SER CA  CB   sing N N 281 
SER CA  HA   sing N N 282 
SER C   O    doub N N 283 
SER C   OXT  sing N N 284 
SER CB  OG   sing N N 285 
SER CB  HB2  sing N N 286 
SER CB  HB3  sing N N 287 
SER OG  HG   sing N N 288 
SER OXT HXT  sing N N 289 
THR N   CA   sing N N 290 
THR N   H    sing N N 291 
THR N   H2   sing N N 292 
THR CA  C    sing N N 293 
THR CA  CB   sing N N 294 
THR CA  HA   sing N N 295 
THR C   O    doub N N 296 
THR C   OXT  sing N N 297 
THR CB  OG1  sing N N 298 
THR CB  CG2  sing N N 299 
THR CB  HB   sing N N 300 
THR OG1 HG1  sing N N 301 
THR CG2 HG21 sing N N 302 
THR CG2 HG22 sing N N 303 
THR CG2 HG23 sing N N 304 
THR OXT HXT  sing N N 305 
TRP N   CA   sing N N 306 
TRP N   H    sing N N 307 
TRP N   H2   sing N N 308 
TRP CA  C    sing N N 309 
TRP CA  CB   sing N N 310 
TRP CA  HA   sing N N 311 
TRP C   O    doub N N 312 
TRP C   OXT  sing N N 313 
TRP CB  CG   sing N N 314 
TRP CB  HB2  sing N N 315 
TRP CB  HB3  sing N N 316 
TRP CG  CD1  doub Y N 317 
TRP CG  CD2  sing Y N 318 
TRP CD1 NE1  sing Y N 319 
TRP CD1 HD1  sing N N 320 
TRP CD2 CE2  doub Y N 321 
TRP CD2 CE3  sing Y N 322 
TRP NE1 CE2  sing Y N 323 
TRP NE1 HE1  sing N N 324 
TRP CE2 CZ2  sing Y N 325 
TRP CE3 CZ3  doub Y N 326 
TRP CE3 HE3  sing N N 327 
TRP CZ2 CH2  doub Y N 328 
TRP CZ2 HZ2  sing N N 329 
TRP CZ3 CH2  sing Y N 330 
TRP CZ3 HZ3  sing N N 331 
TRP CH2 HH2  sing N N 332 
TRP OXT HXT  sing N N 333 
TYR N   CA   sing N N 334 
TYR N   H    sing N N 335 
TYR N   H2   sing N N 336 
TYR CA  C    sing N N 337 
TYR CA  CB   sing N N 338 
TYR CA  HA   sing N N 339 
TYR C   O    doub N N 340 
TYR C   OXT  sing N N 341 
TYR CB  CG   sing N N 342 
TYR CB  HB2  sing N N 343 
TYR CB  HB3  sing N N 344 
TYR CG  CD1  doub Y N 345 
TYR CG  CD2  sing Y N 346 
TYR CD1 CE1  sing Y N 347 
TYR CD1 HD1  sing N N 348 
TYR CD2 CE2  doub Y N 349 
TYR CD2 HD2  sing N N 350 
TYR CE1 CZ   doub Y N 351 
TYR CE1 HE1  sing N N 352 
TYR CE2 CZ   sing Y N 353 
TYR CE2 HE2  sing N N 354 
TYR CZ  OH   sing N N 355 
TYR OH  HH   sing N N 356 
TYR OXT HXT  sing N N 357 
VAL N   CA   sing N N 358 
VAL N   H    sing N N 359 
VAL N   H2   sing N N 360 
VAL CA  C    sing N N 361 
VAL CA  CB   sing N N 362 
VAL CA  HA   sing N N 363 
VAL C   O    doub N N 364 
VAL C   OXT  sing N N 365 
VAL CB  CG1  sing N N 366 
VAL CB  CG2  sing N N 367 
VAL CB  HB   sing N N 368 
VAL CG1 HG11 sing N N 369 
VAL CG1 HG12 sing N N 370 
VAL CG1 HG13 sing N N 371 
VAL CG2 HG21 sing N N 372 
VAL CG2 HG22 sing N N 373 
VAL CG2 HG23 sing N N 374 
VAL OXT HXT  sing N N 375 
# 
_atom_sites.entry_id                    2CYH 
_atom_sites.fract_transf_matrix[1][1]   0.00215227 
_atom_sites.fract_transf_matrix[1][2]   -0.00681971 
_atom_sites.fract_transf_matrix[1][3]   -0.02350626 
_atom_sites.fract_transf_matrix[2][1]   -0.00360545 
_atom_sites.fract_transf_matrix[2][2]   -0.01811914 
_atom_sites.fract_transf_matrix[2][3]   0.00492666 
_atom_sites.fract_transf_matrix[3][1]   -0.01082024 
_atom_sites.fract_transf_matrix[3][2]   0.00174597 
_atom_sites.fract_transf_matrix[3][3]   -0.00149726 
_atom_sites.fract_transf_vector[1]      0.390980 
_atom_sites.fract_transf_vector[2]      0.306701 
_atom_sites.fract_transf_vector[3]      0.157730 
# 
loop_
_atom_type.symbol 
C 
H 
N 
O 
S 
# 
loop_
_atom_site.group_PDB 
_atom_site.id 
_atom_site.type_symbol 
_atom_site.label_atom_id 
_atom_site.label_alt_id 
_atom_site.label_comp_id 
_atom_site.label_asym_id 
_atom_site.label_entity_id 
_atom_site.label_seq_id 
_atom_site.pdbx_PDB_ins_code 
_atom_site.Cartn_x 
_atom_site.Cartn_y 
_atom_site.Cartn_z 
_atom_site.occupancy 
_atom_site.B_iso_or_equiv 
_atom_site.pdbx_formal_charge 
_atom_site.auth_seq_id 
_atom_site.auth_comp_id 
_atom_site.auth_asym_id 
_atom_site.auth_atom_id 
_atom_site.pdbx_PDB_model_num 
ATOM   1    N N    . VAL A 1 1   ? -10.699 -5.305  15.430  1.00 57.34 ? 2   VAL A N    1 
ATOM   2    C CA   . VAL A 1 1   ? -9.924  -5.455  16.679  1.00 55.64 ? 2   VAL A CA   1 
ATOM   3    C C    . VAL A 1 1   ? -8.614  -4.814  16.225  1.00 51.25 ? 2   VAL A C    1 
ATOM   4    O O    . VAL A 1 1   ? -8.526  -3.593  16.350  1.00 52.05 ? 2   VAL A O    1 
ATOM   5    C CB   . VAL A 1 1   ? -9.691  -6.947  17.064  1.00 57.57 ? 2   VAL A CB   1 
ATOM   6    C CG1  . VAL A 1 1   ? -8.885  -7.000  18.358  1.00 59.28 ? 2   VAL A CG1  1 
ATOM   7    C CG2  . VAL A 1 1   ? -11.004 -7.682  17.263  1.00 57.84 ? 2   VAL A CG2  1 
ATOM   8    H H1   . VAL A 1 1   ? -10.184 -5.752  14.629  1.00 0.00  ? 2   VAL A H1   1 
ATOM   9    H H2   . VAL A 1 1   ? -11.598 -5.818  15.381  1.00 0.00  ? 2   VAL A H2   1 
ATOM   10   H H3   . VAL A 1 1   ? -10.847 -4.325  15.103  1.00 0.00  ? 2   VAL A H3   1 
ATOM   11   N N    . ASN A 1 2   ? -7.607  -5.545  15.696  1.00 43.21 ? 3   ASN A N    1 
ATOM   12   C CA   . ASN A 1 2   ? -6.616  -4.885  14.837  1.00 37.34 ? 3   ASN A CA   1 
ATOM   13   C C    . ASN A 1 2   ? -7.519  -4.500  13.644  1.00 35.04 ? 3   ASN A C    1 
ATOM   14   O O    . ASN A 1 2   ? -8.360  -5.328  13.250  1.00 32.39 ? 3   ASN A O    1 
ATOM   15   C CB   . ASN A 1 2   ? -5.550  -5.831  14.288  1.00 35.46 ? 3   ASN A CB   1 
ATOM   16   C CG   . ASN A 1 2   ? -4.163  -5.706  14.907  1.00 33.74 ? 3   ASN A CG   1 
ATOM   17   O OD1  . ASN A 1 2   ? -3.862  -4.808  15.709  1.00 30.46 ? 3   ASN A OD1  1 
ATOM   18   N ND2  . ASN A 1 2   ? -3.268  -6.616  14.533  1.00 31.90 ? 3   ASN A ND2  1 
ATOM   19   H H    . ASN A 1 2   ? -7.551  -6.516  15.804  1.00 0.00  ? 3   ASN A H    1 
ATOM   20   H HD21 . ASN A 1 2   ? -2.409  -6.620  15.005  1.00 0.00  ? 3   ASN A HD21 1 
ATOM   21   H HD22 . ASN A 1 2   ? -3.526  -7.275  13.841  1.00 0.00  ? 3   ASN A HD22 1 
ATOM   22   N N    . PRO A 1 3   ? -7.508  -3.286  13.095  1.00 33.27 ? 4   PRO A N    1 
ATOM   23   C CA   . PRO A 1 3   ? -8.442  -2.890  12.043  1.00 31.03 ? 4   PRO A CA   1 
ATOM   24   C C    . PRO A 1 3   ? -8.300  -3.610  10.712  1.00 30.14 ? 4   PRO A C    1 
ATOM   25   O O    . PRO A 1 3   ? -7.214  -4.086  10.347  1.00 28.24 ? 4   PRO A O    1 
ATOM   26   C CB   . PRO A 1 3   ? -8.240  -1.393  11.936  1.00 31.38 ? 4   PRO A CB   1 
ATOM   27   C CG   . PRO A 1 3   ? -6.828  -1.161  12.419  1.00 33.65 ? 4   PRO A CG   1 
ATOM   28   C CD   . PRO A 1 3   ? -6.675  -2.171  13.546  1.00 33.01 ? 4   PRO A CD   1 
ATOM   29   N N    . THR A 1 4   ? -9.392  -3.723  9.968   1.00 26.92 ? 5   THR A N    1 
ATOM   30   C CA   . THR A 1 4   ? -9.338  -4.269  8.629   1.00 27.20 ? 5   THR A CA   1 
ATOM   31   C C    . THR A 1 4   ? -9.789  -3.201  7.667   1.00 26.59 ? 5   THR A C    1 
ATOM   32   O O    . THR A 1 4   ? -10.829 -2.586  7.929   1.00 26.88 ? 5   THR A O    1 
ATOM   33   C CB   . THR A 1 4   ? -10.261 -5.464  8.464   1.00 29.51 ? 5   THR A CB   1 
ATOM   34   O OG1  . THR A 1 4   ? -9.758  -6.399  9.397   1.00 31.79 ? 5   THR A OG1  1 
ATOM   35   C CG2  . THR A 1 4   ? -10.291 -6.083  7.072   1.00 28.11 ? 5   THR A CG2  1 
ATOM   36   H H    . THR A 1 4   ? -10.245 -3.401  10.329  1.00 0.00  ? 5   THR A H    1 
ATOM   37   H HG1  . THR A 1 4   ? -10.076 -6.074  10.271  1.00 0.00  ? 5   THR A HG1  1 
ATOM   38   N N    . VAL A 1 5   ? -9.060  -2.933  6.583   1.00 22.59 ? 6   VAL A N    1 
ATOM   39   C CA   . VAL A 1 5   ? -9.520  -1.989  5.589   1.00 21.24 ? 6   VAL A CA   1 
ATOM   40   C C    . VAL A 1 5   ? -9.629  -2.703  4.255   1.00 20.94 ? 6   VAL A C    1 
ATOM   41   O O    . VAL A 1 5   ? -9.044  -3.779  4.081   1.00 21.51 ? 6   VAL A O    1 
ATOM   42   C CB   . VAL A 1 5   ? -8.573  -0.757  5.439   1.00 23.39 ? 6   VAL A CB   1 
ATOM   43   C CG1  . VAL A 1 5   ? -8.491  -0.028  6.774   1.00 23.22 ? 6   VAL A CG1  1 
ATOM   44   C CG2  . VAL A 1 5   ? -7.218  -1.175  4.926   1.00 27.14 ? 6   VAL A CG2  1 
ATOM   45   H H    . VAL A 1 5   ? -8.232  -3.438  6.423   1.00 0.00  ? 6   VAL A H    1 
ATOM   46   N N    . PHE A 1 6   ? -10.400 -2.176  3.314   1.00 18.97 ? 7   PHE A N    1 
ATOM   47   C CA   . PHE A 1 6   ? -10.540 -2.796  2.018   1.00 19.89 ? 7   PHE A CA   1 
ATOM   48   C C    . PHE A 1 6   ? -10.243 -1.768  0.943   1.00 19.84 ? 7   PHE A C    1 
ATOM   49   O O    . PHE A 1 6   ? -10.414 -0.556  1.156   1.00 19.55 ? 7   PHE A O    1 
ATOM   50   C CB   . PHE A 1 6   ? -11.978 -3.345  1.795   1.00 20.53 ? 7   PHE A CB   1 
ATOM   51   C CG   . PHE A 1 6   ? -13.072 -2.297  1.588   1.00 20.26 ? 7   PHE A CG   1 
ATOM   52   C CD1  . PHE A 1 6   ? -13.674 -1.697  2.695   1.00 20.17 ? 7   PHE A CD1  1 
ATOM   53   C CD2  . PHE A 1 6   ? -13.410 -1.887  0.283   1.00 22.53 ? 7   PHE A CD2  1 
ATOM   54   C CE1  . PHE A 1 6   ? -14.575 -0.649  2.490   1.00 20.79 ? 7   PHE A CE1  1 
ATOM   55   C CE2  . PHE A 1 6   ? -14.306 -0.830  0.093   1.00 22.67 ? 7   PHE A CE2  1 
ATOM   56   C CZ   . PHE A 1 6   ? -14.882 -0.206  1.198   1.00 19.58 ? 7   PHE A CZ   1 
ATOM   57   H H    . PHE A 1 6   ? -10.816 -1.300  3.467   1.00 0.00  ? 7   PHE A H    1 
ATOM   58   N N    . PHE A 1 7   ? -9.872  -2.305  -0.215  1.00 19.51 ? 8   PHE A N    1 
ATOM   59   C CA   . PHE A 1 7   ? -9.712  -1.565  -1.444  1.00 20.99 ? 8   PHE A CA   1 
ATOM   60   C C    . PHE A 1 7   ? -10.545 -2.309  -2.491  1.00 20.58 ? 8   PHE A C    1 
ATOM   61   O O    . PHE A 1 7   ? -10.453 -3.546  -2.597  1.00 18.70 ? 8   PHE A O    1 
ATOM   62   C CB   . PHE A 1 7   ? -8.265  -1.547  -1.970  1.00 20.63 ? 8   PHE A CB   1 
ATOM   63   C CG   . PHE A 1 7   ? -7.227  -0.685  -1.257  1.00 22.80 ? 8   PHE A CG   1 
ATOM   64   C CD1  . PHE A 1 7   ? -7.565  0.178   -0.202  1.00 22.47 ? 8   PHE A CD1  1 
ATOM   65   C CD2  . PHE A 1 7   ? -5.897  -0.757  -1.701  1.00 21.87 ? 8   PHE A CD2  1 
ATOM   66   C CE1  . PHE A 1 7   ? -6.579  0.971   0.399   1.00 23.76 ? 8   PHE A CE1  1 
ATOM   67   C CE2  . PHE A 1 7   ? -4.923  0.041   -1.086  1.00 22.07 ? 8   PHE A CE2  1 
ATOM   68   C CZ   . PHE A 1 7   ? -5.259  0.907   -0.043  1.00 20.53 ? 8   PHE A CZ   1 
ATOM   69   H H    . PHE A 1 7   ? -9.730  -3.277  -0.262  1.00 0.00  ? 8   PHE A H    1 
ATOM   70   N N    . ASP A 1 8   ? -11.345 -1.566  -3.254  1.00 16.98 ? 9   ASP A N    1 
ATOM   71   C CA   . ASP A 1 8   ? -12.047 -2.114  -4.394  1.00 18.76 ? 9   ASP A CA   1 
ATOM   72   C C    . ASP A 1 8   ? -11.231 -1.627  -5.564  1.00 19.18 ? 9   ASP A C    1 
ATOM   73   O O    . ASP A 1 8   ? -11.053 -0.422  -5.763  1.00 22.12 ? 9   ASP A O    1 
ATOM   74   C CB   . ASP A 1 8   ? -13.503 -1.590  -4.455  1.00 21.77 ? 9   ASP A CB   1 
ATOM   75   C CG   . ASP A 1 8   ? -14.448 -2.412  -3.578  1.00 26.40 ? 9   ASP A CG   1 
ATOM   76   O OD1  . ASP A 1 8   ? -14.266 -3.610  -3.394  1.00 27.53 ? 9   ASP A OD1  1 
ATOM   77   O OD2  . ASP A 1 8   ? -15.448 -1.915  -3.082  1.00 29.78 ? 9   ASP A OD2  1 
ATOM   78   H H    . ASP A 1 8   ? -11.433 -0.616  -3.078  1.00 0.00  ? 9   ASP A H    1 
ATOM   79   N N    . ILE A 1 9   ? -10.680 -2.542  -6.348  1.00 18.55 ? 10  ILE A N    1 
ATOM   80   C CA   . ILE A 1 9   ? -9.762  -2.227  -7.432  1.00 18.58 ? 10  ILE A CA   1 
ATOM   81   C C    . ILE A 1 9   ? -10.485 -2.214  -8.761  1.00 20.65 ? 10  ILE A C    1 
ATOM   82   O O    . ILE A 1 9   ? -11.357 -3.074  -8.980  1.00 21.49 ? 10  ILE A O    1 
ATOM   83   C CB   . ILE A 1 9   ? -8.621  -3.287  -7.455  1.00 19.46 ? 10  ILE A CB   1 
ATOM   84   C CG1  . ILE A 1 9   ? -7.908  -3.341  -6.103  1.00 19.73 ? 10  ILE A CG1  1 
ATOM   85   C CG2  . ILE A 1 9   ? -7.628  -2.962  -8.571  1.00 17.79 ? 10  ILE A CG2  1 
ATOM   86   C CD1  . ILE A 1 9   ? -7.181  -2.041  -5.711  1.00 23.34 ? 10  ILE A CD1  1 
ATOM   87   H H    . ILE A 1 9   ? -10.884 -3.475  -6.161  1.00 0.00  ? 10  ILE A H    1 
ATOM   88   N N    . ALA A 1 10  ? -10.119 -1.286  -9.642  1.00 20.82 ? 11  ALA A N    1 
ATOM   89   C CA   . ALA A 1 10  ? -10.653 -1.209  -10.989 1.00 22.66 ? 11  ALA A CA   1 
ATOM   90   C C    . ALA A 1 10  ? -9.478  -1.112  -11.957 1.00 25.38 ? 11  ALA A C    1 
ATOM   91   O O    . ALA A 1 10  ? -8.420  -0.571  -11.612 1.00 26.06 ? 11  ALA A O    1 
ATOM   92   C CB   . ALA A 1 10  ? -11.516 0.020   -11.155 1.00 21.27 ? 11  ALA A CB   1 
ATOM   93   H H    . ALA A 1 10  ? -9.417  -0.641  -9.400  1.00 0.00  ? 11  ALA A H    1 
ATOM   94   N N    . VAL A 1 11  ? -9.632  -1.676  -13.161 1.00 24.78 ? 12  VAL A N    1 
ATOM   95   C CA   . VAL A 1 11  ? -8.604  -1.724  -14.196 1.00 24.55 ? 12  VAL A CA   1 
ATOM   96   C C    . VAL A 1 11  ? -9.278  -0.989  -15.342 1.00 28.00 ? 12  VAL A C    1 
ATOM   97   O O    . VAL A 1 11  ? -10.275 -1.487  -15.876 1.00 26.80 ? 12  VAL A O    1 
ATOM   98   C CB   . VAL A 1 11  ? -8.313  -3.188  -14.591 1.00 24.74 ? 12  VAL A CB   1 
ATOM   99   C CG1  . VAL A 1 11  ? -7.311  -3.237  -15.730 1.00 25.07 ? 12  VAL A CG1  1 
ATOM   100  C CG2  . VAL A 1 11  ? -7.744  -3.939  -13.404 1.00 25.40 ? 12  VAL A CG2  1 
ATOM   101  H H    . VAL A 1 11  ? -10.501 -2.066  -13.388 1.00 0.00  ? 12  VAL A H    1 
ATOM   102  N N    . ASP A 1 12  ? -8.794  0.208   -15.683 1.00 27.10 ? 13  ASP A N    1 
ATOM   103  C CA   . ASP A 1 12  ? -9.374  1.058   -16.714 1.00 29.91 ? 13  ASP A CA   1 
ATOM   104  C C    . ASP A 1 12  ? -10.874 1.259   -16.520 1.00 31.16 ? 13  ASP A C    1 
ATOM   105  O O    . ASP A 1 12  ? -11.685 1.195   -17.447 1.00 31.09 ? 13  ASP A O    1 
ATOM   106  C CB   . ASP A 1 12  ? -9.100  0.469   -18.118 1.00 31.97 ? 13  ASP A CB   1 
ATOM   107  C CG   . ASP A 1 12  ? -7.772  0.811   -18.776 1.00 35.67 ? 13  ASP A CG   1 
ATOM   108  O OD1  . ASP A 1 12  ? -6.896  1.459   -18.204 1.00 35.17 ? 13  ASP A OD1  1 
ATOM   109  O OD2  . ASP A 1 12  ? -7.559  0.413   -19.915 1.00 41.54 ? 13  ASP A OD2  1 
ATOM   110  H H    . ASP A 1 12  ? -8.007  0.528   -15.213 1.00 0.00  ? 13  ASP A H    1 
ATOM   111  N N    . GLY A 1 13  ? -11.312 1.486   -15.284 1.00 31.02 ? 14  GLY A N    1 
ATOM   112  C CA   . GLY A 1 13  ? -12.732 1.658   -15.027 1.00 32.09 ? 14  GLY A CA   1 
ATOM   113  C C    . GLY A 1 13  ? -13.475 0.348   -14.774 1.00 31.68 ? 14  GLY A C    1 
ATOM   114  O O    . GLY A 1 13  ? -14.448 0.381   -14.035 1.00 37.10 ? 14  GLY A O    1 
ATOM   115  H H    . GLY A 1 13  ? -10.668 1.576   -14.546 1.00 0.00  ? 14  GLY A H    1 
ATOM   116  N N    . GLU A 1 14  ? -13.052 -0.801  -15.311 1.00 33.00 ? 15  GLU A N    1 
ATOM   117  C CA   . GLU A 1 14  ? -13.715 -2.078  -15.070 1.00 34.31 ? 15  GLU A CA   1 
ATOM   118  C C    . GLU A 1 14  ? -13.412 -2.684  -13.711 1.00 33.18 ? 15  GLU A C    1 
ATOM   119  O O    . GLU A 1 14  ? -12.234 -2.805  -13.337 1.00 30.77 ? 15  GLU A O    1 
ATOM   120  C CB   . GLU A 1 14  ? -13.315 -3.115  -16.102 1.00 41.91 ? 15  GLU A CB   1 
ATOM   121  C CG   . GLU A 1 14  ? -13.891 -2.874  -17.483 1.00 54.17 ? 15  GLU A CG   1 
ATOM   122  C CD   . GLU A 1 14  ? -15.414 -2.822  -17.428 1.00 62.26 ? 15  GLU A CD   1 
ATOM   123  O OE1  . GLU A 1 14  ? -16.044 -3.854  -17.166 1.00 66.35 ? 15  GLU A OE1  1 
ATOM   124  O OE2  . GLU A 1 14  ? -15.964 -1.736  -17.623 1.00 67.11 ? 15  GLU A OE2  1 
ATOM   125  H H    . GLU A 1 14  ? -12.298 -0.795  -15.938 1.00 0.00  ? 15  GLU A H    1 
ATOM   126  N N    . PRO A 1 15  ? -14.402 -3.087  -12.914 1.00 31.12 ? 16  PRO A N    1 
ATOM   127  C CA   . PRO A 1 15  ? -14.211 -3.694  -11.600 1.00 29.95 ? 16  PRO A CA   1 
ATOM   128  C C    . PRO A 1 15  ? -13.349 -4.946  -11.651 1.00 26.74 ? 16  PRO A C    1 
ATOM   129  O O    . PRO A 1 15  ? -13.557 -5.810  -12.502 1.00 27.84 ? 16  PRO A O    1 
ATOM   130  C CB   . PRO A 1 15  ? -15.621 -3.963  -11.100 1.00 29.43 ? 16  PRO A CB   1 
ATOM   131  C CG   . PRO A 1 15  ? -16.406 -2.881  -11.792 1.00 30.68 ? 16  PRO A CG   1 
ATOM   132  C CD   . PRO A 1 15  ? -15.821 -2.926  -13.199 1.00 31.67 ? 16  PRO A CD   1 
ATOM   133  N N    . LEU A 1 16  ? -12.342 -5.042  -10.792 1.00 23.62 ? 17  LEU A N    1 
ATOM   134  C CA   . LEU A 1 16  ? -11.529 -6.232  -10.754 1.00 22.22 ? 17  LEU A CA   1 
ATOM   135  C C    . LEU A 1 16  ? -11.947 -7.053  -9.549  1.00 22.65 ? 17  LEU A C    1 
ATOM   136  O O    . LEU A 1 16  ? -12.274 -8.239  -9.691  1.00 24.07 ? 17  LEU A O    1 
ATOM   137  C CB   . LEU A 1 16  ? -10.040 -5.881  -10.650 1.00 21.55 ? 17  LEU A CB   1 
ATOM   138  C CG   . LEU A 1 16  ? -9.058  -7.064  -10.656 1.00 22.67 ? 17  LEU A CG   1 
ATOM   139  C CD1  . LEU A 1 16  ? -9.246  -7.878  -11.920 1.00 22.54 ? 17  LEU A CD1  1 
ATOM   140  C CD2  . LEU A 1 16  ? -7.629  -6.557  -10.574 1.00 21.83 ? 17  LEU A CD2  1 
ATOM   141  H H    . LEU A 1 16  ? -12.168 -4.306  -10.176 1.00 0.00  ? 17  LEU A H    1 
ATOM   142  N N    . GLY A 1 17  ? -11.939 -6.452  -8.359  1.00 21.44 ? 18  GLY A N    1 
ATOM   143  C CA   . GLY A 1 17  ? -12.291 -7.158  -7.153  1.00 19.74 ? 18  GLY A CA   1 
ATOM   144  C C    . GLY A 1 17  ? -11.828 -6.367  -5.945  1.00 21.49 ? 18  GLY A C    1 
ATOM   145  O O    . GLY A 1 17  ? -11.317 -5.252  -6.081  1.00 20.73 ? 18  GLY A O    1 
ATOM   146  H H    . GLY A 1 17  ? -11.690 -5.506  -8.273  1.00 0.00  ? 18  GLY A H    1 
ATOM   147  N N    . ARG A 1 18  ? -11.985 -6.974  -4.776  1.00 21.53 ? 19  ARG A N    1 
ATOM   148  C CA   . ARG A 1 18  ? -11.694 -6.391  -3.477  1.00 21.11 ? 19  ARG A CA   1 
ATOM   149  C C    . ARG A 1 18  ? -10.527 -7.089  -2.767  1.00 21.32 ? 19  ARG A C    1 
ATOM   150  O O    . ARG A 1 18  ? -10.443 -8.330  -2.745  1.00 20.12 ? 19  ARG A O    1 
ATOM   151  C CB   . ARG A 1 18  ? -12.955 -6.494  -2.615  1.00 17.86 ? 19  ARG A CB   1 
ATOM   152  C CG   . ARG A 1 18  ? -12.735 -6.020  -1.218  1.00 18.14 ? 19  ARG A CG   1 
ATOM   153  C CD   . ARG A 1 18  ? -14.030 -6.033  -0.473  1.00 22.75 ? 19  ARG A CD   1 
ATOM   154  N NE   . ARG A 1 18  ? -14.811 -4.909  -0.927  1.00 26.05 ? 19  ARG A NE   1 
ATOM   155  C CZ   . ARG A 1 18  ? -15.963 -4.558  -0.380  1.00 25.74 ? 19  ARG A CZ   1 
ATOM   156  N NH1  . ARG A 1 18  ? -16.502 -5.288  0.610   1.00 25.03 ? 19  ARG A NH1  1 
ATOM   157  N NH2  . ARG A 1 18  ? -16.517 -3.446  -0.884  1.00 26.32 ? 19  ARG A NH2  1 
ATOM   158  H H    . ARG A 1 18  ? -12.282 -7.905  -4.793  1.00 0.00  ? 19  ARG A H    1 
ATOM   159  H HE   . ARG A 1 18  ? -14.412 -4.370  -1.649  1.00 0.00  ? 19  ARG A HE   1 
ATOM   160  H HH11 . ARG A 1 18  ? -16.075 -6.167  0.896   1.00 0.00  ? 19  ARG A HH11 1 
ATOM   161  H HH12 . ARG A 1 18  ? -17.382 -5.086  1.035   1.00 0.00  ? 19  ARG A HH12 1 
ATOM   162  H HH21 . ARG A 1 18  ? -16.005 -2.896  -1.577  1.00 0.00  ? 19  ARG A HH21 1 
ATOM   163  H HH22 . ARG A 1 18  ? -17.361 -3.018  -0.559  1.00 0.00  ? 19  ARG A HH22 1 
ATOM   164  N N    . VAL A 1 19  ? -9.654  -6.307  -2.142  1.00 20.73 ? 20  VAL A N    1 
ATOM   165  C CA   . VAL A 1 19  ? -8.545  -6.824  -1.352  1.00 20.12 ? 20  VAL A CA   1 
ATOM   166  C C    . VAL A 1 19  ? -8.808  -6.275  0.046   1.00 19.43 ? 20  VAL A C    1 
ATOM   167  O O    . VAL A 1 19  ? -9.126  -5.082  0.168   1.00 22.00 ? 20  VAL A O    1 
ATOM   168  C CB   . VAL A 1 19  ? -7.174  -6.273  -1.815  1.00 21.63 ? 20  VAL A CB   1 
ATOM   169  C CG1  . VAL A 1 19  ? -6.073  -7.039  -1.085  1.00 20.78 ? 20  VAL A CG1  1 
ATOM   170  C CG2  . VAL A 1 19  ? -7.005  -6.407  -3.312  1.00 24.62 ? 20  VAL A CG2  1 
ATOM   171  H H    . VAL A 1 19  ? -9.794  -5.337  -2.152  1.00 0.00  ? 20  VAL A H    1 
ATOM   172  N N    . SER A 1 20  ? -8.726  -7.041  1.120   1.00 20.84 ? 21  SER A N    1 
ATOM   173  C CA   . SER A 1 20  ? -8.840  -6.442  2.437   1.00 22.25 ? 21  SER A CA   1 
ATOM   174  C C    . SER A 1 20  ? -7.495  -6.654  3.142   1.00 19.93 ? 21  SER A C    1 
ATOM   175  O O    . SER A 1 20  ? -6.752  -7.586  2.806   1.00 19.39 ? 21  SER A O    1 
ATOM   176  C CB   . SER A 1 20  ? -10.008 -7.104  3.177   1.00 23.99 ? 21  SER A CB   1 
ATOM   177  O OG   . SER A 1 20  ? -9.790  -8.497  3.332   1.00 27.94 ? 21  SER A OG   1 
ATOM   178  H H    . SER A 1 20  ? -8.520  -7.997  1.050   1.00 0.00  ? 21  SER A H    1 
ATOM   179  H HG   . SER A 1 20  ? -10.644 -8.940  3.453   1.00 0.00  ? 21  SER A HG   1 
ATOM   180  N N    . PHE A 1 21  ? -7.172  -5.833  4.126   1.00 20.76 ? 22  PHE A N    1 
ATOM   181  C CA   . PHE A 1 21  ? -5.888  -5.856  4.806   1.00 21.01 ? 22  PHE A CA   1 
ATOM   182  C C    . PHE A 1 21  ? -6.095  -5.812  6.301   1.00 22.42 ? 22  PHE A C    1 
ATOM   183  O O    . PHE A 1 21  ? -6.945  -5.067  6.801   1.00 21.72 ? 22  PHE A O    1 
ATOM   184  C CB   . PHE A 1 21  ? -5.005  -4.637  4.492   1.00 20.88 ? 22  PHE A CB   1 
ATOM   185  C CG   . PHE A 1 21  ? -4.817  -4.336  3.016   1.00 21.08 ? 22  PHE A CG   1 
ATOM   186  C CD1  . PHE A 1 21  ? -3.803  -4.960  2.285   1.00 22.04 ? 22  PHE A CD1  1 
ATOM   187  C CD2  . PHE A 1 21  ? -5.683  -3.443  2.374   1.00 23.66 ? 22  PHE A CD2  1 
ATOM   188  C CE1  . PHE A 1 21  ? -3.672  -4.709  0.914   1.00 22.07 ? 22  PHE A CE1  1 
ATOM   189  C CE2  . PHE A 1 21  ? -5.545  -3.197  1.001   1.00 23.14 ? 22  PHE A CE2  1 
ATOM   190  C CZ   . PHE A 1 21  ? -4.544  -3.831  0.266   1.00 22.75 ? 22  PHE A CZ   1 
ATOM   191  H H    . PHE A 1 21  ? -7.838  -5.198  4.458   1.00 0.00  ? 22  PHE A H    1 
ATOM   192  N N    . GLU A 1 22  ? -5.346  -6.635  7.032   1.00 23.08 ? 23  GLU A N    1 
ATOM   193  C CA   . GLU A 1 22  ? -5.301  -6.510  8.473   1.00 24.95 ? 23  GLU A CA   1 
ATOM   194  C C    . GLU A 1 22  ? -4.151  -5.536  8.781   1.00 22.95 ? 23  GLU A C    1 
ATOM   195  O O    . GLU A 1 22  ? -3.043  -5.721  8.261   1.00 23.83 ? 23  GLU A O    1 
ATOM   196  C CB   . GLU A 1 22  ? -5.005  -7.837  9.098   1.00 26.44 ? 23  GLU A CB   1 
ATOM   197  C CG   . GLU A 1 22  ? -5.210  -7.681  10.593  1.00 32.44 ? 23  GLU A CG   1 
ATOM   198  C CD   . GLU A 1 22  ? -4.705  -8.863  11.364  1.00 37.92 ? 23  GLU A CD   1 
ATOM   199  O OE1  . GLU A 1 22  ? -5.022  -9.994  10.991  1.00 39.41 ? 23  GLU A OE1  1 
ATOM   200  O OE2  . GLU A 1 22  ? -3.923  -8.676  12.284  1.00 41.97 ? 23  GLU A OE2  1 
ATOM   201  H H    . GLU A 1 22  ? -4.737  -7.252  6.578   1.00 0.00  ? 23  GLU A H    1 
ATOM   202  N N    . LEU A 1 23  ? -4.356  -4.523  9.602   1.00 19.76 ? 24  LEU A N    1 
ATOM   203  C CA   . LEU A 1 23  ? -3.319  -3.584  9.940   1.00 21.21 ? 24  LEU A CA   1 
ATOM   204  C C    . LEU A 1 23  ? -2.885  -3.894  11.358  1.00 22.33 ? 24  LEU A C    1 
ATOM   205  O O    . LEU A 1 23  ? -3.705  -3.937  12.289  1.00 20.95 ? 24  LEU A O    1 
ATOM   206  C CB   . LEU A 1 23  ? -3.846  -2.155  9.866   1.00 21.65 ? 24  LEU A CB   1 
ATOM   207  C CG   . LEU A 1 23  ? -4.484  -1.691  8.563   1.00 21.64 ? 24  LEU A CG   1 
ATOM   208  C CD1  . LEU A 1 23  ? -4.960  -0.262  8.733   1.00 22.10 ? 24  LEU A CD1  1 
ATOM   209  C CD2  . LEU A 1 23  ? -3.489  -1.808  7.414   1.00 20.91 ? 24  LEU A CD2  1 
ATOM   210  H H    . LEU A 1 23  ? -5.228  -4.446  10.048  1.00 0.00  ? 24  LEU A H    1 
ATOM   211  N N    . PHE A 1 24  ? -1.575  -4.030  11.542  1.00 22.97 ? 25  PHE A N    1 
ATOM   212  C CA   . PHE A 1 24  ? -1.021  -4.383  12.838  1.00 25.35 ? 25  PHE A CA   1 
ATOM   213  C C    . PHE A 1 24  ? -0.845  -3.183  13.772  1.00 25.88 ? 25  PHE A C    1 
ATOM   214  O O    . PHE A 1 24  ? 0.262   -2.808  14.177  1.00 24.11 ? 25  PHE A O    1 
ATOM   215  C CB   . PHE A 1 24  ? 0.316   -5.090  12.632  1.00 25.29 ? 25  PHE A CB   1 
ATOM   216  C CG   . PHE A 1 24  ? 0.228   -6.297  11.718  1.00 27.24 ? 25  PHE A CG   1 
ATOM   217  C CD1  . PHE A 1 24  ? -0.759  -7.273  11.911  1.00 28.43 ? 25  PHE A CD1  1 
ATOM   218  C CD2  . PHE A 1 24  ? 1.146   -6.422  10.670  1.00 26.95 ? 25  PHE A CD2  1 
ATOM   219  C CE1  . PHE A 1 24  ? -0.818  -8.363  11.036  1.00 29.64 ? 25  PHE A CE1  1 
ATOM   220  C CE2  . PHE A 1 24  ? 1.081   -7.519  9.805   1.00 28.68 ? 25  PHE A CE2  1 
ATOM   221  C CZ   . PHE A 1 24  ? 0.097   -8.487  9.985   1.00 28.54 ? 25  PHE A CZ   1 
ATOM   222  H H    . PHE A 1 24  ? -0.962  -3.834  10.803  1.00 0.00  ? 25  PHE A H    1 
ATOM   223  N N    . ALA A 1 25  ? -1.970  -2.603  14.189  1.00 24.60 ? 26  ALA A N    1 
ATOM   224  C CA   . ALA A 1 25  ? -1.995  -1.448  15.072  1.00 25.95 ? 26  ALA A CA   1 
ATOM   225  C C    . ALA A 1 25  ? -1.429  -1.803  16.428  1.00 26.75 ? 26  ALA A C    1 
ATOM   226  O O    . ALA A 1 25  ? -0.908  -0.940  17.125  1.00 27.89 ? 26  ALA A O    1 
ATOM   227  C CB   . ALA A 1 25  ? -3.409  -0.957  15.274  1.00 26.54 ? 26  ALA A CB   1 
ATOM   228  H H    . ALA A 1 25  ? -2.821  -3.016  13.921  1.00 0.00  ? 26  ALA A H    1 
ATOM   229  N N    . ASP A 1 26  ? -1.485  -3.081  16.815  1.00 30.62 ? 27  ASP A N    1 
ATOM   230  C CA   . ASP A 1 26  ? -0.859  -3.562  18.036  1.00 31.63 ? 27  ASP A CA   1 
ATOM   231  C C    . ASP A 1 26  ? 0.661   -3.430  17.970  1.00 32.33 ? 27  ASP A C    1 
ATOM   232  O O    . ASP A 1 26  ? 1.268   -2.990  18.949  1.00 34.92 ? 27  ASP A O    1 
ATOM   233  C CB   . ASP A 1 26  ? -1.246  -5.015  18.251  1.00 32.50 ? 27  ASP A CB   1 
ATOM   234  C CG   . ASP A 1 26  ? -0.918  -6.006  17.153  1.00 34.72 ? 27  ASP A CG   1 
ATOM   235  O OD1  . ASP A 1 26  ? -0.432  -5.674  16.074  1.00 36.32 ? 27  ASP A OD1  1 
ATOM   236  O OD2  . ASP A 1 26  ? -1.086  -7.197  17.355  1.00 40.14 ? 27  ASP A OD2  1 
ATOM   237  H H    . ASP A 1 26  ? -1.964  -3.736  16.263  1.00 0.00  ? 27  ASP A H    1 
ATOM   238  N N    . LYS A 1 27  ? 1.313   -3.714  16.836  1.00 31.90 ? 28  LYS A N    1 
ATOM   239  C CA   . LYS A 1 27  ? 2.764   -3.578  16.721  1.00 33.51 ? 28  LYS A CA   1 
ATOM   240  C C    . LYS A 1 27  ? 3.275   -2.258  16.142  1.00 30.20 ? 28  LYS A C    1 
ATOM   241  O O    . LYS A 1 27  ? 4.317   -1.751  16.576  1.00 29.09 ? 28  LYS A O    1 
ATOM   242  C CB   . LYS A 1 27  ? 3.318   -4.748  15.889  1.00 35.01 ? 28  LYS A CB   1 
ATOM   243  C CG   . LYS A 1 27  ? 3.218   -6.015  16.731  1.00 39.97 ? 28  LYS A CG   1 
ATOM   244  C CD   . LYS A 1 27  ? 3.349   -7.292  15.911  1.00 46.94 ? 28  LYS A CD   1 
ATOM   245  C CE   . LYS A 1 27  ? 2.312   -8.349  16.361  1.00 50.80 ? 28  LYS A CE   1 
ATOM   246  N NZ   . LYS A 1 27  ? 0.957   -7.998  15.945  1.00 53.97 ? 28  LYS A NZ   1 
ATOM   247  H H    . LYS A 1 27  ? 0.779   -3.978  16.056  1.00 0.00  ? 28  LYS A H    1 
ATOM   248  H HZ1  . LYS A 1 27  ? 0.744   -7.031  16.267  1.00 0.00  ? 28  LYS A HZ1  1 
ATOM   249  H HZ2  . LYS A 1 27  ? 0.775   -8.008  14.930  1.00 0.00  ? 28  LYS A HZ2  1 
ATOM   250  H HZ3  . LYS A 1 27  ? 0.200   -8.510  16.447  1.00 0.00  ? 28  LYS A HZ3  1 
ATOM   251  N N    . VAL A 1 28  ? 2.585   -1.640  15.190  1.00 25.57 ? 29  VAL A N    1 
ATOM   252  C CA   . VAL A 1 28  ? 3.037   -0.397  14.574  1.00 25.65 ? 29  VAL A CA   1 
ATOM   253  C C    . VAL A 1 28  ? 1.875   0.592   14.596  1.00 24.86 ? 29  VAL A C    1 
ATOM   254  O O    . VAL A 1 28  ? 1.343   0.974   13.542  1.00 22.14 ? 29  VAL A O    1 
ATOM   255  C CB   . VAL A 1 28  ? 3.512   -0.592  13.064  1.00 25.35 ? 29  VAL A CB   1 
ATOM   256  C CG1  . VAL A 1 28  ? 5.006   -0.504  12.997  1.00 27.34 ? 29  VAL A CG1  1 
ATOM   257  C CG2  . VAL A 1 28  ? 3.111   -1.936  12.506  1.00 27.92 ? 29  VAL A CG2  1 
ATOM   258  H H    . VAL A 1 28  ? 1.723   -2.001  14.917  1.00 0.00  ? 29  VAL A H    1 
ATOM   259  N N    . PRO A 1 29  ? 1.394   1.035   15.766  1.00 24.66 ? 30  PRO A N    1 
ATOM   260  C CA   . PRO A 1 29  ? 0.224   1.897   15.853  1.00 25.23 ? 30  PRO A CA   1 
ATOM   261  C C    . PRO A 1 29  ? 0.216   3.173   15.023  1.00 23.70 ? 30  PRO A C    1 
ATOM   262  O O    . PRO A 1 29  ? -0.803  3.461   14.363  1.00 23.04 ? 30  PRO A O    1 
ATOM   263  C CB   . PRO A 1 29  ? 0.093   2.179   17.340  1.00 26.99 ? 30  PRO A CB   1 
ATOM   264  C CG   . PRO A 1 29  ? 1.477   1.936   17.889  1.00 26.31 ? 30  PRO A CG   1 
ATOM   265  C CD   . PRO A 1 29  ? 1.936   0.736   17.091  1.00 23.64 ? 30  PRO A CD   1 
ATOM   266  N N    . LYS A 1 30  ? 1.309   3.937   14.995  1.00 22.01 ? 31  LYS A N    1 
ATOM   267  C CA   . LYS A 1 30  ? 1.334   5.209   14.289  1.00 22.65 ? 31  LYS A CA   1 
ATOM   268  C C    . LYS A 1 30  ? 1.238   4.980   12.774  1.00 22.82 ? 31  LYS A C    1 
ATOM   269  O O    . LYS A 1 30  ? 0.473   5.676   12.085  1.00 22.64 ? 31  LYS A O    1 
ATOM   270  C CB   . LYS A 1 30  ? 2.632   5.964   14.636  1.00 22.30 ? 31  LYS A CB   1 
ATOM   271  C CG   . LYS A 1 30  ? 2.662   7.457   14.297  1.00 24.77 ? 31  LYS A CG   1 
ATOM   272  C CD   . LYS A 1 30  ? 4.031   8.122   14.475  1.00 26.75 ? 31  LYS A CD   1 
ATOM   273  C CE   . LYS A 1 30  ? 3.898   9.632   14.275  1.00 27.61 ? 31  LYS A CE   1 
ATOM   274  N NZ   . LYS A 1 30  ? 5.169   10.324  14.311  1.00 30.76 ? 31  LYS A NZ   1 
ATOM   275  H H    . LYS A 1 30  ? 2.150   3.593   15.366  1.00 0.00  ? 31  LYS A H    1 
ATOM   276  H HZ1  . LYS A 1 30  ? 5.817   9.989   15.056  1.00 0.00  ? 31  LYS A HZ1  1 
ATOM   277  H HZ2  . LYS A 1 30  ? 5.755   10.146  13.466  1.00 0.00  ? 31  LYS A HZ2  1 
ATOM   278  H HZ3  . LYS A 1 30  ? 5.077   11.357  14.351  1.00 0.00  ? 31  LYS A HZ3  1 
ATOM   279  N N    . THR A 1 31  ? 1.962   3.996   12.245  1.00 21.66 ? 32  THR A N    1 
ATOM   280  C CA   . THR A 1 31  ? 1.976   3.682   10.821  1.00 23.30 ? 32  THR A CA   1 
ATOM   281  C C    . THR A 1 31  ? 0.632   3.102   10.400  1.00 22.25 ? 32  THR A C    1 
ATOM   282  O O    . THR A 1 31  ? 0.073   3.517   9.381   1.00 20.05 ? 32  THR A O    1 
ATOM   283  C CB   . THR A 1 31  ? 3.145   2.684   10.526  1.00 23.23 ? 32  THR A CB   1 
ATOM   284  O OG1  . THR A 1 31  ? 4.347   3.284   11.025  1.00 23.47 ? 32  THR A OG1  1 
ATOM   285  C CG2  . THR A 1 31  ? 3.290   2.357   9.043   1.00 19.32 ? 32  THR A CG2  1 
ATOM   286  H H    . THR A 1 31  ? 2.564   3.490   12.825  1.00 0.00  ? 32  THR A H    1 
ATOM   287  H HG1  . THR A 1 31  ? 4.706   2.715   11.722  1.00 0.00  ? 32  THR A HG1  1 
ATOM   288  N N    . ALA A 1 32  ? 0.077   2.165   11.190  1.00 21.06 ? 33  ALA A N    1 
ATOM   289  C CA   . ALA A 1 32  ? -1.204  1.564   10.870  1.00 20.22 ? 33  ALA A CA   1 
ATOM   290  C C    . ALA A 1 32  ? -2.318  2.619   10.871  1.00 21.40 ? 33  ALA A C    1 
ATOM   291  O O    . ALA A 1 32  ? -3.134  2.646   9.950   1.00 22.42 ? 33  ALA A O    1 
ATOM   292  C CB   . ALA A 1 32  ? -1.528  0.480   11.884  1.00 18.62 ? 33  ALA A CB   1 
ATOM   293  H H    . ALA A 1 32  ? 0.569   1.862   11.985  1.00 0.00  ? 33  ALA A H    1 
ATOM   294  N N    . GLU A 1 33  ? -2.331  3.563   11.815  1.00 21.00 ? 34  GLU A N    1 
ATOM   295  C CA   . GLU A 1 33  ? -3.365  4.566   11.881  1.00 21.83 ? 34  GLU A CA   1 
ATOM   296  C C    . GLU A 1 33  ? -3.300  5.484   10.663  1.00 23.56 ? 34  GLU A C    1 
ATOM   297  O O    . GLU A 1 33  ? -4.346  5.836   10.109  1.00 23.91 ? 34  GLU A O    1 
ATOM   298  C CB   . GLU A 1 33  ? -3.195  5.346   13.178  1.00 24.38 ? 34  GLU A CB   1 
ATOM   299  C CG   . GLU A 1 33  ? -4.156  6.534   13.399  1.00 24.84 ? 34  GLU A CG   1 
ATOM   300  C CD   . GLU A 1 33  ? -5.663  6.282   13.333  1.00 26.50 ? 34  GLU A CD   1 
ATOM   301  O OE1  . GLU A 1 33  ? -6.119  5.154   13.526  1.00 26.60 ? 34  GLU A OE1  1 
ATOM   302  O OE2  . GLU A 1 33  ? -6.413  7.226   13.061  1.00 29.24 ? 34  GLU A OE2  1 
ATOM   303  H H    . GLU A 1 33  ? -1.619  3.578   12.489  1.00 0.00  ? 34  GLU A H    1 
ATOM   304  N N    . ASN A 1 34  ? -2.097  5.836   10.188  1.00 19.83 ? 35  ASN A N    1 
ATOM   305  C CA   . ASN A 1 34  ? -1.978  6.679   9.005   1.00 20.46 ? 35  ASN A CA   1 
ATOM   306  C C    . ASN A 1 34  ? -2.674  6.009   7.812   1.00 20.04 ? 35  ASN A C    1 
ATOM   307  O O    . ASN A 1 34  ? -3.564  6.588   7.181   1.00 20.65 ? 35  ASN A O    1 
ATOM   308  C CB   . ASN A 1 34  ? -0.510  6.919   8.681   1.00 19.18 ? 35  ASN A CB   1 
ATOM   309  C CG   . ASN A 1 34  ? -0.282  7.712   7.401   1.00 21.48 ? 35  ASN A CG   1 
ATOM   310  O OD1  . ASN A 1 34  ? -0.733  8.851   7.262   1.00 23.68 ? 35  ASN A OD1  1 
ATOM   311  N ND2  . ASN A 1 34  ? 0.433   7.144   6.441   1.00 19.57 ? 35  ASN A ND2  1 
ATOM   312  H H    . ASN A 1 34  ? -1.294  5.536   10.663  1.00 0.00  ? 35  ASN A H    1 
ATOM   313  H HD21 . ASN A 1 34  ? 0.631   7.655   5.628   1.00 0.00  ? 35  ASN A HD21 1 
ATOM   314  H HD22 . ASN A 1 34  ? 0.756   6.226   6.601   1.00 0.00  ? 35  ASN A HD22 1 
ATOM   315  N N    . PHE A 1 35  ? -2.382  4.728   7.573   1.00 18.99 ? 36  PHE A N    1 
ATOM   316  C CA   . PHE A 1 35  ? -3.004  3.994   6.491   1.00 19.78 ? 36  PHE A CA   1 
ATOM   317  C C    . PHE A 1 35  ? -4.519  3.866   6.701   1.00 18.61 ? 36  PHE A C    1 
ATOM   318  O O    . PHE A 1 35  ? -5.277  4.057   5.737   1.00 19.86 ? 36  PHE A O    1 
ATOM   319  C CB   . PHE A 1 35  ? -2.378  2.604   6.398   1.00 18.55 ? 36  PHE A CB   1 
ATOM   320  C CG   . PHE A 1 35  ? -2.731  1.846   5.109   1.00 18.00 ? 36  PHE A CG   1 
ATOM   321  C CD1  . PHE A 1 35  ? -1.949  2.031   3.958   1.00 18.93 ? 36  PHE A CD1  1 
ATOM   322  C CD2  . PHE A 1 35  ? -3.791  0.930   5.088   1.00 18.53 ? 36  PHE A CD2  1 
ATOM   323  C CE1  . PHE A 1 35  ? -2.209  1.285   2.810   1.00 17.82 ? 36  PHE A CE1  1 
ATOM   324  C CE2  . PHE A 1 35  ? -4.046  0.188   3.933   1.00 18.59 ? 36  PHE A CE2  1 
ATOM   325  C CZ   . PHE A 1 35  ? -3.258  0.359   2.797   1.00 19.33 ? 36  PHE A CZ   1 
ATOM   326  H H    . PHE A 1 35  ? -1.738  4.278   8.158   1.00 0.00  ? 36  PHE A H    1 
ATOM   327  N N    . ARG A 1 36  ? -4.980  3.548   7.915   1.00 18.98 ? 37  ARG A N    1 
ATOM   328  C CA   . ARG A 1 36  ? -6.402  3.392   8.205   1.00 21.72 ? 37  ARG A CA   1 
ATOM   329  C C    . ARG A 1 36  ? -7.156  4.674   7.882   1.00 22.61 ? 37  ARG A C    1 
ATOM   330  O O    . ARG A 1 36  ? -8.165  4.628   7.163   1.00 23.41 ? 37  ARG A O    1 
ATOM   331  C CB   . ARG A 1 36  ? -6.638  3.063   9.670   1.00 21.48 ? 37  ARG A CB   1 
ATOM   332  C CG   . ARG A 1 36  ? -8.102  2.674   9.938   1.00 22.32 ? 37  ARG A CG   1 
ATOM   333  C CD   . ARG A 1 36  ? -8.449  2.815   11.424  1.00 22.92 ? 37  ARG A CD   1 
ATOM   334  N NE   . ARG A 1 36  ? -8.279  4.194   11.864  1.00 23.99 ? 37  ARG A NE   1 
ATOM   335  C CZ   . ARG A 1 36  ? -9.127  5.190   11.557  1.00 23.66 ? 37  ARG A CZ   1 
ATOM   336  N NH1  . ARG A 1 36  ? -10.262 4.975   10.872  1.00 25.10 ? 37  ARG A NH1  1 
ATOM   337  N NH2  . ARG A 1 36  ? -8.846  6.417   11.980  1.00 22.98 ? 37  ARG A NH2  1 
ATOM   338  H H    . ARG A 1 36  ? -4.338  3.408   8.640   1.00 0.00  ? 37  ARG A H    1 
ATOM   339  H HE   . ARG A 1 36  ? -7.463  4.409   12.376  1.00 0.00  ? 37  ARG A HE   1 
ATOM   340  H HH11 . ARG A 1 36  ? -10.579 4.062   10.581  1.00 0.00  ? 37  ARG A HH11 1 
ATOM   341  H HH12 . ARG A 1 36  ? -10.848 5.766   10.641  1.00 0.00  ? 37  ARG A HH12 1 
ATOM   342  H HH21 . ARG A 1 36  ? -8.017  6.585   12.540  1.00 0.00  ? 37  ARG A HH21 1 
ATOM   343  H HH22 . ARG A 1 36  ? -9.462  7.193   11.788  1.00 0.00  ? 37  ARG A HH22 1 
ATOM   344  N N    . ALA A 1 37  ? -6.625  5.812   8.352   1.00 22.60 ? 38  ALA A N    1 
ATOM   345  C CA   . ALA A 1 37  ? -7.228  7.112   8.139   1.00 22.51 ? 38  ALA A CA   1 
ATOM   346  C C    . ALA A 1 37  ? -7.187  7.523   6.675   1.00 24.55 ? 38  ALA A C    1 
ATOM   347  O O    . ALA A 1 37  ? -8.128  8.157   6.177   1.00 27.01 ? 38  ALA A O    1 
ATOM   348  C CB   . ALA A 1 37  ? -6.506  8.178   8.954   1.00 20.97 ? 38  ALA A CB   1 
ATOM   349  H H    . ALA A 1 37  ? -5.790  5.762   8.865   1.00 0.00  ? 38  ALA A H    1 
ATOM   350  N N    . LEU A 1 38  ? -6.130  7.171   5.930   1.00 21.63 ? 39  LEU A N    1 
ATOM   351  C CA   . LEU A 1 38  ? -6.084  7.504   4.520   1.00 20.25 ? 39  LEU A CA   1 
ATOM   352  C C    . LEU A 1 38  ? -7.053  6.653   3.725   1.00 20.51 ? 39  LEU A C    1 
ATOM   353  O O    . LEU A 1 38  ? -7.519  7.100   2.677   1.00 21.51 ? 39  LEU A O    1 
ATOM   354  C CB   . LEU A 1 38  ? -4.653  7.342   3.991   1.00 19.82 ? 39  LEU A CB   1 
ATOM   355  C CG   . LEU A 1 38  ? -3.631  8.372   4.518   1.00 20.49 ? 39  LEU A CG   1 
ATOM   356  C CD1  . LEU A 1 38  ? -2.229  8.011   4.055   1.00 20.04 ? 39  LEU A CD1  1 
ATOM   357  C CD2  . LEU A 1 38  ? -3.980  9.760   4.019   1.00 19.46 ? 39  LEU A CD2  1 
ATOM   358  H H    . LEU A 1 38  ? -5.361  6.723   6.348   1.00 0.00  ? 39  LEU A H    1 
ATOM   359  N N    . SER A 1 39  ? -7.392  5.457   4.216   1.00 20.27 ? 40  SER A N    1 
ATOM   360  C CA   . SER A 1 39  ? -8.375  4.587   3.592   1.00 22.58 ? 40  SER A CA   1 
ATOM   361  C C    . SER A 1 39  ? -9.817  5.032   3.833   1.00 24.38 ? 40  SER A C    1 
ATOM   362  O O    . SER A 1 39  ? -10.706 4.759   3.017   1.00 24.11 ? 40  SER A O    1 
ATOM   363  C CB   . SER A 1 39  ? -8.221  3.173   4.115   1.00 21.24 ? 40  SER A CB   1 
ATOM   364  O OG   . SER A 1 39  ? -6.916  2.691   3.816   1.00 24.38 ? 40  SER A OG   1 
ATOM   365  H H    . SER A 1 39  ? -6.937  5.119   5.015   1.00 0.00  ? 40  SER A H    1 
ATOM   366  H HG   . SER A 1 39  ? -6.263  3.171   4.339   1.00 0.00  ? 40  SER A HG   1 
ATOM   367  N N    . THR A 1 40  ? -10.116 5.643   4.984   1.00 24.65 ? 41  THR A N    1 
ATOM   368  C CA   . THR A 1 40  ? -11.470 6.132   5.225   1.00 26.06 ? 41  THR A CA   1 
ATOM   369  C C    . THR A 1 40  ? -11.626 7.532   4.633   1.00 26.83 ? 41  THR A C    1 
ATOM   370  O O    . THR A 1 40  ? -12.729 8.007   4.376   1.00 29.26 ? 41  THR A O    1 
ATOM   371  C CB   . THR A 1 40  ? -11.775 6.187   6.743   1.00 24.05 ? 41  THR A CB   1 
ATOM   372  O OG1  . THR A 1 40  ? -10.899 7.149   7.325   1.00 23.72 ? 41  THR A OG1  1 
ATOM   373  C CG2  . THR A 1 40  ? -11.676 4.809   7.383   1.00 22.51 ? 41  THR A CG2  1 
ATOM   374  H H    . THR A 1 40  ? -9.450  5.742   5.694   1.00 0.00  ? 41  THR A H    1 
ATOM   375  H HG1  . THR A 1 40  ? -11.061 7.161   8.283   1.00 0.00  ? 41  THR A HG1  1 
ATOM   376  N N    . GLY A 1 41  ? -10.532 8.259   4.488   1.00 26.11 ? 42  GLY A N    1 
ATOM   377  C CA   . GLY A 1 41  ? -10.588 9.610   3.984   1.00 26.23 ? 42  GLY A CA   1 
ATOM   378  C C    . GLY A 1 41  ? -11.092 10.555  5.068   1.00 28.74 ? 42  GLY A C    1 
ATOM   379  O O    . GLY A 1 41  ? -11.369 11.726  4.773   1.00 29.30 ? 42  GLY A O    1 
ATOM   380  H H    . GLY A 1 41  ? -9.674  7.890   4.783   1.00 0.00  ? 42  GLY A H    1 
ATOM   381  N N    . GLU A 1 42  ? -11.141 10.093  6.332   1.00 28.16 ? 43  GLU A N    1 
ATOM   382  C CA   . GLU A 1 42  ? -11.681 10.900  7.407   1.00 31.34 ? 43  GLU A CA   1 
ATOM   383  C C    . GLU A 1 42  ? -10.961 12.210  7.729   1.00 33.31 ? 43  GLU A C    1 
ATOM   384  O O    . GLU A 1 42  ? -11.564 13.094  8.327   1.00 36.92 ? 43  GLU A O    1 
ATOM   385  C CB   . GLU A 1 42  ? -11.755 10.045  8.653   1.00 31.31 ? 43  GLU A CB   1 
ATOM   386  C CG   . GLU A 1 42  ? -10.406 9.663   9.217   1.00 30.84 ? 43  GLU A CG   1 
ATOM   387  C CD   . GLU A 1 42  ? -10.536 8.675   10.345  1.00 34.22 ? 43  GLU A CD   1 
ATOM   388  O OE1  . GLU A 1 42  ? -11.095 7.590   10.158  1.00 31.92 ? 43  GLU A OE1  1 
ATOM   389  O OE2  . GLU A 1 42  ? -9.981  8.950   11.410  1.00 36.86 ? 43  GLU A OE2  1 
ATOM   390  H H    . GLU A 1 42  ? -10.841 9.178   6.534   1.00 0.00  ? 43  GLU A H    1 
ATOM   391  N N    . LYS A 1 43  ? -9.702  12.451  7.380   1.00 34.06 ? 44  LYS A N    1 
ATOM   392  C CA   . LYS A 1 43  ? -9.075  13.737  7.638   1.00 34.41 ? 44  LYS A CA   1 
ATOM   393  C C    . LYS A 1 43  ? -9.279  14.641  6.415   1.00 34.50 ? 44  LYS A C    1 
ATOM   394  O O    . LYS A 1 43  ? -8.673  15.715  6.319   1.00 36.16 ? 44  LYS A O    1 
ATOM   395  C CB   . LYS A 1 43  ? -7.563  13.561  7.909   1.00 37.87 ? 44  LYS A CB   1 
ATOM   396  C CG   . LYS A 1 43  ? -7.131  12.567  8.991   1.00 40.56 ? 44  LYS A CG   1 
ATOM   397  C CD   . LYS A 1 43  ? -7.652  12.871  10.391  1.00 45.69 ? 44  LYS A CD   1 
ATOM   398  C CE   . LYS A 1 43  ? -7.205  11.796  11.412  1.00 52.10 ? 44  LYS A CE   1 
ATOM   399  N NZ   . LYS A 1 43  ? -7.765  10.454  11.218  1.00 57.71 ? 44  LYS A NZ   1 
ATOM   400  H H    . LYS A 1 43  ? -9.206  11.761  6.892   1.00 0.00  ? 44  LYS A H    1 
ATOM   401  H HZ1  . LYS A 1 43  ? -7.583  10.086  10.269  1.00 0.00  ? 44  LYS A HZ1  1 
ATOM   402  H HZ2  . LYS A 1 43  ? -7.375  9.765   11.900  1.00 0.00  ? 44  LYS A HZ2  1 
ATOM   403  H HZ3  . LYS A 1 43  ? -8.808  10.418  11.337  1.00 0.00  ? 44  LYS A HZ3  1 
ATOM   404  N N    . GLY A 1 44  ? -10.092 14.247  5.426   1.00 31.21 ? 45  GLY A N    1 
ATOM   405  C CA   . GLY A 1 44  ? -10.344 15.098  4.281   1.00 28.62 ? 45  GLY A CA   1 
ATOM   406  C C    . GLY A 1 44  ? -9.470  14.804  3.069   1.00 30.77 ? 45  GLY A C    1 
ATOM   407  O O    . GLY A 1 44  ? -9.558  15.514  2.072   1.00 34.02 ? 45  GLY A O    1 
ATOM   408  H H    . GLY A 1 44  ? -10.538 13.376  5.476   1.00 0.00  ? 45  GLY A H    1 
ATOM   409  N N    . PHE A 1 45  ? -8.610  13.785  3.082   1.00 27.98 ? 46  PHE A N    1 
ATOM   410  C CA   . PHE A 1 45  ? -7.842  13.401  1.899   1.00 23.14 ? 46  PHE A CA   1 
ATOM   411  C C    . PHE A 1 45  ? -7.496  11.939  2.071   1.00 21.97 ? 46  PHE A C    1 
ATOM   412  O O    . PHE A 1 45  ? -7.617  11.422  3.195   1.00 22.63 ? 46  PHE A O    1 
ATOM   413  C CB   . PHE A 1 45  ? -6.549  14.212  1.763   1.00 24.75 ? 46  PHE A CB   1 
ATOM   414  C CG   . PHE A 1 45  ? -5.696  14.274  3.016   1.00 28.42 ? 46  PHE A CG   1 
ATOM   415  C CD1  . PHE A 1 45  ? -5.970  15.239  3.991   1.00 30.92 ? 46  PHE A CD1  1 
ATOM   416  C CD2  . PHE A 1 45  ? -4.637  13.382  3.191   1.00 28.33 ? 46  PHE A CD2  1 
ATOM   417  C CE1  . PHE A 1 45  ? -5.180  15.290  5.147   1.00 32.59 ? 46  PHE A CE1  1 
ATOM   418  C CE2  . PHE A 1 45  ? -3.847  13.455  4.344   1.00 31.40 ? 46  PHE A CE2  1 
ATOM   419  C CZ   . PHE A 1 45  ? -4.117  14.403  5.326   1.00 31.83 ? 46  PHE A CZ   1 
ATOM   420  H H    . PHE A 1 45  ? -8.488  13.251  3.894   1.00 0.00  ? 46  PHE A H    1 
ATOM   421  N N    . GLY A 1 46  ? -7.036  11.253  1.030   1.00 20.64 ? 47  GLY A N    1 
ATOM   422  C CA   . GLY A 1 46  ? -6.782  9.841   1.197   1.00 20.95 ? 47  GLY A CA   1 
ATOM   423  C C    . GLY A 1 46  ? -6.713  9.125   -0.119  1.00 19.45 ? 47  GLY A C    1 
ATOM   424  O O    . GLY A 1 46  ? -6.561  9.741   -1.182  1.00 20.29 ? 47  GLY A O    1 
ATOM   425  H H    . GLY A 1 46  ? -6.940  11.654  0.135   1.00 0.00  ? 47  GLY A H    1 
ATOM   426  N N    . TYR A 1 47  ? -6.883  7.807   -0.050  1.00 19.46 ? 48  TYR A N    1 
ATOM   427  C CA   . TYR A 1 47  ? -6.614  6.952   -1.195  1.00 18.47 ? 48  TYR A CA   1 
ATOM   428  C C    . TYR A 1 47  ? -7.735  6.774   -2.200  1.00 18.85 ? 48  TYR A C    1 
ATOM   429  O O    . TYR A 1 47  ? -7.436  6.314   -3.308  1.00 18.34 ? 48  TYR A O    1 
ATOM   430  C CB   . TYR A 1 47  ? -6.206  5.530   -0.745  1.00 18.28 ? 48  TYR A CB   1 
ATOM   431  C CG   . TYR A 1 47  ? -4.968  5.431   0.132   1.00 17.06 ? 48  TYR A CG   1 
ATOM   432  C CD1  . TYR A 1 47  ? -3.786  6.070   -0.261  1.00 19.29 ? 48  TYR A CD1  1 
ATOM   433  C CD2  . TYR A 1 47  ? -5.004  4.636   1.279   1.00 17.34 ? 48  TYR A CD2  1 
ATOM   434  C CE1  . TYR A 1 47  ? -2.619  5.883   0.487   1.00 20.35 ? 48  TYR A CE1  1 
ATOM   435  C CE2  . TYR A 1 47  ? -3.844  4.457   2.042   1.00 19.14 ? 48  TYR A CE2  1 
ATOM   436  C CZ   . TYR A 1 47  ? -2.654  5.083   1.635   1.00 20.54 ? 48  TYR A CZ   1 
ATOM   437  O OH   . TYR A 1 47  ? -1.500  4.924   2.383   1.00 19.61 ? 48  TYR A OH   1 
ATOM   438  H H    . TYR A 1 47  ? -7.342  7.442   0.736   1.00 0.00  ? 48  TYR A H    1 
ATOM   439  H HH   . TYR A 1 47  ? -0.742  5.129   1.828   1.00 0.00  ? 48  TYR A HH   1 
ATOM   440  N N    . LYS A 1 48  ? -9.003  7.075   -1.914  1.00 20.25 ? 49  LYS A N    1 
ATOM   441  C CA   . LYS A 1 48  ? -10.069 6.793   -2.872  1.00 19.99 ? 49  LYS A CA   1 
ATOM   442  C C    . LYS A 1 48  ? -9.830  7.556   -4.162  1.00 18.48 ? 49  LYS A C    1 
ATOM   443  O O    . LYS A 1 48  ? -9.586  8.765   -4.177  1.00 21.38 ? 49  LYS A O    1 
ATOM   444  C CB   . LYS A 1 48  ? -11.422 7.177   -2.273  1.00 20.85 ? 49  LYS A CB   1 
ATOM   445  C CG   . LYS A 1 48  ? -12.554 6.776   -3.199  1.00 24.87 ? 49  LYS A CG   1 
ATOM   446  C CD   . LYS A 1 48  ? -13.874 7.073   -2.520  1.00 30.53 ? 49  LYS A CD   1 
ATOM   447  C CE   . LYS A 1 48  ? -15.042 6.907   -3.493  1.00 35.38 ? 49  LYS A CE   1 
ATOM   448  N NZ   . LYS A 1 48  ? -15.166 5.534   -3.935  1.00 42.33 ? 49  LYS A NZ   1 
ATOM   449  H H    . LYS A 1 48  ? -9.219  7.424   -1.019  1.00 0.00  ? 49  LYS A H    1 
ATOM   450  H HZ1  . LYS A 1 48  ? -15.245 4.919   -3.097  1.00 0.00  ? 49  LYS A HZ1  1 
ATOM   451  H HZ2  . LYS A 1 48  ? -16.003 5.378   -4.516  1.00 0.00  ? 49  LYS A HZ2  1 
ATOM   452  H HZ3  . LYS A 1 48  ? -14.334 5.225   -4.482  1.00 0.00  ? 49  LYS A HZ3  1 
ATOM   453  N N    . GLY A 1 49  ? -9.809  6.794   -5.242  1.00 19.85 ? 50  GLY A N    1 
ATOM   454  C CA   . GLY A 1 49  ? -9.600  7.317   -6.578  1.00 19.56 ? 50  GLY A CA   1 
ATOM   455  C C    . GLY A 1 49  ? -8.142  7.295   -7.037  1.00 22.90 ? 50  GLY A C    1 
ATOM   456  O O    . GLY A 1 49  ? -7.869  7.529   -8.226  1.00 22.79 ? 50  GLY A O    1 
ATOM   457  H H    . GLY A 1 49  ? -9.905  5.830   -5.123  1.00 0.00  ? 50  GLY A H    1 
ATOM   458  N N    . SER A 1 50  ? -7.186  7.027   -6.140  1.00 20.31 ? 51  SER A N    1 
ATOM   459  C CA   . SER A 1 50  ? -5.789  7.059   -6.551  1.00 21.60 ? 51  SER A CA   1 
ATOM   460  C C    . SER A 1 50  ? -5.390  5.783   -7.297  1.00 22.81 ? 51  SER A C    1 
ATOM   461  O O    . SER A 1 50  ? -6.144  4.798   -7.351  1.00 21.63 ? 51  SER A O    1 
ATOM   462  C CB   . SER A 1 50  ? -4.904  7.280   -5.311  1.00 19.32 ? 51  SER A CB   1 
ATOM   463  O OG   . SER A 1 50  ? -4.925  6.181   -4.412  1.00 22.96 ? 51  SER A OG   1 
ATOM   464  H H    . SER A 1 50  ? -7.420  6.806   -5.215  1.00 0.00  ? 51  SER A H    1 
ATOM   465  H HG   . SER A 1 50  ? -5.836  6.056   -4.128  1.00 0.00  ? 51  SER A HG   1 
ATOM   466  N N    . CYS A 1 51  ? -4.200  5.765   -7.898  1.00 24.63 ? 52  CYS A N    1 
ATOM   467  C CA   . CYS A 1 51  ? -3.783  4.616   -8.671  1.00 25.77 ? 52  CYS A CA   1 
ATOM   468  C C    . CYS A 1 51  ? -2.549  3.916   -8.147  1.00 22.26 ? 52  CYS A C    1 
ATOM   469  O O    . CYS A 1 51  ? -1.821  4.459   -7.315  1.00 23.11 ? 52  CYS A O    1 
ATOM   470  C CB   . CYS A 1 51  ? -3.536  5.066   -10.089 1.00 30.90 ? 52  CYS A CB   1 
ATOM   471  S SG   . CYS A 1 51  ? -2.006  6.014   -10.248 1.00 36.92 ? 52  CYS A SG   1 
ATOM   472  H H    . CYS A 1 51  ? -3.571  6.505   -7.764  1.00 0.00  ? 52  CYS A H    1 
ATOM   473  N N    . PHE A 1 52  ? -2.317  2.710   -8.650  1.00 22.17 ? 53  PHE A N    1 
ATOM   474  C CA   . PHE A 1 52  ? -1.094  1.964   -8.391  1.00 20.33 ? 53  PHE A CA   1 
ATOM   475  C C    . PHE A 1 52  ? -0.190  2.382   -9.529  1.00 21.01 ? 53  PHE A C    1 
ATOM   476  O O    . PHE A 1 52  ? -0.399  2.048   -10.693 1.00 24.81 ? 53  PHE A O    1 
ATOM   477  C CB   . PHE A 1 52  ? -1.307  0.461   -8.461  1.00 18.62 ? 53  PHE A CB   1 
ATOM   478  C CG   . PHE A 1 52  ? -1.910  -0.048  -7.162  1.00 23.18 ? 53  PHE A CG   1 
ATOM   479  C CD1  . PHE A 1 52  ? -3.281  0.140   -6.898  1.00 23.15 ? 53  PHE A CD1  1 
ATOM   480  C CD2  . PHE A 1 52  ? -1.080  -0.648  -6.200  1.00 22.19 ? 53  PHE A CD2  1 
ATOM   481  C CE1  . PHE A 1 52  ? -3.796  -0.231  -5.656  1.00 21.98 ? 53  PHE A CE1  1 
ATOM   482  C CE2  . PHE A 1 52  ? -1.613  -1.014  -4.964  1.00 21.83 ? 53  PHE A CE2  1 
ATOM   483  C CZ   . PHE A 1 52  ? -2.966  -0.795  -4.687  1.00 22.26 ? 53  PHE A CZ   1 
ATOM   484  H H    . PHE A 1 52  ? -2.967  2.330   -9.280  1.00 0.00  ? 53  PHE A H    1 
ATOM   485  N N    . HIS A 1 53  ? 0.859   3.132   -9.192  1.00 18.66 ? 54  HIS A N    1 
ATOM   486  C CA   . HIS A 1 53  ? 1.689   3.676   -10.240 1.00 21.30 ? 54  HIS A CA   1 
ATOM   487  C C    . HIS A 1 53  ? 2.857   2.781   -10.625 1.00 21.83 ? 54  HIS A C    1 
ATOM   488  O O    . HIS A 1 53  ? 3.422   2.963   -11.701 1.00 22.12 ? 54  HIS A O    1 
ATOM   489  C CB   . HIS A 1 53  ? 2.206   5.069   -9.799  1.00 22.45 ? 54  HIS A CB   1 
ATOM   490  C CG   . HIS A 1 53  ? 3.049   5.056   -8.530  1.00 24.58 ? 54  HIS A CG   1 
ATOM   491  N ND1  . HIS A 1 53  ? 2.519   5.012   -7.315  1.00 25.00 ? 54  HIS A ND1  1 
ATOM   492  C CD2  . HIS A 1 53  ? 4.417   4.928   -8.415  1.00 24.06 ? 54  HIS A CD2  1 
ATOM   493  C CE1  . HIS A 1 53  ? 3.498   4.838   -6.456  1.00 27.29 ? 54  HIS A CE1  1 
ATOM   494  N NE2  . HIS A 1 53  ? 4.632   4.791   -7.131  1.00 26.48 ? 54  HIS A NE2  1 
ATOM   495  H H    . HIS A 1 53  ? 1.057   3.212   -8.241  1.00 0.00  ? 54  HIS A H    1 
ATOM   496  H HD1  . HIS A 1 53  ? 1.582   5.207   -7.076  1.00 0.00  ? 54  HIS A HD1  1 
ATOM   497  H HE2  . HIS A 1 53  ? 5.521   4.817   -6.711  1.00 0.00  ? 54  HIS A HE2  1 
ATOM   498  N N    . ARG A 1 54  ? 3.240   1.799   -9.818  1.00 20.65 ? 55  ARG A N    1 
ATOM   499  C CA   . ARG A 1 54  ? 4.451   1.037   -10.082 1.00 20.47 ? 55  ARG A CA   1 
ATOM   500  C C    . ARG A 1 54  ? 4.194   -0.409  -9.686  1.00 19.30 ? 55  ARG A C    1 
ATOM   501  O O    . ARG A 1 54  ? 3.985   -0.697  -8.502  1.00 19.81 ? 55  ARG A O    1 
ATOM   502  C CB   . ARG A 1 54  ? 5.575   1.678   -9.256  1.00 21.20 ? 55  ARG A CB   1 
ATOM   503  C CG   . ARG A 1 54  ? 6.924   0.959   -9.285  1.00 22.14 ? 55  ARG A CG   1 
ATOM   504  C CD   . ARG A 1 54  ? 7.935   1.804   -8.528  1.00 20.10 ? 55  ARG A CD   1 
ATOM   505  N NE   . ARG A 1 54  ? 9.181   1.098   -8.260  1.00 23.20 ? 55  ARG A NE   1 
ATOM   506  C CZ   . ARG A 1 54  ? 10.078  0.770   -9.214  1.00 24.59 ? 55  ARG A CZ   1 
ATOM   507  N NH1  . ARG A 1 54  ? 9.879   1.041   -10.509 1.00 24.41 ? 55  ARG A NH1  1 
ATOM   508  N NH2  . ARG A 1 54  ? 11.210  0.149   -8.895  1.00 25.28 ? 55  ARG A NH2  1 
ATOM   509  H H    . ARG A 1 54  ? 2.663   1.482   -9.079  1.00 0.00  ? 55  ARG A H    1 
ATOM   510  H HE   . ARG A 1 54  ? 9.328   0.815   -7.320  1.00 0.00  ? 55  ARG A HE   1 
ATOM   511  H HH11 . ARG A 1 54  ? 9.072   1.549   -10.845 1.00 0.00  ? 55  ARG A HH11 1 
ATOM   512  H HH12 . ARG A 1 54  ? 10.565  0.759   -11.197 1.00 0.00  ? 55  ARG A HH12 1 
ATOM   513  H HH21 . ARG A 1 54  ? 11.425  -0.057  -7.929  1.00 0.00  ? 55  ARG A HH21 1 
ATOM   514  H HH22 . ARG A 1 54  ? 11.869  -0.097  -9.625  1.00 0.00  ? 55  ARG A HH22 1 
ATOM   515  N N    . ILE A 1 55  ? 4.126   -1.325  -10.645 1.00 18.21 ? 56  ILE A N    1 
ATOM   516  C CA   . ILE A 1 55  ? 3.874   -2.729  -10.340 1.00 19.88 ? 56  ILE A CA   1 
ATOM   517  C C    . ILE A 1 55  ? 4.951   -3.528  -11.056 1.00 21.90 ? 56  ILE A C    1 
ATOM   518  O O    . ILE A 1 55  ? 5.121   -3.422  -12.283 1.00 20.33 ? 56  ILE A O    1 
ATOM   519  C CB   . ILE A 1 55  ? 2.473   -3.159  -10.840 1.00 19.98 ? 56  ILE A CB   1 
ATOM   520  C CG1  . ILE A 1 55  ? 1.383   -2.357  -10.108 1.00 20.42 ? 56  ILE A CG1  1 
ATOM   521  C CG2  . ILE A 1 55  ? 2.323   -4.670  -10.659 1.00 17.24 ? 56  ILE A CG2  1 
ATOM   522  C CD1  . ILE A 1 55  ? -0.051  -2.720  -10.572 1.00 21.36 ? 56  ILE A CD1  1 
ATOM   523  H H    . ILE A 1 55  ? 4.314   -1.064  -11.572 1.00 0.00  ? 56  ILE A H    1 
ATOM   524  N N    . ILE A 1 56  ? 5.711   -4.302  -10.286 1.00 21.50 ? 57  ILE A N    1 
ATOM   525  C CA   . ILE A 1 56  ? 6.787   -5.096  -10.843 1.00 20.43 ? 57  ILE A CA   1 
ATOM   526  C C    . ILE A 1 56  ? 6.453   -6.540  -10.517 1.00 18.66 ? 57  ILE A C    1 
ATOM   527  O O    . ILE A 1 56  ? 6.429   -6.972  -9.353  1.00 17.84 ? 57  ILE A O    1 
ATOM   528  C CB   . ILE A 1 56  ? 8.153   -4.691  -10.222 1.00 19.90 ? 57  ILE A CB   1 
ATOM   529  C CG1  . ILE A 1 56  ? 8.506   -3.255  -10.554 1.00 19.42 ? 57  ILE A CG1  1 
ATOM   530  C CG2  . ILE A 1 56  ? 9.223   -5.641  -10.786 1.00 20.97 ? 57  ILE A CG2  1 
ATOM   531  C CD1  . ILE A 1 56  ? 9.782   -2.763  -9.856  1.00 22.80 ? 57  ILE A CD1  1 
ATOM   532  H H    . ILE A 1 56  ? 5.514   -4.385  -9.328  1.00 0.00  ? 57  ILE A H    1 
ATOM   533  N N    . PRO A 1 57  ? 6.129   -7.298  -11.560 1.00 21.98 ? 58  PRO A N    1 
ATOM   534  C CA   . PRO A 1 57  ? 5.681   -8.679  -11.440 1.00 23.10 ? 58  PRO A CA   1 
ATOM   535  C C    . PRO A 1 57  ? 6.702   -9.559  -10.719 1.00 23.63 ? 58  PRO A C    1 
ATOM   536  O O    . PRO A 1 57  ? 7.908   -9.477  -10.951 1.00 25.18 ? 58  PRO A O    1 
ATOM   537  C CB   . PRO A 1 57  ? 5.416   -9.089  -12.876 1.00 23.60 ? 58  PRO A CB   1 
ATOM   538  C CG   . PRO A 1 57  ? 5.095   -7.793  -13.584 1.00 24.40 ? 58  PRO A CG   1 
ATOM   539  C CD   . PRO A 1 57  ? 6.099   -6.846  -12.948 1.00 21.61 ? 58  PRO A CD   1 
ATOM   540  N N    . GLY A 1 58  ? 6.237   -10.381 -9.803  1.00 23.18 ? 59  GLY A N    1 
ATOM   541  C CA   . GLY A 1 58  ? 7.085   -11.245 -9.018  1.00 23.72 ? 59  GLY A CA   1 
ATOM   542  C C    . GLY A 1 58  ? 7.723   -10.527 -7.838  1.00 24.16 ? 59  GLY A C    1 
ATOM   543  O O    . GLY A 1 58  ? 8.413   -11.174 -7.041  1.00 25.99 ? 59  GLY A O    1 
ATOM   544  H H    . GLY A 1 58  ? 5.278   -10.410 -9.654  1.00 0.00  ? 59  GLY A H    1 
ATOM   545  N N    . PHE A 1 59  ? 7.511   -9.213  -7.694  1.00 20.90 ? 60  PHE A N    1 
ATOM   546  C CA   . PHE A 1 59  ? 8.120   -8.466  -6.611  1.00 20.26 ? 60  PHE A CA   1 
ATOM   547  C C    . PHE A 1 59  ? 7.060   -7.723  -5.794  1.00 19.03 ? 60  PHE A C    1 
ATOM   548  O O    . PHE A 1 59  ? 6.818   -8.129  -4.647  1.00 18.53 ? 60  PHE A O    1 
ATOM   549  C CB   . PHE A 1 59  ? 9.170   -7.521  -7.226  1.00 18.02 ? 60  PHE A CB   1 
ATOM   550  C CG   . PHE A 1 59  ? 9.941   -6.609  -6.272  1.00 18.60 ? 60  PHE A CG   1 
ATOM   551  C CD1  . PHE A 1 59  ? 10.132  -6.932  -4.920  1.00 19.85 ? 60  PHE A CD1  1 
ATOM   552  C CD2  . PHE A 1 59  ? 10.436  -5.396  -6.764  1.00 18.05 ? 60  PHE A CD2  1 
ATOM   553  C CE1  . PHE A 1 59  ? 10.798  -6.041  -4.079  1.00 18.03 ? 60  PHE A CE1  1 
ATOM   554  C CE2  . PHE A 1 59  ? 11.107  -4.517  -5.914  1.00 18.31 ? 60  PHE A CE2  1 
ATOM   555  C CZ   . PHE A 1 59  ? 11.283  -4.840  -4.575  1.00 15.83 ? 60  PHE A CZ   1 
ATOM   556  H H    . PHE A 1 59  ? 6.893   -8.752  -8.293  1.00 0.00  ? 60  PHE A H    1 
ATOM   557  N N    . MET A 1 60  ? 6.399   -6.666  -6.303  1.00 20.35 ? 61  MET A N    1 
ATOM   558  C CA   . MET A 1 60  ? 5.426   -5.923  -5.500  1.00 18.50 ? 61  MET A CA   1 
ATOM   559  C C    . MET A 1 60  ? 4.575   -4.964  -6.330  1.00 19.61 ? 61  MET A C    1 
ATOM   560  O O    . MET A 1 60  ? 4.926   -4.627  -7.477  1.00 19.20 ? 61  MET A O    1 
ATOM   561  C CB   . MET A 1 60  ? 6.152   -5.143  -4.384  1.00 17.41 ? 61  MET A CB   1 
ATOM   562  C CG   . MET A 1 60  ? 7.229   -4.169  -4.816  1.00 20.77 ? 61  MET A CG   1 
ATOM   563  S SD   . MET A 1 60  ? 6.642   -2.521  -5.268  1.00 23.89 ? 61  MET A SD   1 
ATOM   564  C CE   . MET A 1 60  ? 7.539   -2.231  -6.759  1.00 24.51 ? 61  MET A CE   1 
ATOM   565  H H    . MET A 1 60  ? 6.472   -6.431  -7.255  1.00 0.00  ? 61  MET A H    1 
ATOM   566  N N    . CYS A 1 61  ? 3.434   -4.558  -5.749  1.00 18.27 ? 62  CYS A N    1 
ATOM   567  C CA   . CYS A 1 61  ? 2.516   -3.593  -6.351  1.00 17.98 ? 62  CYS A CA   1 
ATOM   568  C C    . CYS A 1 61  ? 2.566   -2.352  -5.479  1.00 18.44 ? 62  CYS A C    1 
ATOM   569  O O    . CYS A 1 61  ? 2.333   -2.454  -4.268  1.00 19.24 ? 62  CYS A O    1 
ATOM   570  C CB   . CYS A 1 61  ? 1.078   -4.118  -6.359  1.00 18.94 ? 62  CYS A CB   1 
ATOM   571  S SG   . CYS A 1 61  ? 0.862   -5.628  -7.327  1.00 23.24 ? 62  CYS A SG   1 
ATOM   572  H H    . CYS A 1 61  ? 3.206   -4.932  -4.871  1.00 0.00  ? 62  CYS A H    1 
ATOM   573  N N    . GLN A 1 62  ? 2.852   -1.170  -6.026  1.00 17.82 ? 63  GLN A N    1 
ATOM   574  C CA   . GLN A 1 62  ? 2.999   0.030   -5.220  1.00 18.49 ? 63  GLN A CA   1 
ATOM   575  C C    . GLN A 1 62  ? 2.014   1.140   -5.613  1.00 18.53 ? 63  GLN A C    1 
ATOM   576  O O    . GLN A 1 62  ? 1.808   1.435   -6.806  1.00 18.73 ? 63  GLN A O    1 
ATOM   577  C CB   . GLN A 1 62  ? 4.439   0.508   -5.364  1.00 16.79 ? 63  GLN A CB   1 
ATOM   578  C CG   . GLN A 1 62  ? 4.855   1.697   -4.516  1.00 17.30 ? 63  GLN A CG   1 
ATOM   579  C CD   . GLN A 1 62  ? 6.308   2.084   -4.774  1.00 20.94 ? 63  GLN A CD   1 
ATOM   580  O OE1  . GLN A 1 62  ? 7.213   1.258   -4.711  1.00 24.72 ? 63  GLN A OE1  1 
ATOM   581  N NE2  . GLN A 1 62  ? 6.588   3.351   -4.975  1.00 20.18 ? 63  GLN A NE2  1 
ATOM   582  H H    . GLN A 1 62  ? 2.965   -1.089  -6.992  1.00 0.00  ? 63  GLN A H    1 
ATOM   583  H HE21 . GLN A 1 62  ? 7.498   3.590   -5.198  1.00 0.00  ? 63  GLN A HE21 1 
ATOM   584  H HE22 . GLN A 1 62  ? 5.872   4.008   -4.824  1.00 0.00  ? 63  GLN A HE22 1 
ATOM   585  N N    . GLY A 1 63  ? 1.431   1.811   -4.626  1.00 17.24 ? 64  GLY A N    1 
ATOM   586  C CA   . GLY A 1 63  ? 0.496   2.895   -4.897  1.00 19.14 ? 64  GLY A CA   1 
ATOM   587  C C    . GLY A 1 63  ? 0.557   3.902   -3.764  1.00 19.93 ? 64  GLY A C    1 
ATOM   588  O O    . GLY A 1 63  ? 1.587   3.987   -3.079  1.00 20.71 ? 64  GLY A O    1 
ATOM   589  H H    . GLY A 1 63  ? 1.692   1.631   -3.692  1.00 0.00  ? 64  GLY A H    1 
ATOM   590  N N    . GLY A 1 64  ? -0.496  4.695   -3.569  1.00 17.30 ? 65  GLY A N    1 
ATOM   591  C CA   . GLY A 1 64  ? -0.576  5.617   -2.436  1.00 18.72 ? 65  GLY A CA   1 
ATOM   592  C C    . GLY A 1 64  ? -0.171  7.052   -2.738  1.00 17.93 ? 65  GLY A C    1 
ATOM   593  O O    . GLY A 1 64  ? -0.263  7.908   -1.858  1.00 17.90 ? 65  GLY A O    1 
ATOM   594  H H    . GLY A 1 64  ? -1.234  4.656   -4.212  1.00 0.00  ? 65  GLY A H    1 
ATOM   595  N N    . ASP A 1 65  ? 0.263   7.352   -3.968  1.00 17.60 ? 66  ASP A N    1 
ATOM   596  C CA   . ASP A 1 65  ? 0.565   8.734   -4.321  1.00 19.58 ? 66  ASP A CA   1 
ATOM   597  C C    . ASP A 1 65  ? -0.724  9.408   -4.858  1.00 20.13 ? 66  ASP A C    1 
ATOM   598  O O    . ASP A 1 65  ? -0.991  9.510   -6.069  1.00 19.29 ? 66  ASP A O    1 
ATOM   599  C CB   . ASP A 1 65  ? 1.676   8.814   -5.398  1.00 18.33 ? 66  ASP A CB   1 
ATOM   600  C CG   . ASP A 1 65  ? 2.028   10.253  -5.806  1.00 18.19 ? 66  ASP A CG   1 
ATOM   601  O OD1  . ASP A 1 65  ? 1.475   11.233  -5.296  1.00 19.17 ? 66  ASP A OD1  1 
ATOM   602  O OD2  . ASP A 1 65  ? 2.861   10.433  -6.680  1.00 20.65 ? 66  ASP A OD2  1 
ATOM   603  H H    . ASP A 1 65  ? 0.324   6.642   -4.635  1.00 0.00  ? 66  ASP A H    1 
ATOM   604  N N    . PHE A 1 66  ? -1.534  9.913   -3.933  1.00 19.11 ? 67  PHE A N    1 
ATOM   605  C CA   . PHE A 1 66  ? -2.775  10.558  -4.311  1.00 20.15 ? 67  PHE A CA   1 
ATOM   606  C C    . PHE A 1 66  ? -2.590  12.025  -4.686  1.00 22.15 ? 67  PHE A C    1 
ATOM   607  O O    . PHE A 1 66  ? -3.572  12.700  -5.003  1.00 24.82 ? 67  PHE A O    1 
ATOM   608  C CB   . PHE A 1 66  ? -3.772  10.398  -3.160  1.00 17.42 ? 67  PHE A CB   1 
ATOM   609  C CG   . PHE A 1 66  ? -3.363  10.950  -1.804  1.00 19.17 ? 67  PHE A CG   1 
ATOM   610  C CD1  . PHE A 1 66  ? -3.531  12.309  -1.498  1.00 19.46 ? 67  PHE A CD1  1 
ATOM   611  C CD2  . PHE A 1 66  ? -2.865  10.074  -0.829  1.00 22.08 ? 67  PHE A CD2  1 
ATOM   612  C CE1  . PHE A 1 66  ? -3.207  12.792  -0.226  1.00 21.57 ? 67  PHE A CE1  1 
ATOM   613  C CE2  . PHE A 1 66  ? -2.557  10.567  0.449   1.00 21.97 ? 67  PHE A CE2  1 
ATOM   614  C CZ   . PHE A 1 66  ? -2.725  11.920  0.752   1.00 22.15 ? 67  PHE A CZ   1 
ATOM   615  H H    . PHE A 1 66  ? -1.290  9.769   -2.993  1.00 0.00  ? 67  PHE A H    1 
ATOM   616  N N    . THR A 1 67  ? -1.380  12.598  -4.703  1.00 21.86 ? 68  THR A N    1 
ATOM   617  C CA   . THR A 1 67  ? -1.287  13.989  -5.096  1.00 22.61 ? 68  THR A CA   1 
ATOM   618  C C    . THR A 1 67  ? -0.668  14.137  -6.478  1.00 22.96 ? 68  THR A C    1 
ATOM   619  O O    . THR A 1 67  ? -1.077  15.019  -7.236  1.00 24.33 ? 68  THR A O    1 
ATOM   620  C CB   . THR A 1 67  ? -0.473  14.811  -4.051  1.00 23.21 ? 68  THR A CB   1 
ATOM   621  O OG1  . THR A 1 67  ? 0.858   14.294  -3.961  1.00 25.39 ? 68  THR A OG1  1 
ATOM   622  C CG2  . THR A 1 67  ? -1.169  14.775  -2.696  1.00 22.80 ? 68  THR A CG2  1 
ATOM   623  H H    . THR A 1 67  ? -0.575  12.062  -4.531  1.00 0.00  ? 68  THR A H    1 
ATOM   624  H HG1  . THR A 1 67  ? 0.903   13.381  -4.274  1.00 0.00  ? 68  THR A HG1  1 
ATOM   625  N N    . ARG A 1 68  ? 0.312   13.322  -6.878  1.00 20.67 ? 69  ARG A N    1 
ATOM   626  C CA   . ARG A 1 68  ? 0.952   13.464  -8.184  1.00 21.99 ? 69  ARG A CA   1 
ATOM   627  C C    . ARG A 1 68  ? 0.815   12.239  -9.042  1.00 20.38 ? 69  ARG A C    1 
ATOM   628  O O    . ARG A 1 68  ? 1.135   12.276  -10.230 1.00 22.39 ? 69  ARG A O    1 
ATOM   629  C CB   . ARG A 1 68  ? 2.438   13.800  -8.028  1.00 24.86 ? 69  ARG A CB   1 
ATOM   630  C CG   . ARG A 1 68  ? 2.537   15.153  -7.326  1.00 28.74 ? 69  ARG A CG   1 
ATOM   631  C CD   . ARG A 1 68  ? 3.909   15.770  -7.363  1.00 32.37 ? 69  ARG A CD   1 
ATOM   632  N NE   . ARG A 1 68  ? 4.323   16.031  -8.731  1.00 38.38 ? 69  ARG A NE   1 
ATOM   633  C CZ   . ARG A 1 68  ? 3.879   17.072  -9.459  1.00 42.44 ? 69  ARG A CZ   1 
ATOM   634  N NH1  . ARG A 1 68  ? 2.995   17.963  -8.962  1.00 44.80 ? 69  ARG A NH1  1 
ATOM   635  N NH2  . ARG A 1 68  ? 4.364   17.216  -10.697 1.00 42.45 ? 69  ARG A NH2  1 
ATOM   636  H H    . ARG A 1 68  ? 0.698   12.674  -6.264  1.00 0.00  ? 69  ARG A H    1 
ATOM   637  H HE   . ARG A 1 68  ? 4.935   15.371  -9.122  1.00 0.00  ? 69  ARG A HE   1 
ATOM   638  H HH11 . ARG A 1 68  ? 2.645   17.909  -8.030  1.00 0.00  ? 69  ARG A HH11 1 
ATOM   639  H HH12 . ARG A 1 68  ? 2.590   18.663  -9.572  1.00 0.00  ? 69  ARG A HH12 1 
ATOM   640  H HH21 . ARG A 1 68  ? 5.064   16.575  -11.029 1.00 0.00  ? 69  ARG A HH21 1 
ATOM   641  H HH22 . ARG A 1 68  ? 4.098   18.012  -11.273 1.00 0.00  ? 69  ARG A HH22 1 
ATOM   642  N N    . HIS A 1 69  ? 0.281   11.153  -8.464  1.00 20.57 ? 70  HIS A N    1 
ATOM   643  C CA   . HIS A 1 69  ? -0.137  9.935   -9.166  1.00 21.88 ? 70  HIS A CA   1 
ATOM   644  C C    . HIS A 1 69  ? 1.000   9.242   -9.898  1.00 23.43 ? 70  HIS A C    1 
ATOM   645  O O    . HIS A 1 69  ? 0.770   8.446   -10.813 1.00 24.84 ? 70  HIS A O    1 
ATOM   646  C CB   . HIS A 1 69  ? -1.267  10.230  -10.202 1.00 21.31 ? 70  HIS A CB   1 
ATOM   647  C CG   . HIS A 1 69  ? -2.266  11.329  -9.831  1.00 21.51 ? 70  HIS A CG   1 
ATOM   648  N ND1  . HIS A 1 69  ? -3.078  11.305  -8.768  1.00 21.63 ? 70  HIS A ND1  1 
ATOM   649  C CD2  . HIS A 1 69  ? -2.266  12.603  -10.362 1.00 20.36 ? 70  HIS A CD2  1 
ATOM   650  C CE1  . HIS A 1 69  ? -3.497  12.541  -8.593  1.00 20.33 ? 70  HIS A CE1  1 
ATOM   651  N NE2  . HIS A 1 69  ? -2.989  13.295  -9.539  1.00 21.19 ? 70  HIS A NE2  1 
ATOM   652  H H    . HIS A 1 69  ? 0.309   11.116  -7.482  1.00 0.00  ? 70  HIS A H    1 
ATOM   653  H HD1  . HIS A 1 69  ? -3.603  10.565  -8.382  1.00 0.00  ? 70  HIS A HD1  1 
ATOM   654  H HE2  . HIS A 1 69  ? -3.191  14.242  -9.635  1.00 0.00  ? 70  HIS A HE2  1 
ATOM   655  N N    . ASN A 1 70  ? 2.248   9.466   -9.492  1.00 22.07 ? 71  ASN A N    1 
ATOM   656  C CA   . ASN A 1 70  ? 3.375   8.895   -10.216 1.00 23.72 ? 71  ASN A CA   1 
ATOM   657  C C    . ASN A 1 70  ? 4.541   8.518   -9.311  1.00 23.66 ? 71  ASN A C    1 
ATOM   658  O O    . ASN A 1 70  ? 5.611   8.144   -9.784  1.00 27.21 ? 71  ASN A O    1 
ATOM   659  C CB   . ASN A 1 70  ? 3.876   9.875   -11.298 1.00 22.65 ? 71  ASN A CB   1 
ATOM   660  C CG   . ASN A 1 70  ? 4.490   11.171  -10.784 1.00 24.13 ? 71  ASN A CG   1 
ATOM   661  O OD1  . ASN A 1 70  ? 4.675   11.390  -9.586  1.00 24.35 ? 71  ASN A OD1  1 
ATOM   662  N ND2  . ASN A 1 70  ? 4.801   12.125  -11.648 1.00 25.73 ? 71  ASN A ND2  1 
ATOM   663  H H    . ASN A 1 70  ? 2.423   10.037  -8.713  1.00 0.00  ? 71  ASN A H    1 
ATOM   664  H HD21 . ASN A 1 70  ? 5.160   12.958  -11.290 1.00 0.00  ? 71  ASN A HD21 1 
ATOM   665  H HD22 . ASN A 1 70  ? 4.642   11.939  -12.601 1.00 0.00  ? 71  ASN A HD22 1 
ATOM   666  N N    . GLY A 1 71  ? 4.383   8.553   -8.005  1.00 22.03 ? 72  GLY A N    1 
ATOM   667  C CA   . GLY A 1 71  ? 5.447   8.192   -7.107  1.00 23.34 ? 72  GLY A CA   1 
ATOM   668  C C    . GLY A 1 71  ? 6.205   9.395   -6.593  1.00 24.03 ? 72  GLY A C    1 
ATOM   669  O O    . GLY A 1 71  ? 7.052   9.207   -5.718  1.00 25.84 ? 72  GLY A O    1 
ATOM   670  H H    . GLY A 1 71  ? 3.550   8.899   -7.631  1.00 0.00  ? 72  GLY A H    1 
ATOM   671  N N    . THR A 1 72  ? 5.942   10.616  -7.066  1.00 23.94 ? 73  THR A N    1 
ATOM   672  C CA   . THR A 1 72  ? 6.657   11.752  -6.510  1.00 23.75 ? 73  THR A CA   1 
ATOM   673  C C    . THR A 1 72  ? 5.894   12.488  -5.420  1.00 25.22 ? 73  THR A C    1 
ATOM   674  O O    . THR A 1 72  ? 6.415   13.458  -4.865  1.00 27.50 ? 73  THR A O    1 
ATOM   675  C CB   . THR A 1 72  ? 7.058   12.750  -7.636  1.00 23.71 ? 73  THR A CB   1 
ATOM   676  O OG1  . THR A 1 72  ? 5.907   13.301  -8.265  1.00 24.98 ? 73  THR A OG1  1 
ATOM   677  C CG2  . THR A 1 72  ? 7.895   12.027  -8.684  1.00 21.52 ? 73  THR A CG2  1 
ATOM   678  H H    . THR A 1 72  ? 5.228   10.747  -7.723  1.00 0.00  ? 73  THR A H    1 
ATOM   679  H HG1  . THR A 1 72  ? 5.264   12.586  -8.359  1.00 0.00  ? 73  THR A HG1  1 
ATOM   680  N N    . GLY A 1 73  ? 4.695   12.059  -5.031  1.00 24.79 ? 74  GLY A N    1 
ATOM   681  C CA   . GLY A 1 73  ? 3.967   12.789  -4.009  1.00 24.12 ? 74  GLY A CA   1 
ATOM   682  C C    . GLY A 1 73  ? 3.352   11.922  -2.927  1.00 22.80 ? 74  GLY A C    1 
ATOM   683  O O    . GLY A 1 73  ? 3.851   10.850  -2.554  1.00 23.48 ? 74  GLY A O    1 
ATOM   684  H H    . GLY A 1 73  ? 4.287   11.249  -5.409  1.00 0.00  ? 74  GLY A H    1 
ATOM   685  N N    . GLY A 1 74  ? 2.229   12.403  -2.425  1.00 22.02 ? 75  GLY A N    1 
ATOM   686  C CA   . GLY A 1 74  ? 1.505   11.791  -1.336  1.00 23.34 ? 75  GLY A CA   1 
ATOM   687  C C    . GLY A 1 74  ? 1.874   12.527  -0.053  1.00 23.85 ? 75  GLY A C    1 
ATOM   688  O O    . GLY A 1 74  ? 2.817   13.315  -0.050  1.00 26.41 ? 75  GLY A O    1 
ATOM   689  H H    . GLY A 1 74  ? 1.985   13.314  -2.687  1.00 0.00  ? 75  GLY A H    1 
ATOM   690  N N    . LYS A 1 75  ? 1.162   12.335  1.049   1.00 23.33 ? 76  LYS A N    1 
ATOM   691  C CA   . LYS A 1 75  ? 1.479   12.967  2.325   1.00 26.27 ? 76  LYS A CA   1 
ATOM   692  C C    . LYS A 1 75  ? 0.821   12.140  3.409   1.00 25.45 ? 76  LYS A C    1 
ATOM   693  O O    . LYS A 1 75  ? -0.181  11.468  3.131   1.00 23.45 ? 76  LYS A O    1 
ATOM   694  C CB   . LYS A 1 75  ? 0.944   14.406  2.426   1.00 31.74 ? 76  LYS A CB   1 
ATOM   695  C CG   . LYS A 1 75  ? -0.482  14.577  1.928   1.00 39.07 ? 76  LYS A CG   1 
ATOM   696  C CD   . LYS A 1 75  ? -1.330  15.634  2.633   1.00 47.82 ? 76  LYS A CD   1 
ATOM   697  C CE   . LYS A 1 75  ? -0.831  17.078  2.570   1.00 53.73 ? 76  LYS A CE   1 
ATOM   698  N NZ   . LYS A 1 75  ? 0.299   17.286  3.455   1.00 59.53 ? 76  LYS A NZ   1 
ATOM   699  H H    . LYS A 1 75  ? 0.417   11.691  1.044   1.00 0.00  ? 76  LYS A H    1 
ATOM   700  H HZ1  . LYS A 1 75  ? 0.159   16.950  4.430   1.00 0.00  ? 76  LYS A HZ1  1 
ATOM   701  H HZ2  . LYS A 1 75  ? 1.171   16.856  3.073   1.00 0.00  ? 76  LYS A HZ2  1 
ATOM   702  H HZ3  . LYS A 1 75  ? 0.637   18.272  3.516   1.00 0.00  ? 76  LYS A HZ3  1 
ATOM   703  N N    . SER A 1 76  ? 1.344   12.159  4.642   1.00 22.68 ? 77  SER A N    1 
ATOM   704  C CA   . SER A 1 76  ? 0.729   11.395  5.706   1.00 21.58 ? 77  SER A CA   1 
ATOM   705  C C    . SER A 1 76  ? -0.288  12.267  6.441   1.00 21.19 ? 77  SER A C    1 
ATOM   706  O O    . SER A 1 76  ? -0.335  13.498  6.259   1.00 22.99 ? 77  SER A O    1 
ATOM   707  C CB   . SER A 1 76  ? 1.790   10.910  6.704   1.00 22.45 ? 77  SER A CB   1 
ATOM   708  O OG   . SER A 1 76  ? 2.216   11.907  7.630   1.00 23.03 ? 77  SER A OG   1 
ATOM   709  H H    . SER A 1 76  ? 2.109   12.731  4.862   1.00 0.00  ? 77  SER A H    1 
ATOM   710  H HG   . SER A 1 76  ? 3.006   12.254  7.200   1.00 0.00  ? 77  SER A HG   1 
ATOM   711  N N    . ILE A 1 77  ? -1.032  11.690  7.388   1.00 22.30 ? 78  ILE A N    1 
ATOM   712  C CA   . ILE A 1 77  ? -1.940  12.458  8.230   1.00 23.30 ? 78  ILE A CA   1 
ATOM   713  C C    . ILE A 1 77  ? -1.156  13.262  9.282   1.00 26.87 ? 78  ILE A C    1 
ATOM   714  O O    . ILE A 1 77  ? -1.726  14.081  9.998   1.00 29.70 ? 78  ILE A O    1 
ATOM   715  C CB   . ILE A 1 77  ? -2.963  11.531  8.968   1.00 21.67 ? 78  ILE A CB   1 
ATOM   716  C CG1  . ILE A 1 77  ? -2.284  10.561  9.905   1.00 19.83 ? 78  ILE A CG1  1 
ATOM   717  C CG2  . ILE A 1 77  ? -3.788  10.805  7.916   1.00 22.11 ? 78  ILE A CG2  1 
ATOM   718  C CD1  . ILE A 1 77  ? -3.268  9.878   10.867  1.00 22.20 ? 78  ILE A CD1  1 
ATOM   719  H H    . ILE A 1 77  ? -0.993  10.716  7.475   1.00 0.00  ? 78  ILE A H    1 
ATOM   720  N N    . TYR A 1 78  ? 0.165   13.070  9.385   1.00 26.82 ? 79  TYR A N    1 
ATOM   721  C CA   . TYR A 1 78  ? 1.013   13.712  10.374  1.00 27.27 ? 79  TYR A CA   1 
ATOM   722  C C    . TYR A 1 78  ? 1.849   14.788  9.704   1.00 29.65 ? 79  TYR A C    1 
ATOM   723  O O    . TYR A 1 78  ? 2.717   15.390  10.346  1.00 33.37 ? 79  TYR A O    1 
ATOM   724  C CB   . TYR A 1 78  ? 1.968   12.708  10.993  1.00 24.53 ? 79  TYR A CB   1 
ATOM   725  C CG   . TYR A 1 78  ? 1.315   11.463  11.537  1.00 23.72 ? 79  TYR A CG   1 
ATOM   726  C CD1  . TYR A 1 78  ? 0.402   11.576  12.585  1.00 23.93 ? 79  TYR A CD1  1 
ATOM   727  C CD2  . TYR A 1 78  ? 1.622   10.220  10.983  1.00 22.18 ? 79  TYR A CD2  1 
ATOM   728  C CE1  . TYR A 1 78  ? -0.215  10.428  13.084  1.00 24.14 ? 79  TYR A CE1  1 
ATOM   729  C CE2  . TYR A 1 78  ? 0.993   9.073   11.473  1.00 22.71 ? 79  TYR A CE2  1 
ATOM   730  C CZ   . TYR A 1 78  ? 0.073   9.183   12.523  1.00 23.23 ? 79  TYR A CZ   1 
ATOM   731  O OH   . TYR A 1 78  ? -0.564  8.063   13.030  1.00 22.39 ? 79  TYR A OH   1 
ATOM   732  H H    . TYR A 1 78  ? 0.621   12.503  8.733   1.00 0.00  ? 79  TYR A H    1 
ATOM   733  H HH   . TYR A 1 78  ? -0.330  7.302   12.490  1.00 0.00  ? 79  TYR A HH   1 
ATOM   734  N N    . GLY A 1 79  ? 1.707   15.027  8.405   1.00 28.00 ? 80  GLY A N    1 
ATOM   735  C CA   . GLY A 1 79  ? 2.543   16.021  7.753   1.00 28.60 ? 80  GLY A CA   1 
ATOM   736  C C    . GLY A 1 79  ? 3.108   15.403  6.501   1.00 29.00 ? 80  GLY A C    1 
ATOM   737  O O    . GLY A 1 79  ? 2.712   14.280  6.152   1.00 31.67 ? 80  GLY A O    1 
ATOM   738  H H    . GLY A 1 79  ? 1.127   14.460  7.852   1.00 0.00  ? 80  GLY A H    1 
ATOM   739  N N    . GLU A 1 80  ? 4.017   16.088  5.819   1.00 27.51 ? 81  GLU A N    1 
ATOM   740  C CA   . GLU A 1 80  ? 4.497   15.518  4.578   1.00 34.85 ? 81  GLU A CA   1 
ATOM   741  C C    . GLU A 1 80  ? 5.263   14.207  4.753   1.00 32.37 ? 81  GLU A C    1 
ATOM   742  O O    . GLU A 1 80  ? 5.116   13.301  3.934   1.00 31.82 ? 81  GLU A O    1 
ATOM   743  C CB   . GLU A 1 80  ? 5.339   16.567  3.854   1.00 43.27 ? 81  GLU A CB   1 
ATOM   744  C CG   . GLU A 1 80  ? 4.682   17.978  3.786   1.00 57.76 ? 81  GLU A CG   1 
ATOM   745  C CD   . GLU A 1 80  ? 3.161   18.065  3.553   1.00 64.97 ? 81  GLU A CD   1 
ATOM   746  O OE1  . GLU A 1 80  ? 2.668   17.798  2.452   1.00 68.17 ? 81  GLU A OE1  1 
ATOM   747  O OE2  . GLU A 1 80  ? 2.413   18.353  4.500   1.00 67.77 ? 81  GLU A OE2  1 
ATOM   748  H H    . GLU A 1 80  ? 4.203   17.032  6.027   1.00 0.00  ? 81  GLU A H    1 
ATOM   749  N N    . LYS A 1 81  ? 5.987   14.019  5.863   1.00 30.82 ? 82  LYS A N    1 
ATOM   750  C CA   . LYS A 1 81  ? 6.714   12.780  6.129   1.00 28.24 ? 82  LYS A CA   1 
ATOM   751  C C    . LYS A 1 81  ? 6.724   12.511  7.621   1.00 25.25 ? 82  LYS A C    1 
ATOM   752  O O    . LYS A 1 81  ? 6.446   13.414  8.424   1.00 24.28 ? 82  LYS A O    1 
ATOM   753  C CB   . LYS A 1 81  ? 8.158   12.862  5.607   1.00 33.85 ? 82  LYS A CB   1 
ATOM   754  C CG   . LYS A 1 81  ? 9.062   13.956  6.158   1.00 44.64 ? 82  LYS A CG   1 
ATOM   755  C CD   . LYS A 1 81  ? 9.907   13.480  7.336   1.00 54.37 ? 82  LYS A CD   1 
ATOM   756  C CE   . LYS A 1 81  ? 10.726  14.615  7.976   1.00 59.70 ? 82  LYS A CE   1 
ATOM   757  N NZ   . LYS A 1 81  ? 11.756  14.074  8.856   1.00 64.99 ? 82  LYS A NZ   1 
ATOM   758  H H    . LYS A 1 81  ? 5.967   14.683  6.581   1.00 0.00  ? 82  LYS A H    1 
ATOM   759  H HZ1  . LYS A 1 81  ? 11.337  13.410  9.532   1.00 0.00  ? 82  LYS A HZ1  1 
ATOM   760  H HZ2  . LYS A 1 81  ? 12.476  13.554  8.287   1.00 0.00  ? 82  LYS A HZ2  1 
ATOM   761  H HZ3  . LYS A 1 81  ? 12.231  14.840  9.375   1.00 0.00  ? 82  LYS A HZ3  1 
ATOM   762  N N    . PHE A 1 82  ? 6.962   11.273  8.029   1.00 22.54 ? 83  PHE A N    1 
ATOM   763  C CA   . PHE A 1 82  ? 7.108   10.922  9.428   1.00 21.68 ? 83  PHE A CA   1 
ATOM   764  C C    . PHE A 1 82  ? 8.137   9.789   9.481   1.00 21.77 ? 83  PHE A C    1 
ATOM   765  O O    . PHE A 1 82  ? 8.507   9.170   8.468   1.00 20.81 ? 83  PHE A O    1 
ATOM   766  C CB   . PHE A 1 82  ? 5.745   10.485  10.071  1.00 18.95 ? 83  PHE A CB   1 
ATOM   767  C CG   . PHE A 1 82  ? 5.067   9.210   9.583   1.00 20.90 ? 83  PHE A CG   1 
ATOM   768  C CD1  . PHE A 1 82  ? 4.397   9.189   8.349   1.00 21.28 ? 83  PHE A CD1  1 
ATOM   769  C CD2  . PHE A 1 82  ? 5.093   8.058   10.376  1.00 21.07 ? 83  PHE A CD2  1 
ATOM   770  C CE1  . PHE A 1 82  ? 3.741   8.036   7.912   1.00 19.87 ? 83  PHE A CE1  1 
ATOM   771  C CE2  . PHE A 1 82  ? 4.436   6.901   9.931   1.00 23.00 ? 83  PHE A CE2  1 
ATOM   772  C CZ   . PHE A 1 82  ? 3.754   6.891   8.705   1.00 22.63 ? 83  PHE A CZ   1 
ATOM   773  H H    . PHE A 1 82  ? 7.015   10.563  7.354   1.00 0.00  ? 83  PHE A H    1 
ATOM   774  N N    . GLU A 1 83  ? 8.655   9.580   10.683  1.00 23.21 ? 84  GLU A N    1 
ATOM   775  C CA   . GLU A 1 83  ? 9.730   8.643   10.966  1.00 24.07 ? 84  GLU A CA   1 
ATOM   776  C C    . GLU A 1 83  ? 9.364   7.187   10.800  1.00 22.82 ? 84  GLU A C    1 
ATOM   777  O O    . GLU A 1 83  ? 8.193   6.781   10.775  1.00 22.97 ? 84  GLU A O    1 
ATOM   778  C CB   . GLU A 1 83  ? 10.235  8.857   12.403  1.00 22.68 ? 84  GLU A CB   1 
ATOM   779  C CG   . GLU A 1 83  ? 9.317   8.464   13.576  1.00 25.34 ? 84  GLU A CG   1 
ATOM   780  C CD   . GLU A 1 83  ? 8.091   9.319   13.929  1.00 29.16 ? 84  GLU A CD   1 
ATOM   781  O OE1  . GLU A 1 83  ? 7.764   10.337  13.311  1.00 30.22 ? 84  GLU A OE1  1 
ATOM   782  O OE2  . GLU A 1 83  ? 7.399   8.986   14.885  1.00 30.48 ? 84  GLU A OE2  1 
ATOM   783  H H    . GLU A 1 83  ? 8.271   10.062  11.441  1.00 0.00  ? 84  GLU A H    1 
ATOM   784  N N    . ASP A 1 84  ? 10.425  6.397   10.691  1.00 22.65 ? 85  ASP A N    1 
ATOM   785  C CA   . ASP A 1 84  ? 10.316  4.951   10.693  1.00 23.18 ? 85  ASP A CA   1 
ATOM   786  C C    . ASP A 1 84  ? 10.015  4.595   12.137  1.00 23.94 ? 85  ASP A C    1 
ATOM   787  O O    . ASP A 1 84  ? 10.798  4.870   13.056  1.00 22.54 ? 85  ASP A O    1 
ATOM   788  C CB   . ASP A 1 84  ? 11.618  4.299   10.269  1.00 22.77 ? 85  ASP A CB   1 
ATOM   789  C CG   . ASP A 1 84  ? 11.948  4.534   8.809   1.00 25.05 ? 85  ASP A CG   1 
ATOM   790  O OD1  . ASP A 1 84  ? 11.078  4.406   7.941   1.00 24.11 ? 85  ASP A OD1  1 
ATOM   791  O OD2  . ASP A 1 84  ? 13.096  4.852   8.506   1.00 24.07 ? 85  ASP A OD2  1 
ATOM   792  H H    . ASP A 1 84  ? 11.317  6.798   10.710  1.00 0.00  ? 85  ASP A H    1 
ATOM   793  N N    . GLU A 1 85  ? 8.831   4.019   12.334  1.00 24.06 ? 86  GLU A N    1 
ATOM   794  C CA   . GLU A 1 85  ? 8.342   3.720   13.670  1.00 24.49 ? 86  GLU A CA   1 
ATOM   795  C C    . GLU A 1 85  ? 9.103   2.596   14.356  1.00 24.59 ? 86  GLU A C    1 
ATOM   796  O O    . GLU A 1 85  ? 9.467   2.748   15.530  1.00 26.57 ? 86  GLU A O    1 
ATOM   797  C CB   . GLU A 1 85  ? 6.857   3.391   13.586  1.00 22.67 ? 86  GLU A CB   1 
ATOM   798  C CG   . GLU A 1 85  ? 6.175   3.203   14.933  1.00 22.33 ? 86  GLU A CG   1 
ATOM   799  C CD   . GLU A 1 85  ? 4.660   3.073   14.861  1.00 23.58 ? 86  GLU A CD   1 
ATOM   800  O OE1  . GLU A 1 85  ? 4.092   2.861   13.799  1.00 21.67 ? 86  GLU A OE1  1 
ATOM   801  O OE2  . GLU A 1 85  ? 4.016   3.199   15.896  1.00 25.17 ? 86  GLU A OE2  1 
ATOM   802  H H    . GLU A 1 85  ? 8.263   3.845   11.545  1.00 0.00  ? 86  GLU A H    1 
ATOM   803  N N    . ASN A 1 86  ? 9.338   1.470   13.697  1.00 25.03 ? 87  ASN A N    1 
ATOM   804  C CA   . ASN A 1 86  ? 10.145  0.374   14.217  1.00 23.82 ? 87  ASN A CA   1 
ATOM   805  C C    . ASN A 1 86  ? 10.285  -0.605  13.078  1.00 22.80 ? 87  ASN A C    1 
ATOM   806  O O    . ASN A 1 86  ? 9.642   -0.426  12.047  1.00 23.40 ? 87  ASN A O    1 
ATOM   807  C CB   . ASN A 1 86  ? 9.499   -0.358  15.408  1.00 22.74 ? 87  ASN A CB   1 
ATOM   808  C CG   . ASN A 1 86  ? 8.193   -1.088  15.154  1.00 24.34 ? 87  ASN A CG   1 
ATOM   809  O OD1  . ASN A 1 86  ? 8.116   -2.041  14.378  1.00 24.77 ? 87  ASN A OD1  1 
ATOM   810  N ND2  . ASN A 1 86  ? 7.146   -0.683  15.860  1.00 25.72 ? 87  ASN A ND2  1 
ATOM   811  H H    . ASN A 1 86  ? 8.965   1.349   12.793  1.00 0.00  ? 87  ASN A H    1 
ATOM   812  H HD21 . ASN A 1 86  ? 6.289   -1.162  15.779  1.00 0.00  ? 87  ASN A HD21 1 
ATOM   813  H HD22 . ASN A 1 86  ? 7.249   0.064   16.482  1.00 0.00  ? 87  ASN A HD22 1 
ATOM   814  N N    . PHE A 1 87  ? 11.099  -1.638  13.209  1.00 21.47 ? 88  PHE A N    1 
ATOM   815  C CA   . PHE A 1 87  ? 11.318  -2.607  12.157  1.00 23.82 ? 88  PHE A CA   1 
ATOM   816  C C    . PHE A 1 87  ? 11.168  -4.013  12.721  1.00 26.18 ? 88  PHE A C    1 
ATOM   817  O O    . PHE A 1 87  ? 11.841  -4.955  12.275  1.00 27.62 ? 88  PHE A O    1 
ATOM   818  C CB   . PHE A 1 87  ? 12.719  -2.441  11.546  1.00 21.91 ? 88  PHE A CB   1 
ATOM   819  C CG   . PHE A 1 87  ? 12.907  -1.133  10.787  1.00 21.38 ? 88  PHE A CG   1 
ATOM   820  C CD1  . PHE A 1 87  ? 12.386  -0.999  9.491   1.00 20.16 ? 88  PHE A CD1  1 
ATOM   821  C CD2  . PHE A 1 87  ? 13.602  -0.069  11.377  1.00 20.49 ? 88  PHE A CD2  1 
ATOM   822  C CE1  . PHE A 1 87  ? 12.582  0.191   8.780   1.00 18.84 ? 88  PHE A CE1  1 
ATOM   823  C CE2  . PHE A 1 87  ? 13.796  1.112   10.656  1.00 20.87 ? 88  PHE A CE2  1 
ATOM   824  C CZ   . PHE A 1 87  ? 13.300  1.239   9.354   1.00 20.84 ? 88  PHE A CZ   1 
ATOM   825  H H    . PHE A 1 87  ? 11.552  -1.771  14.067  1.00 0.00  ? 88  PHE A H    1 
ATOM   826  N N    . ILE A 1 88  ? 10.190  -4.154  13.633  1.00 26.88 ? 89  ILE A N    1 
ATOM   827  C CA   . ILE A 1 88  ? 9.878   -5.415  14.295  1.00 26.86 ? 89  ILE A CA   1 
ATOM   828  C C    . ILE A 1 88  ? 9.448   -6.481  13.278  1.00 26.56 ? 89  ILE A C    1 
ATOM   829  O O    . ILE A 1 88  ? 9.907   -7.630  13.269  1.00 27.62 ? 89  ILE A O    1 
ATOM   830  C CB   . ILE A 1 88  ? 8.750   -5.163  15.327  1.00 27.93 ? 89  ILE A CB   1 
ATOM   831  C CG1  . ILE A 1 88  ? 9.230   -4.267  16.439  1.00 30.51 ? 89  ILE A CG1  1 
ATOM   832  C CG2  . ILE A 1 88  ? 8.316   -6.483  15.950  1.00 30.90 ? 89  ILE A CG2  1 
ATOM   833  C CD1  . ILE A 1 88  ? 8.070   -3.834  17.370  1.00 31.88 ? 89  ILE A CD1  1 
ATOM   834  H H    . ILE A 1 88  ? 9.626   -3.372  13.822  1.00 0.00  ? 89  ILE A H    1 
ATOM   835  N N    . LEU A 1 89  ? 8.548   -6.111  12.374  1.00 24.70 ? 90  LEU A N    1 
ATOM   836  C CA   . LEU A 1 89  ? 8.033   -7.074  11.417  1.00 24.44 ? 90  LEU A CA   1 
ATOM   837  C C    . LEU A 1 89  ? 8.906   -7.142  10.174  1.00 22.91 ? 90  LEU A C    1 
ATOM   838  O O    . LEU A 1 89  ? 9.607   -6.182  9.805   1.00 24.49 ? 90  LEU A O    1 
ATOM   839  C CB   . LEU A 1 89  ? 6.590   -6.679  11.105  1.00 23.66 ? 90  LEU A CB   1 
ATOM   840  C CG   . LEU A 1 89  ? 5.618   -6.646  12.290  1.00 25.20 ? 90  LEU A CG   1 
ATOM   841  C CD1  . LEU A 1 89  ? 4.322   -6.015  11.859  1.00 24.96 ? 90  LEU A CD1  1 
ATOM   842  C CD2  . LEU A 1 89  ? 5.387   -8.050  12.810  1.00 26.58 ? 90  LEU A CD2  1 
ATOM   843  H H    . LEU A 1 89  ? 8.236   -5.178  12.344  1.00 0.00  ? 90  LEU A H    1 
ATOM   844  N N    . LYS A 1 90  ? 8.943   -8.312  9.564   1.00 22.65 ? 91  LYS A N    1 
ATOM   845  C CA   . LYS A 1 90  ? 9.788   -8.595  8.424   1.00 23.30 ? 91  LYS A CA   1 
ATOM   846  C C    . LYS A 1 90  ? 8.962   -8.857  7.155   1.00 23.96 ? 91  LYS A C    1 
ATOM   847  O O    . LYS A 1 90  ? 7.757   -9.129  7.242   1.00 22.22 ? 91  LYS A O    1 
ATOM   848  C CB   . LYS A 1 90  ? 10.645  -9.814  8.788   1.00 26.68 ? 91  LYS A CB   1 
ATOM   849  C CG   . LYS A 1 90  ? 12.028  -9.574  9.396   1.00 32.85 ? 91  LYS A CG   1 
ATOM   850  C CD   . LYS A 1 90  ? 12.106  -8.843  10.722  1.00 39.77 ? 91  LYS A CD   1 
ATOM   851  C CE   . LYS A 1 90  ? 13.028  -7.612  10.631  1.00 43.90 ? 91  LYS A CE   1 
ATOM   852  N NZ   . LYS A 1 90  ? 12.326  -6.423  10.167  1.00 44.93 ? 91  LYS A NZ   1 
ATOM   853  H H    . LYS A 1 90  ? 8.370   -9.038  9.898   1.00 0.00  ? 91  LYS A H    1 
ATOM   854  H HZ1  . LYS A 1 90  ? 11.798  -6.580  9.286   1.00 0.00  ? 91  LYS A HZ1  1 
ATOM   855  H HZ2  . LYS A 1 90  ? 11.648  -6.143  10.912  1.00 0.00  ? 91  LYS A HZ2  1 
ATOM   856  H HZ3  . LYS A 1 90  ? 12.979  -5.635  10.041  1.00 0.00  ? 91  LYS A HZ3  1 
ATOM   857  N N    . HIS A 1 91  ? 9.593   -8.830  5.974   1.00 21.37 ? 92  HIS A N    1 
ATOM   858  C CA   . HIS A 1 91  ? 8.957   -9.072  4.680   1.00 22.44 ? 92  HIS A CA   1 
ATOM   859  C C    . HIS A 1 91  ? 9.082   -10.588 4.429   1.00 23.45 ? 92  HIS A C    1 
ATOM   860  O O    . HIS A 1 91  ? 9.975   -11.099 3.723   1.00 23.97 ? 92  HIS A O    1 
ATOM   861  C CB   . HIS A 1 91  ? 9.668   -8.277  3.593   1.00 18.24 ? 92  HIS A CB   1 
ATOM   862  C CG   . HIS A 1 91  ? 9.637   -6.768  3.767   1.00 19.26 ? 92  HIS A CG   1 
ATOM   863  N ND1  . HIS A 1 91  ? 10.472  -6.110  4.562   1.00 19.04 ? 92  HIS A ND1  1 
ATOM   864  C CD2  . HIS A 1 91  ? 8.808   -5.849  3.156   1.00 19.59 ? 92  HIS A CD2  1 
ATOM   865  C CE1  . HIS A 1 91  ? 10.184  -4.825  4.483   1.00 19.58 ? 92  HIS A CE1  1 
ATOM   866  N NE2  . HIS A 1 91  ? 9.175   -4.681  3.641   1.00 19.55 ? 92  HIS A NE2  1 
ATOM   867  H H    . HIS A 1 91  ? 10.569  -8.828  6.008   1.00 0.00  ? 92  HIS A H    1 
ATOM   868  H HD1  . HIS A 1 91  ? 11.211  -6.491  5.084   1.00 0.00  ? 92  HIS A HD1  1 
ATOM   869  H HE2  . HIS A 1 91  ? 8.691   -3.835  3.493   1.00 0.00  ? 92  HIS A HE2  1 
ATOM   870  N N    . THR A 1 92  ? 8.167   -11.319 5.049   1.00 21.99 ? 93  THR A N    1 
ATOM   871  C CA   . THR A 1 92  ? 8.227   -12.762 5.069   1.00 24.80 ? 93  THR A CA   1 
ATOM   872  C C    . THR A 1 92  ? 7.642   -13.506 3.887   1.00 26.75 ? 93  THR A C    1 
ATOM   873  O O    . THR A 1 92  ? 7.915   -14.704 3.740   1.00 27.34 ? 93  THR A O    1 
ATOM   874  C CB   . THR A 1 92  ? 7.582   -13.200 6.370   1.00 24.74 ? 93  THR A CB   1 
ATOM   875  O OG1  . THR A 1 92  ? 6.280   -12.627 6.419   1.00 27.77 ? 93  THR A OG1  1 
ATOM   876  C CG2  . THR A 1 92  ? 8.409   -12.771 7.574   1.00 22.40 ? 93  THR A CG2  1 
ATOM   877  H H    . THR A 1 92  ? 7.442   -10.892 5.552   1.00 0.00  ? 93  THR A H    1 
ATOM   878  H HG1  . THR A 1 92  ? 5.681   -13.079 5.797   1.00 0.00  ? 93  THR A HG1  1 
ATOM   879  N N    . GLY A 1 93  ? 6.874   -12.845 3.022   1.00 26.33 ? 94  GLY A N    1 
ATOM   880  C CA   . GLY A 1 93  ? 6.241   -13.540 1.922   1.00 24.30 ? 94  GLY A CA   1 
ATOM   881  C C    . GLY A 1 93  ? 5.230   -12.653 1.209   1.00 23.29 ? 94  GLY A C    1 
ATOM   882  O O    . GLY A 1 93  ? 5.117   -11.456 1.497   1.00 21.29 ? 94  GLY A O    1 
ATOM   883  H H    . GLY A 1 93  ? 6.740   -11.876 3.090   1.00 0.00  ? 94  GLY A H    1 
ATOM   884  N N    . PRO A 1 94  ? 4.508   -13.209 0.234   1.00 24.12 ? 95  PRO A N    1 
ATOM   885  C CA   . PRO A 1 94  ? 3.443   -12.539 -0.507  1.00 24.10 ? 95  PRO A CA   1 
ATOM   886  C C    . PRO A 1 94  ? 2.370   -12.040 0.458   1.00 22.94 ? 95  PRO A C    1 
ATOM   887  O O    . PRO A 1 94  ? 2.112   -12.708 1.471   1.00 24.56 ? 95  PRO A O    1 
ATOM   888  C CB   . PRO A 1 94  ? 2.905   -13.589 -1.459  1.00 25.02 ? 95  PRO A CB   1 
ATOM   889  C CG   . PRO A 1 94  ? 3.981   -14.639 -1.518  1.00 26.44 ? 95  PRO A CG   1 
ATOM   890  C CD   . PRO A 1 94  ? 4.524   -14.629 -0.100  1.00 25.05 ? 95  PRO A CD   1 
ATOM   891  N N    . GLY A 1 95  ? 1.741   -10.891 0.200   1.00 21.11 ? 96  GLY A N    1 
ATOM   892  C CA   . GLY A 1 95  ? 0.684   -10.402 1.065   1.00 20.12 ? 96  GLY A CA   1 
ATOM   893  C C    . GLY A 1 95  ? 1.140   -9.337  2.044   1.00 21.96 ? 96  GLY A C    1 
ATOM   894  O O    . GLY A 1 95  ? 0.290   -8.627  2.584   1.00 21.77 ? 96  GLY A O    1 
ATOM   895  H H    . GLY A 1 95  ? 1.959   -10.373 -0.597  1.00 0.00  ? 96  GLY A H    1 
ATOM   896  N N    . ILE A 1 96  ? 2.451   -9.191  2.295   1.00 20.47 ? 97  ILE A N    1 
ATOM   897  C CA   . ILE A 1 96  ? 2.974   -8.196  3.226   1.00 19.33 ? 97  ILE A CA   1 
ATOM   898  C C    . ILE A 1 96  ? 2.741   -6.773  2.692   1.00 17.53 ? 97  ILE A C    1 
ATOM   899  O O    . ILE A 1 96  ? 2.988   -6.459  1.520   1.00 17.93 ? 97  ILE A O    1 
ATOM   900  C CB   . ILE A 1 96  ? 4.503   -8.501  3.464   1.00 20.19 ? 97  ILE A CB   1 
ATOM   901  C CG1  . ILE A 1 96  ? 4.651   -9.774  4.281   1.00 19.95 ? 97  ILE A CG1  1 
ATOM   902  C CG2  . ILE A 1 96  ? 5.191   -7.335  4.165   1.00 20.67 ? 97  ILE A CG2  1 
ATOM   903  C CD1  . ILE A 1 96  ? 4.167   -9.643  5.730   1.00 22.88 ? 97  ILE A CD1  1 
ATOM   904  H H    . ILE A 1 96  ? 3.085   -9.781  1.839   1.00 0.00  ? 97  ILE A H    1 
ATOM   905  N N    . LEU A 1 97  ? 2.235   -5.937  3.592   1.00 16.99 ? 98  LEU A N    1 
ATOM   906  C CA   . LEU A 1 97  ? 1.977   -4.541  3.310   1.00 17.46 ? 98  LEU A CA   1 
ATOM   907  C C    . LEU A 1 97  ? 3.042   -3.727  4.042   1.00 16.37 ? 98  LEU A C    1 
ATOM   908  O O    . LEU A 1 97  ? 3.204   -3.802  5.272   1.00 16.57 ? 98  LEU A O    1 
ATOM   909  C CB   . LEU A 1 97  ? 0.563   -4.182  3.799   1.00 18.32 ? 98  LEU A CB   1 
ATOM   910  C CG   . LEU A 1 97  ? 0.026   -2.777  3.536   1.00 21.24 ? 98  LEU A CG   1 
ATOM   911  C CD1  . LEU A 1 97  ? -0.134  -2.524  2.039   1.00 21.46 ? 98  LEU A CD1  1 
ATOM   912  C CD2  . LEU A 1 97  ? -1.327  -2.636  4.236   1.00 23.46 ? 98  LEU A CD2  1 
ATOM   913  H H    . LEU A 1 97  ? 2.057   -6.269  4.499   1.00 0.00  ? 98  LEU A H    1 
ATOM   914  N N    . SER A 1 98  ? 3.766   -2.916  3.287   1.00 17.46 ? 99  SER A N    1 
ATOM   915  C CA   . SER A 1 98  ? 4.886   -2.168  3.812   1.00 18.45 ? 99  SER A CA   1 
ATOM   916  C C    . SER A 1 98  ? 4.933   -0.761  3.234   1.00 17.70 ? 99  SER A C    1 
ATOM   917  O O    . SER A 1 98  ? 4.355   -0.483  2.180   1.00 17.01 ? 99  SER A O    1 
ATOM   918  C CB   . SER A 1 98  ? 6.143   -2.971  3.466   1.00 20.12 ? 99  SER A CB   1 
ATOM   919  O OG   . SER A 1 98  ? 7.365   -2.451  4.014   1.00 21.95 ? 99  SER A OG   1 
ATOM   920  H H    . SER A 1 98  ? 3.537   -2.806  2.338   1.00 0.00  ? 99  SER A H    1 
ATOM   921  H HG   . SER A 1 98  ? 7.115   -1.954  4.811   1.00 0.00  ? 99  SER A HG   1 
ATOM   922  N N    . MET A 1 99  ? 5.607   0.138   3.949   1.00 17.32 ? 100 MET A N    1 
ATOM   923  C CA   . MET A 1 99  ? 5.777   1.520   3.525   1.00 17.61 ? 100 MET A CA   1 
ATOM   924  C C    . MET A 1 99  ? 6.879   1.777   2.531   1.00 18.55 ? 100 MET A C    1 
ATOM   925  O O    . MET A 1 99  ? 8.040   1.391   2.740   1.00 19.24 ? 100 MET A O    1 
ATOM   926  C CB   . MET A 1 99  ? 6.054   2.428   4.708   1.00 19.19 ? 100 MET A CB   1 
ATOM   927  C CG   . MET A 1 99  ? 4.885   2.613   5.684   1.00 21.27 ? 100 MET A CG   1 
ATOM   928  S SD   . MET A 1 99  ? 3.371   3.249   4.898   1.00 21.73 ? 100 MET A SD   1 
ATOM   929  C CE   . MET A 1 99  ? 3.860   4.896   4.470   1.00 19.29 ? 100 MET A CE   1 
ATOM   930  H H    . MET A 1 99  ? 5.957   -0.111  4.826   1.00 0.00  ? 100 MET A H    1 
ATOM   931  N N    . ALA A 1 100 ? 6.531   2.429   1.432   1.00 16.98 ? 101 ALA A N    1 
ATOM   932  C CA   . ALA A 1 100 ? 7.517   2.855   0.445   1.00 18.78 ? 101 ALA A CA   1 
ATOM   933  C C    . ALA A 1 100 ? 8.130   4.136   1.013   1.00 19.73 ? 101 ALA A C    1 
ATOM   934  O O    . ALA A 1 100 ? 7.483   4.857   1.793   1.00 20.49 ? 101 ALA A O    1 
ATOM   935  C CB   . ALA A 1 100 ? 6.874   3.196   -0.898  1.00 16.11 ? 101 ALA A CB   1 
ATOM   936  H H    . ALA A 1 100 ? 5.610   2.753   1.357   1.00 0.00  ? 101 ALA A H    1 
ATOM   937  N N    . ASN A 1 101 ? 9.377   4.448   0.661   1.00 19.77 ? 102 ASN A N    1 
ATOM   938  C CA   . ASN A 1 101 ? 9.995   5.662   1.182   1.00 21.39 ? 102 ASN A CA   1 
ATOM   939  C C    . ASN A 1 101 ? 11.110  6.131   0.266   1.00 20.42 ? 102 ASN A C    1 
ATOM   940  O O    . ASN A 1 101 ? 11.405  5.494   -0.759  1.00 21.77 ? 102 ASN A O    1 
ATOM   941  C CB   . ASN A 1 101 ? 10.544  5.441   2.624   1.00 21.76 ? 102 ASN A CB   1 
ATOM   942  C CG   . ASN A 1 101 ? 11.628  4.381   2.751   1.00 22.80 ? 102 ASN A CG   1 
ATOM   943  O OD1  . ASN A 1 101 ? 12.605  4.382   1.992   1.00 22.32 ? 102 ASN A OD1  1 
ATOM   944  N ND2  . ASN A 1 101 ? 11.497  3.440   3.688   1.00 20.74 ? 102 ASN A ND2  1 
ATOM   945  H H    . ASN A 1 101 ? 9.847   3.932   -0.027  1.00 0.00  ? 102 ASN A H    1 
ATOM   946  H HD21 . ASN A 1 101 ? 12.216  2.794   3.832   1.00 0.00  ? 102 ASN A HD21 1 
ATOM   947  H HD22 . ASN A 1 101 ? 10.690  3.467   4.259   1.00 0.00  ? 102 ASN A HD22 1 
ATOM   948  N N    . ALA A 1 102 ? 11.677  7.275   0.618   1.00 22.91 ? 103 ALA A N    1 
ATOM   949  C CA   . ALA A 1 102 ? 12.755  7.885   -0.122  1.00 24.18 ? 103 ALA A CA   1 
ATOM   950  C C    . ALA A 1 102 ? 13.979  7.982   0.781   1.00 26.94 ? 103 ALA A C    1 
ATOM   951  O O    . ALA A 1 102 ? 14.772  8.929   0.692   1.00 30.09 ? 103 ALA A O    1 
ATOM   952  C CB   . ALA A 1 102 ? 12.340  9.269   -0.553  1.00 22.34 ? 103 ALA A CB   1 
ATOM   953  H H    . ALA A 1 102 ? 11.391  7.726   1.445   1.00 0.00  ? 103 ALA A H    1 
ATOM   954  N N    . GLY A 1 103 ? 14.191  7.014   1.662   1.00 26.40 ? 104 GLY A N    1 
ATOM   955  C CA   . GLY A 1 103 ? 15.338  7.052   2.551   1.00 26.02 ? 104 GLY A CA   1 
ATOM   956  C C    . GLY A 1 103 ? 14.876  6.980   3.987   1.00 26.66 ? 104 GLY A C    1 
ATOM   957  O O    . GLY A 1 103 ? 13.675  6.820   4.231   1.00 26.37 ? 104 GLY A O    1 
ATOM   958  H H    . GLY A 1 103 ? 13.548  6.278   1.764   1.00 0.00  ? 104 GLY A H    1 
ATOM   959  N N    . PRO A 1 104 ? 15.730  7.067   5.000   1.00 26.13 ? 105 PRO A N    1 
ATOM   960  C CA   . PRO A 1 104 ? 15.352  6.857   6.394   1.00 24.75 ? 105 PRO A CA   1 
ATOM   961  C C    . PRO A 1 104 ? 14.376  7.928   6.821   1.00 21.07 ? 105 PRO A C    1 
ATOM   962  O O    . PRO A 1 104 ? 14.563  9.090   6.458   1.00 21.97 ? 105 PRO A O    1 
ATOM   963  C CB   . PRO A 1 104 ? 16.657  6.920   7.177   1.00 25.36 ? 105 PRO A CB   1 
ATOM   964  C CG   . PRO A 1 104 ? 17.679  6.606   6.094   1.00 28.03 ? 105 PRO A CG   1 
ATOM   965  C CD   . PRO A 1 104 ? 17.151  7.335   4.862   1.00 26.46 ? 105 PRO A CD   1 
ATOM   966  N N    . ASN A 1 105 ? 13.318  7.574   7.534   1.00 19.76 ? 106 ASN A N    1 
ATOM   967  C CA   . ASN A 1 105 ? 12.393  8.532   8.123   1.00 22.17 ? 106 ASN A CA   1 
ATOM   968  C C    . ASN A 1 105 ? 11.717  9.489   7.133   1.00 20.51 ? 106 ASN A C    1 
ATOM   969  O O    . ASN A 1 105 ? 11.570  10.694  7.405   1.00 22.31 ? 106 ASN A O    1 
ATOM   970  C CB   . ASN A 1 105 ? 13.154  9.330   9.218   1.00 22.94 ? 106 ASN A CB   1 
ATOM   971  C CG   . ASN A 1 105 ? 13.776  8.423   10.270  1.00 22.84 ? 106 ASN A CG   1 
ATOM   972  O OD1  . ASN A 1 105 ? 13.084  7.643   10.923  1.00 22.45 ? 106 ASN A OD1  1 
ATOM   973  N ND2  . ASN A 1 105 ? 15.081  8.443   10.488  1.00 22.24 ? 106 ASN A ND2  1 
ATOM   974  H H    . ASN A 1 105 ? 13.122  6.619   7.644   1.00 0.00  ? 106 ASN A H    1 
ATOM   975  H HD21 . ASN A 1 105 ? 15.442  7.901   11.215  1.00 0.00  ? 106 ASN A HD21 1 
ATOM   976  H HD22 . ASN A 1 105 ? 15.635  9.045   9.929   1.00 0.00  ? 106 ASN A HD22 1 
ATOM   977  N N    . THR A 1 106 ? 11.303  8.971   5.972   1.00 20.37 ? 107 THR A N    1 
ATOM   978  C CA   . THR A 1 106 ? 10.627  9.761   4.946   1.00 21.05 ? 107 THR A CA   1 
ATOM   979  C C    . THR A 1 106 ? 9.275   9.120   4.565   1.00 23.44 ? 107 THR A C    1 
ATOM   980  O O    . THR A 1 106 ? 8.852   9.122   3.399   1.00 25.08 ? 107 THR A O    1 
ATOM   981  C CB   . THR A 1 106 ? 11.525  9.884   3.677   1.00 20.41 ? 107 THR A CB   1 
ATOM   982  O OG1  . THR A 1 106 ? 11.822  8.574   3.193   1.00 20.81 ? 107 THR A OG1  1 
ATOM   983  C CG2  . THR A 1 106 ? 12.807  10.637  3.968   1.00 19.49 ? 107 THR A CG2  1 
ATOM   984  H H    . THR A 1 106 ? 11.386  8.005   5.822   1.00 0.00  ? 107 THR A H    1 
ATOM   985  H HG1  . THR A 1 106 ? 12.303  8.092   3.883   1.00 0.00  ? 107 THR A HG1  1 
ATOM   986  N N    . ASN A 1 107 ? 8.568   8.534   5.539   1.00 22.57 ? 108 ASN A N    1 
ATOM   987  C CA   . ASN A 1 107 ? 7.299   7.866   5.270   1.00 21.80 ? 108 ASN A CA   1 
ATOM   988  C C    . ASN A 1 107 ? 6.224   8.900   4.960   1.00 23.51 ? 108 ASN A C    1 
ATOM   989  O O    . ASN A 1 107 ? 6.120   9.869   5.705   1.00 20.74 ? 108 ASN A O    1 
ATOM   990  C CB   . ASN A 1 107 ? 6.838   7.063   6.473   1.00 20.03 ? 108 ASN A CB   1 
ATOM   991  C CG   . ASN A 1 107 ? 7.748   5.895   6.731   1.00 21.60 ? 108 ASN A CG   1 
ATOM   992  O OD1  . ASN A 1 107 ? 7.811   4.955   5.940   1.00 21.28 ? 108 ASN A OD1  1 
ATOM   993  N ND2  . ASN A 1 107 ? 8.483   5.937   7.830   1.00 18.30 ? 108 ASN A ND2  1 
ATOM   994  H H    . ASN A 1 107 ? 8.872   8.640   6.468   1.00 0.00  ? 108 ASN A H    1 
ATOM   995  H HD21 . ASN A 1 107 ? 9.135   5.219   7.998   1.00 0.00  ? 108 ASN A HD21 1 
ATOM   996  H HD22 . ASN A 1 107 ? 8.369   6.693   8.445   1.00 0.00  ? 108 ASN A HD22 1 
ATOM   997  N N    . GLY A 1 108 ? 5.412   8.717   3.918   1.00 22.89 ? 109 GLY A N    1 
ATOM   998  C CA   . GLY A 1 108 ? 4.346   9.629   3.580   1.00 20.43 ? 109 GLY A CA   1 
ATOM   999  C C    . GLY A 1 108 ? 3.077   8.794   3.469   1.00 20.64 ? 109 GLY A C    1 
ATOM   1000 O O    . GLY A 1 108 ? 2.542   8.332   4.478   1.00 19.83 ? 109 GLY A O    1 
ATOM   1001 H H    . GLY A 1 108 ? 5.510   7.910   3.376   1.00 0.00  ? 109 GLY A H    1 
ATOM   1002 N N    . SER A 1 109 ? 2.617   8.554   2.240   1.00 18.31 ? 110 SER A N    1 
ATOM   1003 C CA   . SER A 1 109 ? 1.395   7.780   2.005   1.00 19.23 ? 110 SER A CA   1 
ATOM   1004 C C    . SER A 1 109 ? 1.592   6.588   1.067   1.00 18.84 ? 110 SER A C    1 
ATOM   1005 O O    . SER A 1 109 ? 0.728   5.714   0.936   1.00 18.38 ? 110 SER A O    1 
ATOM   1006 C CB   . SER A 1 109 ? 0.318   8.703   1.419   1.00 15.21 ? 110 SER A CB   1 
ATOM   1007 O OG   . SER A 1 109 ? 0.771   9.360   0.255   1.00 17.46 ? 110 SER A OG   1 
ATOM   1008 H H    . SER A 1 109 ? 3.146   8.893   1.489   1.00 0.00  ? 110 SER A H    1 
ATOM   1009 H HG   . SER A 1 109 ? 1.730   9.305   0.190   1.00 0.00  ? 110 SER A HG   1 
ATOM   1010 N N    . GLN A 1 110 ? 2.746   6.484   0.404   1.00 18.28 ? 111 GLN A N    1 
ATOM   1011 C CA   . GLN A 1 110 ? 2.989   5.391   -0.519  1.00 17.34 ? 111 GLN A CA   1 
ATOM   1012 C C    . GLN A 1 110 ? 3.333   4.108   0.234   1.00 17.92 ? 111 GLN A C    1 
ATOM   1013 O O    . GLN A 1 110 ? 4.020   4.102   1.271   1.00 16.64 ? 111 GLN A O    1 
ATOM   1014 C CB   . GLN A 1 110 ? 4.105   5.795   -1.454  1.00 17.41 ? 111 GLN A CB   1 
ATOM   1015 C CG   . GLN A 1 110 ? 3.731   6.988   -2.329  1.00 17.96 ? 111 GLN A CG   1 
ATOM   1016 C CD   . GLN A 1 110 ? 4.829   7.297   -3.323  1.00 20.30 ? 111 GLN A CD   1 
ATOM   1017 O OE1  . GLN A 1 110 ? 5.299   6.408   -4.048  1.00 22.54 ? 111 GLN A OE1  1 
ATOM   1018 N NE2  . GLN A 1 110 ? 5.264   8.537   -3.438  1.00 18.62 ? 111 GLN A NE2  1 
ATOM   1019 H H    . GLN A 1 110 ? 3.492   7.081   0.627   1.00 0.00  ? 111 GLN A H    1 
ATOM   1020 H HE21 . GLN A 1 110 ? 6.049   8.691   -4.007  1.00 0.00  ? 111 GLN A HE21 1 
ATOM   1021 H HE22 . GLN A 1 110 ? 4.821   9.247   -2.923  1.00 0.00  ? 111 GLN A HE22 1 
ATOM   1022 N N    . PHE A 1 111 ? 2.840   3.017   -0.324  1.00 16.43 ? 112 PHE A N    1 
ATOM   1023 C CA   . PHE A 1 111 ? 2.927   1.699   0.271   1.00 16.66 ? 112 PHE A CA   1 
ATOM   1024 C C    . PHE A 1 111 ? 3.123   0.704   -0.873  1.00 16.04 ? 112 PHE A C    1 
ATOM   1025 O O    . PHE A 1 111 ? 2.873   1.030   -2.047  1.00 16.78 ? 112 PHE A O    1 
ATOM   1026 C CB   . PHE A 1 111 ? 1.607   1.350   1.042   1.00 17.17 ? 112 PHE A CB   1 
ATOM   1027 C CG   . PHE A 1 111 ? 0.331   1.316   0.169   1.00 17.28 ? 112 PHE A CG   1 
ATOM   1028 C CD1  . PHE A 1 111 ? -0.024  0.159   -0.546  1.00 17.97 ? 112 PHE A CD1  1 
ATOM   1029 C CD2  . PHE A 1 111 ? -0.413  2.496   -0.029  1.00 19.91 ? 112 PHE A CD2  1 
ATOM   1030 C CE1  . PHE A 1 111 ? -1.007  0.201   -1.534  1.00 18.09 ? 112 PHE A CE1  1 
ATOM   1031 C CE2  . PHE A 1 111 ? -1.424  2.530   -0.997  1.00 18.97 ? 112 PHE A CE2  1 
ATOM   1032 C CZ   . PHE A 1 111 ? -1.692  1.395   -1.770  1.00 20.56 ? 112 PHE A CZ   1 
ATOM   1033 H H    . PHE A 1 111 ? 2.426   3.082   -1.211  1.00 0.00  ? 112 PHE A H    1 
ATOM   1034 N N    . PHE A 1 112 ? 3.484   -0.531  -0.547  1.00 14.66 ? 113 PHE A N    1 
ATOM   1035 C CA   . PHE A 1 112 ? 3.528   -1.565  -1.547  1.00 16.36 ? 113 PHE A CA   1 
ATOM   1036 C C    . PHE A 1 112 ? 3.071   -2.853  -0.900  1.00 17.75 ? 113 PHE A C    1 
ATOM   1037 O O    . PHE A 1 112 ? 3.107   -3.030  0.324   1.00 18.54 ? 113 PHE A O    1 
ATOM   1038 C CB   . PHE A 1 112 ? 4.950   -1.743  -2.143  1.00 17.33 ? 113 PHE A CB   1 
ATOM   1039 C CG   . PHE A 1 112 ? 6.077   -2.045  -1.163  1.00 17.75 ? 113 PHE A CG   1 
ATOM   1040 C CD1  . PHE A 1 112 ? 6.663   -0.994  -0.444  1.00 17.04 ? 113 PHE A CD1  1 
ATOM   1041 C CD2  . PHE A 1 112 ? 6.504   -3.365  -0.992  1.00 17.47 ? 113 PHE A CD2  1 
ATOM   1042 C CE1  . PHE A 1 112 ? 7.674   -1.274  0.467   1.00 18.86 ? 113 PHE A CE1  1 
ATOM   1043 C CE2  . PHE A 1 112 ? 7.528   -3.636  -0.087  1.00 19.64 ? 113 PHE A CE2  1 
ATOM   1044 C CZ   . PHE A 1 112 ? 8.108   -2.590  0.639   1.00 18.67 ? 113 PHE A CZ   1 
ATOM   1045 H H    . PHE A 1 112 ? 3.672   -0.778  0.382   1.00 0.00  ? 113 PHE A H    1 
ATOM   1046 N N    . ILE A 1 113 ? 2.572   -3.745  -1.737  1.00 18.83 ? 114 ILE A N    1 
ATOM   1047 C CA   . ILE A 1 113 ? 2.089   -5.049  -1.326  1.00 19.56 ? 114 ILE A CA   1 
ATOM   1048 C C    . ILE A 1 113 ? 3.082   -6.007  -1.980  1.00 19.46 ? 114 ILE A C    1 
ATOM   1049 O O    . ILE A 1 113 ? 3.227   -6.021  -3.217  1.00 18.30 ? 114 ILE A O    1 
ATOM   1050 C CB   . ILE A 1 113 ? 0.643   -5.336  -1.871  1.00 20.19 ? 114 ILE A CB   1 
ATOM   1051 C CG1  . ILE A 1 113 ? -0.339  -4.212  -1.466  1.00 22.18 ? 114 ILE A CG1  1 
ATOM   1052 C CG2  . ILE A 1 113 ? 0.179   -6.690  -1.318  1.00 18.66 ? 114 ILE A CG2  1 
ATOM   1053 C CD1  . ILE A 1 113 ? -1.652  -4.181  -2.300  1.00 22.29 ? 114 ILE A CD1  1 
ATOM   1054 H H    . ILE A 1 113 ? 2.552   -3.533  -2.691  1.00 0.00  ? 114 ILE A H    1 
ATOM   1055 N N    . CYS A 1 114 ? 3.764   -6.799  -1.168  1.00 18.57 ? 115 CYS A N    1 
ATOM   1056 C CA   . CYS A 1 114 ? 4.694   -7.794  -1.677  1.00 21.45 ? 115 CYS A CA   1 
ATOM   1057 C C    . CYS A 1 114 ? 4.011   -8.986  -2.341  1.00 22.23 ? 115 CYS A C    1 
ATOM   1058 O O    . CYS A 1 114 ? 3.011   -9.516  -1.831  1.00 21.07 ? 115 CYS A O    1 
ATOM   1059 C CB   . CYS A 1 114 ? 5.587   -8.325  -0.545  1.00 22.29 ? 115 CYS A CB   1 
ATOM   1060 S SG   . CYS A 1 114 ? 6.592   -7.047  0.254   1.00 24.77 ? 115 CYS A SG   1 
ATOM   1061 H H    . CYS A 1 114 ? 3.626   -6.712  -0.206  1.00 0.00  ? 115 CYS A H    1 
ATOM   1062 N N    . THR A 1 115 ? 4.475   -9.437  -3.494  1.00 19.30 ? 116 THR A N    1 
ATOM   1063 C CA   . THR A 1 115 ? 3.954   -10.674 -4.025  1.00 22.91 ? 116 THR A CA   1 
ATOM   1064 C C    . THR A 1 115 ? 4.999   -11.782 -3.890  1.00 24.33 ? 116 THR A C    1 
ATOM   1065 O O    . THR A 1 115 ? 4.805   -12.875 -4.403  1.00 24.25 ? 116 THR A O    1 
ATOM   1066 C CB   . THR A 1 115 ? 3.553   -10.422 -5.476  1.00 22.56 ? 116 THR A CB   1 
ATOM   1067 O OG1  . THR A 1 115 ? 4.671   -9.846  -6.143  1.00 24.13 ? 116 THR A OG1  1 
ATOM   1068 C CG2  . THR A 1 115 ? 2.322   -9.528  -5.551  1.00 22.24 ? 116 THR A CG2  1 
ATOM   1069 H H    . THR A 1 115 ? 5.098   -8.941  -4.064  1.00 0.00  ? 116 THR A H    1 
ATOM   1070 H HG1  . THR A 1 115 ? 4.427   -9.898  -7.070  1.00 0.00  ? 116 THR A HG1  1 
ATOM   1071 N N    . ALA A 1 116 ? 6.106   -11.554 -3.180  1.00 25.05 ? 117 ALA A N    1 
ATOM   1072 C CA   . ALA A 1 116 ? 7.163   -12.536 -2.966  1.00 24.03 ? 117 ALA A CA   1 
ATOM   1073 C C    . ALA A 1 116 ? 7.804   -12.204 -1.631  1.00 24.10 ? 117 ALA A C    1 
ATOM   1074 O O    . ALA A 1 116 ? 7.516   -11.162 -1.022  1.00 23.12 ? 117 ALA A O    1 
ATOM   1075 C CB   . ALA A 1 116 ? 8.243   -12.431 -4.027  1.00 22.58 ? 117 ALA A CB   1 
ATOM   1076 H H    . ALA A 1 116 ? 6.275   -10.665 -2.806  1.00 0.00  ? 117 ALA A H    1 
ATOM   1077 N N    . LYS A 1 117 ? 8.599   -13.117 -1.092  1.00 24.56 ? 118 LYS A N    1 
ATOM   1078 C CA   . LYS A 1 117 ? 9.358   -12.856 0.132   1.00 26.92 ? 118 LYS A CA   1 
ATOM   1079 C C    . LYS A 1 117 ? 10.429  -11.849 -0.281  1.00 24.50 ? 118 LYS A C    1 
ATOM   1080 O O    . LYS A 1 117 ? 11.115  -12.082 -1.286  1.00 26.15 ? 118 LYS A O    1 
ATOM   1081 C CB   . LYS A 1 117 ? 10.000  -14.142 0.610   1.00 27.09 ? 118 LYS A CB   1 
ATOM   1082 C CG   . LYS A 1 117 ? 10.594  -13.983 1.976   1.00 31.57 ? 118 LYS A CG   1 
ATOM   1083 C CD   . LYS A 1 117 ? 11.413  -15.196 2.424   1.00 36.09 ? 118 LYS A CD   1 
ATOM   1084 C CE   . LYS A 1 117 ? 12.043  -14.897 3.783   1.00 42.11 ? 118 LYS A CE   1 
ATOM   1085 N NZ   . LYS A 1 117 ? 12.582  -13.542 3.798   1.00 50.88 ? 118 LYS A NZ   1 
ATOM   1086 H H    . LYS A 1 117 ? 8.706   -13.980 -1.554  1.00 0.00  ? 118 LYS A H    1 
ATOM   1087 H HZ1  . LYS A 1 117 ? 13.166  -13.399 2.938   1.00 0.00  ? 118 LYS A HZ1  1 
ATOM   1088 H HZ2  . LYS A 1 117 ? 11.824  -12.827 3.797   1.00 0.00  ? 118 LYS A HZ2  1 
ATOM   1089 H HZ3  . LYS A 1 117 ? 13.128  -13.319 4.652   1.00 0.00  ? 118 LYS A HZ3  1 
ATOM   1090 N N    . THR A 1 118 ? 10.572  -10.709 0.398   1.00 22.62 ? 119 THR A N    1 
ATOM   1091 C CA   . THR A 1 118 ? 11.535  -9.722  -0.053  1.00 22.19 ? 119 THR A CA   1 
ATOM   1092 C C    . THR A 1 118 ? 12.437  -9.326  1.126   1.00 21.40 ? 119 THR A C    1 
ATOM   1093 O O    . THR A 1 118 ? 12.466  -8.164  1.569   1.00 19.78 ? 119 THR A O    1 
ATOM   1094 C CB   . THR A 1 118 ? 10.745  -8.490  -0.666  1.00 21.54 ? 119 THR A CB   1 
ATOM   1095 O OG1  . THR A 1 118 ? 9.980   -7.936  0.405   1.00 24.76 ? 119 THR A OG1  1 
ATOM   1096 C CG2  . THR A 1 118 ? 9.844   -8.834  -1.854  1.00 21.03 ? 119 THR A CG2  1 
ATOM   1097 H H    . THR A 1 118 ? 9.981   -10.495 1.155   1.00 0.00  ? 119 THR A H    1 
ATOM   1098 H HG1  . THR A 1 118 ? 10.632  -7.461  0.928   1.00 0.00  ? 119 THR A HG1  1 
ATOM   1099 N N    . GLU A 1 119 ? 13.197  -10.284 1.637   1.00 20.32 ? 120 GLU A N    1 
ATOM   1100 C CA   . GLU A 1 119 ? 14.035  -10.093 2.802   1.00 21.24 ? 120 GLU A CA   1 
ATOM   1101 C C    . GLU A 1 119 ? 15.049  -8.965  2.673   1.00 20.59 ? 120 GLU A C    1 
ATOM   1102 O O    . GLU A 1 119 ? 15.397  -8.325  3.665   1.00 19.40 ? 120 GLU A O    1 
ATOM   1103 C CB   . GLU A 1 119 ? 14.780  -11.384 3.149   1.00 27.94 ? 120 GLU A CB   1 
ATOM   1104 C CG   . GLU A 1 119 ? 15.591  -12.113 2.056   1.00 36.54 ? 120 GLU A CG   1 
ATOM   1105 C CD   . GLU A 1 119 ? 14.764  -12.669 0.910   1.00 42.08 ? 120 GLU A CD   1 
ATOM   1106 O OE1  . GLU A 1 119 ? 13.621  -13.066 1.150   1.00 44.89 ? 120 GLU A OE1  1 
ATOM   1107 O OE2  . GLU A 1 119 ? 15.217  -12.631 -0.224  1.00 48.19 ? 120 GLU A OE2  1 
ATOM   1108 H H    . GLU A 1 119 ? 13.169  -11.141 1.164   1.00 0.00  ? 120 GLU A H    1 
ATOM   1109 N N    . TRP A 1 120 ? 15.540  -8.649  1.468   1.00 18.28 ? 121 TRP A N    1 
ATOM   1110 C CA   . TRP A 1 120 ? 16.456  -7.525  1.310   1.00 19.98 ? 121 TRP A CA   1 
ATOM   1111 C C    . TRP A 1 120 ? 15.843  -6.183  1.701   1.00 22.69 ? 121 TRP A C    1 
ATOM   1112 O O    . TRP A 1 120 ? 16.557  -5.187  1.800   1.00 22.16 ? 121 TRP A O    1 
ATOM   1113 C CB   . TRP A 1 120 ? 16.960  -7.417  -0.136  1.00 19.04 ? 121 TRP A CB   1 
ATOM   1114 C CG   . TRP A 1 120 ? 15.887  -7.342  -1.221  1.00 21.11 ? 121 TRP A CG   1 
ATOM   1115 C CD1  . TRP A 1 120 ? 15.488  -6.135  -1.744  1.00 20.92 ? 121 TRP A CD1  1 
ATOM   1116 C CD2  . TRP A 1 120 ? 15.242  -8.409  -1.804  1.00 21.51 ? 121 TRP A CD2  1 
ATOM   1117 N NE1  . TRP A 1 120 ? 14.600  -6.436  -2.665  1.00 20.47 ? 121 TRP A NE1  1 
ATOM   1118 C CE2  . TRP A 1 120 ? 14.401  -7.765  -2.724  1.00 19.89 ? 121 TRP A CE2  1 
ATOM   1119 C CE3  . TRP A 1 120 ? 15.240  -9.801  -1.705  1.00 21.88 ? 121 TRP A CE3  1 
ATOM   1120 C CZ2  . TRP A 1 120 ? 13.548  -8.506  -3.536  1.00 20.39 ? 121 TRP A CZ2  1 
ATOM   1121 C CZ3  . TRP A 1 120 ? 14.371  -10.545 -2.514  1.00 21.14 ? 121 TRP A CZ3  1 
ATOM   1122 C CH2  . TRP A 1 120 ? 13.534  -9.900  -3.423  1.00 21.68 ? 121 TRP A CH2  1 
ATOM   1123 H H    . TRP A 1 120 ? 15.327  -9.249  0.725   1.00 0.00  ? 121 TRP A H    1 
ATOM   1124 H HE1  . TRP A 1 120 ? 14.245  -5.766  -3.304  1.00 0.00  ? 121 TRP A HE1  1 
ATOM   1125 N N    . LEU A 1 121 ? 14.525  -6.077  1.910   1.00 21.52 ? 122 LEU A N    1 
ATOM   1126 C CA   . LEU A 1 121 ? 13.938  -4.820  2.338   1.00 19.29 ? 122 LEU A CA   1 
ATOM   1127 C C    . LEU A 1 121 ? 13.820  -4.695  3.847   1.00 16.90 ? 122 LEU A C    1 
ATOM   1128 O O    . LEU A 1 121 ? 13.435  -3.616  4.331   1.00 18.29 ? 122 LEU A O    1 
ATOM   1129 C CB   . LEU A 1 121 ? 12.570  -4.677  1.674   1.00 20.29 ? 122 LEU A CB   1 
ATOM   1130 C CG   . LEU A 1 121 ? 12.558  -4.634  0.129   1.00 21.09 ? 122 LEU A CG   1 
ATOM   1131 C CD1  . LEU A 1 121 ? 11.119  -4.635  -0.382  1.00 20.17 ? 122 LEU A CD1  1 
ATOM   1132 C CD2  . LEU A 1 121 ? 13.314  -3.392  -0.354  1.00 20.53 ? 122 LEU A CD2  1 
ATOM   1133 H H    . LEU A 1 121 ? 13.948  -6.866  1.824   1.00 0.00  ? 122 LEU A H    1 
ATOM   1134 N N    . ASP A 1 122 ? 14.108  -5.757  4.610   1.00 16.57 ? 123 ASP A N    1 
ATOM   1135 C CA   . ASP A 1 122 ? 13.985  -5.734  6.059   1.00 18.91 ? 123 ASP A CA   1 
ATOM   1136 C C    . ASP A 1 122 ? 14.926  -4.713  6.667   1.00 21.68 ? 123 ASP A C    1 
ATOM   1137 O O    . ASP A 1 122 ? 16.065  -4.494  6.235   1.00 22.96 ? 123 ASP A O    1 
ATOM   1138 C CB   . ASP A 1 122 ? 14.293  -7.103  6.658   1.00 19.91 ? 123 ASP A CB   1 
ATOM   1139 C CG   . ASP A 1 122 ? 13.321  -8.203  6.259   1.00 23.12 ? 123 ASP A CG   1 
ATOM   1140 O OD1  . ASP A 1 122 ? 12.233  -7.913  5.779   1.00 21.65 ? 123 ASP A OD1  1 
ATOM   1141 O OD2  . ASP A 1 122 ? 13.606  -9.377  6.454   1.00 21.56 ? 123 ASP A OD2  1 
ATOM   1142 H H    . ASP A 1 122 ? 14.470  -6.579  4.212   1.00 0.00  ? 123 ASP A H    1 
ATOM   1143 N N    . GLY A 1 123 ? 14.382  -3.954  7.609   1.00 20.94 ? 124 GLY A N    1 
ATOM   1144 C CA   . GLY A 1 123 ? 15.170  -2.908  8.242   1.00 23.26 ? 124 GLY A CA   1 
ATOM   1145 C C    . GLY A 1 123 ? 15.275  -1.650  7.385   1.00 22.28 ? 124 GLY A C    1 
ATOM   1146 O O    . GLY A 1 123 ? 15.895  -0.686  7.834   1.00 23.53 ? 124 GLY A O    1 
ATOM   1147 H H    . GLY A 1 123 ? 13.422  -4.043  7.783   1.00 0.00  ? 124 GLY A H    1 
ATOM   1148 N N    . LYS A 1 124 ? 14.699  -1.633  6.172   1.00 20.47 ? 125 LYS A N    1 
ATOM   1149 C CA   . LYS A 1 124 ? 14.719  -0.456  5.321   1.00 23.97 ? 125 LYS A CA   1 
ATOM   1150 C C    . LYS A 1 124 ? 13.279  0.061   5.140   1.00 24.38 ? 125 LYS A C    1 
ATOM   1151 O O    . LYS A 1 124 ? 13.039  1.262   4.947   1.00 21.63 ? 125 LYS A O    1 
ATOM   1152 C CB   . LYS A 1 124 ? 15.333  -0.802  3.935   1.00 27.03 ? 125 LYS A CB   1 
ATOM   1153 C CG   . LYS A 1 124 ? 16.742  -1.438  3.879   1.00 32.32 ? 125 LYS A CG   1 
ATOM   1154 C CD   . LYS A 1 124 ? 17.103  -1.861  2.442   1.00 36.92 ? 125 LYS A CD   1 
ATOM   1155 C CE   . LYS A 1 124 ? 18.438  -2.643  2.298   1.00 41.21 ? 125 LYS A CE   1 
ATOM   1156 N NZ   . LYS A 1 124 ? 18.493  -3.507  1.113   1.00 44.43 ? 125 LYS A NZ   1 
ATOM   1157 H H    . LYS A 1 124 ? 14.316  -2.457  5.806   1.00 0.00  ? 125 LYS A H    1 
ATOM   1158 H HZ1  . LYS A 1 124 ? 17.672  -4.134  1.165   1.00 0.00  ? 125 LYS A HZ1  1 
ATOM   1159 H HZ2  . LYS A 1 124 ? 18.498  -3.018  0.198   1.00 0.00  ? 125 LYS A HZ2  1 
ATOM   1160 H HZ3  . LYS A 1 124 ? 19.317  -4.149  1.146   1.00 0.00  ? 125 LYS A HZ3  1 
ATOM   1161 N N    . HIS A 1 125 ? 12.256  -0.797  5.193   1.00 20.19 ? 126 HIS A N    1 
ATOM   1162 C CA   . HIS A 1 125 ? 10.880  -0.360  4.990   1.00 20.81 ? 126 HIS A CA   1 
ATOM   1163 C C    . HIS A 1 125 ? 10.047  -0.880  6.142   1.00 20.23 ? 126 HIS A C    1 
ATOM   1164 O O    . HIS A 1 125 ? 10.233  -2.043  6.541   1.00 19.38 ? 126 HIS A O    1 
ATOM   1165 C CB   . HIS A 1 125 ? 10.354  -0.905  3.660   1.00 19.16 ? 126 HIS A CB   1 
ATOM   1166 C CG   . HIS A 1 125 ? 11.033  -0.299  2.442   1.00 20.57 ? 126 HIS A CG   1 
ATOM   1167 N ND1  . HIS A 1 125 ? 10.631  0.837   1.874   1.00 19.10 ? 126 HIS A ND1  1 
ATOM   1168 C CD2  . HIS A 1 125 ? 12.161  -0.750  1.797   1.00 18.73 ? 126 HIS A CD2  1 
ATOM   1169 C CE1  . HIS A 1 125 ? 11.484  1.115   0.919   1.00 20.47 ? 126 HIS A CE1  1 
ATOM   1170 N NE2  . HIS A 1 125 ? 12.393  0.159   0.888   1.00 21.47 ? 126 HIS A NE2  1 
ATOM   1171 H H    . HIS A 1 125 ? 12.420  -1.736  5.434   1.00 0.00  ? 126 HIS A H    1 
ATOM   1172 H HD1  . HIS A 1 125 ? 9.814   1.337   2.108   1.00 0.00  ? 126 HIS A HD1  1 
ATOM   1173 H HE2  . HIS A 1 125 ? 13.191  0.171   0.304   1.00 0.00  ? 126 HIS A HE2  1 
ATOM   1174 N N    . VAL A 1 126 ? 9.142   -0.052  6.685   1.00 19.50 ? 127 VAL A N    1 
ATOM   1175 C CA   . VAL A 1 126 ? 8.330   -0.458  7.830   1.00 18.85 ? 127 VAL A CA   1 
ATOM   1176 C C    . VAL A 1 126 ? 7.117   -1.286  7.399   1.00 18.03 ? 127 VAL A C    1 
ATOM   1177 O O    . VAL A 1 126 ? 6.253   -0.826  6.634   1.00 17.73 ? 127 VAL A O    1 
ATOM   1178 C CB   . VAL A 1 126 ? 7.859   0.816   8.621   1.00 18.57 ? 127 VAL A CB   1 
ATOM   1179 C CG1  . VAL A 1 126 ? 7.032   0.389   9.838   1.00 18.28 ? 127 VAL A CG1  1 
ATOM   1180 C CG2  . VAL A 1 126 ? 9.059   1.622   9.112   1.00 18.01 ? 127 VAL A CG2  1 
ATOM   1181 H H    . VAL A 1 126 ? 9.024   0.854   6.319   1.00 0.00  ? 127 VAL A H    1 
ATOM   1182 N N    . VAL A 1 127 ? 7.102   -2.545  7.839   1.00 18.63 ? 128 VAL A N    1 
ATOM   1183 C CA   . VAL A 1 127 ? 6.017   -3.489  7.583   1.00 18.00 ? 128 VAL A CA   1 
ATOM   1184 C C    . VAL A 1 127 ? 4.909   -3.172  8.592   1.00 19.57 ? 128 VAL A C    1 
ATOM   1185 O O    . VAL A 1 127 ? 5.199   -3.035  9.795   1.00 19.25 ? 128 VAL A O    1 
ATOM   1186 C CB   . VAL A 1 127 ? 6.531   -4.944  7.761   1.00 15.48 ? 128 VAL A CB   1 
ATOM   1187 C CG1  . VAL A 1 127 ? 5.400   -5.944  7.623   1.00 15.85 ? 128 VAL A CG1  1 
ATOM   1188 C CG2  . VAL A 1 127 ? 7.531   -5.262  6.670   1.00 15.65 ? 128 VAL A CG2  1 
ATOM   1189 H H    . VAL A 1 127 ? 7.833   -2.831  8.430   1.00 0.00  ? 128 VAL A H    1 
ATOM   1190 N N    . PHE A 1 128 ? 3.644   -3.062  8.148   1.00 19.50 ? 129 PHE A N    1 
ATOM   1191 C CA   . PHE A 1 128 ? 2.564   -2.720  9.064   1.00 19.00 ? 129 PHE A CA   1 
ATOM   1192 C C    . PHE A 1 128 ? 1.247   -3.448  8.808   1.00 19.77 ? 129 PHE A C    1 
ATOM   1193 O O    . PHE A 1 128 ? 0.262   -3.168  9.502   1.00 20.07 ? 129 PHE A O    1 
ATOM   1194 C CB   . PHE A 1 128 ? 2.325   -1.194  9.017   1.00 17.69 ? 129 PHE A CB   1 
ATOM   1195 C CG   . PHE A 1 128 ? 1.828   -0.672  7.673   1.00 19.05 ? 129 PHE A CG   1 
ATOM   1196 C CD1  . PHE A 1 128 ? 2.723   -0.477  6.615   1.00 18.59 ? 129 PHE A CD1  1 
ATOM   1197 C CD2  . PHE A 1 128 ? 0.457   -0.420  7.489   1.00 18.31 ? 129 PHE A CD2  1 
ATOM   1198 C CE1  . PHE A 1 128 ? 2.248   -0.048  5.370   1.00 20.95 ? 129 PHE A CE1  1 
ATOM   1199 C CE2  . PHE A 1 128 ? 0.001   0.020   6.245   1.00 18.17 ? 129 PHE A CE2  1 
ATOM   1200 C CZ   . PHE A 1 128 ? 0.890   0.212   5.179   1.00 19.35 ? 129 PHE A CZ   1 
ATOM   1201 H H    . PHE A 1 128 ? 3.447   -3.206  7.196   1.00 0.00  ? 129 PHE A H    1 
ATOM   1202 N N    . GLY A 1 129 ? 1.158   -4.383  7.874   1.00 18.78 ? 130 GLY A N    1 
ATOM   1203 C CA   . GLY A 1 129 ? -0.101  -5.042  7.600   1.00 19.09 ? 130 GLY A CA   1 
ATOM   1204 C C    . GLY A 1 129 ? 0.109   -6.251  6.719   1.00 21.56 ? 130 GLY A C    1 
ATOM   1205 O O    . GLY A 1 129 ? 1.248   -6.549  6.324   1.00 21.21 ? 130 GLY A O    1 
ATOM   1206 H H    . GLY A 1 129 ? 1.945   -4.672  7.366   1.00 0.00  ? 130 GLY A H    1 
ATOM   1207 N N    . LYS A 1 130 ? -0.982  -6.936  6.375   1.00 22.20 ? 131 LYS A N    1 
ATOM   1208 C CA   . LYS A 1 130 ? -0.964  -8.097  5.492   1.00 25.68 ? 131 LYS A CA   1 
ATOM   1209 C C    . LYS A 1 130 ? -2.329  -8.254  4.798   1.00 22.72 ? 131 LYS A C    1 
ATOM   1210 O O    . LYS A 1 130 ? -3.355  -7.863  5.363   1.00 22.30 ? 131 LYS A O    1 
ATOM   1211 C CB   . LYS A 1 130 ? -0.642  -9.412  6.279   1.00 29.35 ? 131 LYS A CB   1 
ATOM   1212 C CG   . LYS A 1 130 ? -1.710  -9.795  7.312   1.00 39.43 ? 131 LYS A CG   1 
ATOM   1213 C CD   . LYS A 1 130 ? -1.461  -11.156 7.955   1.00 46.18 ? 131 LYS A CD   1 
ATOM   1214 C CE   . LYS A 1 130 ? -2.594  -11.577 8.910   1.00 51.13 ? 131 LYS A CE   1 
ATOM   1215 N NZ   . LYS A 1 130 ? -2.721  -10.753 10.106  1.00 56.10 ? 131 LYS A NZ   1 
ATOM   1216 H H    . LYS A 1 130 ? -1.857  -6.622  6.697   1.00 0.00  ? 131 LYS A H    1 
ATOM   1217 H HZ1  . LYS A 1 130 ? -1.902  -10.757 10.732  1.00 0.00  ? 131 LYS A HZ1  1 
ATOM   1218 H HZ2  . LYS A 1 130 ? -2.976  -9.768  9.892   1.00 0.00  ? 131 LYS A HZ2  1 
ATOM   1219 H HZ3  . LYS A 1 130 ? -3.552  -11.040 10.674  1.00 0.00  ? 131 LYS A HZ3  1 
ATOM   1220 N N    . VAL A 1 131 ? -2.391  -8.793  3.585   1.00 21.99 ? 132 VAL A N    1 
ATOM   1221 C CA   . VAL A 1 131 ? -3.633  -9.085  2.886   1.00 23.55 ? 132 VAL A CA   1 
ATOM   1222 C C    . VAL A 1 131 ? -4.352  -10.172 3.689   1.00 25.66 ? 132 VAL A C    1 
ATOM   1223 O O    . VAL A 1 131 ? -3.767  -11.180 4.101   1.00 24.88 ? 132 VAL A O    1 
ATOM   1224 C CB   . VAL A 1 131 ? -3.328  -9.572  1.425   1.00 23.38 ? 132 VAL A CB   1 
ATOM   1225 C CG1  . VAL A 1 131 ? -4.586  -10.019 0.682   1.00 19.25 ? 132 VAL A CG1  1 
ATOM   1226 C CG2  . VAL A 1 131 ? -2.709  -8.407  0.655   1.00 21.05 ? 132 VAL A CG2  1 
ATOM   1227 H H    . VAL A 1 131 ? -1.545  -9.028  3.155   1.00 0.00  ? 132 VAL A H    1 
ATOM   1228 N N    . LYS A 1 132 ? -5.628  -9.920  3.933   1.00 25.17 ? 133 LYS A N    1 
ATOM   1229 C CA   . LYS A 1 132 ? -6.512  -10.801 4.674   1.00 28.19 ? 133 LYS A CA   1 
ATOM   1230 C C    . LYS A 1 132 ? -7.295  -11.584 3.596   1.00 28.53 ? 133 LYS A C    1 
ATOM   1231 O O    . LYS A 1 132 ? -7.279  -12.819 3.567   1.00 30.02 ? 133 LYS A O    1 
ATOM   1232 C CB   . LYS A 1 132 ? -7.354  -9.862  5.566   1.00 29.64 ? 133 LYS A CB   1 
ATOM   1233 C CG   . LYS A 1 132 ? -8.029  -10.374 6.834   1.00 37.67 ? 133 LYS A CG   1 
ATOM   1234 C CD   . LYS A 1 132 ? -8.176  -9.176  7.797   1.00 44.39 ? 133 LYS A CD   1 
ATOM   1235 C CE   . LYS A 1 132 ? -8.791  -9.462  9.195   1.00 49.88 ? 133 LYS A CE   1 
ATOM   1236 N NZ   . LYS A 1 132 ? -8.462  -8.447  10.203  1.00 53.24 ? 133 LYS A NZ   1 
ATOM   1237 H H    . LYS A 1 132 ? -6.007  -9.116  3.533   1.00 0.00  ? 133 LYS A H    1 
ATOM   1238 H HZ1  . LYS A 1 132 ? -8.555  -7.495  9.800   1.00 0.00  ? 133 LYS A HZ1  1 
ATOM   1239 H HZ2  . LYS A 1 132 ? -9.147  -8.421  11.000  1.00 0.00  ? 133 LYS A HZ2  1 
ATOM   1240 H HZ3  . LYS A 1 132 ? -7.510  -8.548  10.600  1.00 0.00  ? 133 LYS A HZ3  1 
ATOM   1241 N N    . GLU A 1 133 ? -7.969  -10.942 2.638   1.00 26.95 ? 134 GLU A N    1 
ATOM   1242 C CA   . GLU A 1 133 ? -8.682  -11.640 1.576   1.00 26.47 ? 134 GLU A CA   1 
ATOM   1243 C C    . GLU A 1 133 ? -8.295  -10.968 0.280   1.00 22.89 ? 134 GLU A C    1 
ATOM   1244 O O    . GLU A 1 133 ? -7.915  -9.794  0.274   1.00 21.86 ? 134 GLU A O    1 
ATOM   1245 C CB   . GLU A 1 133 ? -10.185 -11.500 1.671   1.00 30.01 ? 134 GLU A CB   1 
ATOM   1246 C CG   . GLU A 1 133 ? -10.674 -11.868 3.033   1.00 39.25 ? 134 GLU A CG   1 
ATOM   1247 C CD   . GLU A 1 133 ? -12.157 -11.757 3.166   1.00 44.69 ? 134 GLU A CD   1 
ATOM   1248 O OE1  . GLU A 1 133 ? -12.873 -12.515 2.512   1.00 48.86 ? 134 GLU A OE1  1 
ATOM   1249 O OE2  . GLU A 1 133 ? -12.632 -10.972 3.982   1.00 48.17 ? 134 GLU A OE2  1 
ATOM   1250 H H    . GLU A 1 133 ? -8.004  -9.961  2.627   1.00 0.00  ? 134 GLU A H    1 
ATOM   1251 N N    . GLY A 1 134 ? -8.442  -11.671 -0.828  1.00 20.65 ? 135 GLY A N    1 
ATOM   1252 C CA   . GLY A 1 134 ? -8.235  -11.070 -2.128  1.00 21.21 ? 135 GLY A CA   1 
ATOM   1253 C C    . GLY A 1 134 ? -6.795  -11.080 -2.592  1.00 21.36 ? 135 GLY A C    1 
ATOM   1254 O O    . GLY A 1 134 ? -6.422  -10.281 -3.453  1.00 21.92 ? 135 GLY A O    1 
ATOM   1255 H H    . GLY A 1 134 ? -8.707  -12.614 -0.748  1.00 0.00  ? 135 GLY A H    1 
ATOM   1256 N N    . MET A 1 135 ? -5.960  -11.998 -2.091  1.00 22.65 ? 136 MET A N    1 
ATOM   1257 C CA   . MET A 1 135 ? -4.588  -12.095 -2.581  1.00 23.07 ? 136 MET A CA   1 
ATOM   1258 C C    . MET A 1 135 ? -4.583  -12.424 -4.074  1.00 20.66 ? 136 MET A C    1 
ATOM   1259 O O    . MET A 1 135 ? -3.772  -11.907 -4.843  1.00 19.14 ? 136 MET A O    1 
ATOM   1260 C CB   . MET A 1 135 ? -3.843  -13.166 -1.776  1.00 24.92 ? 136 MET A CB   1 
ATOM   1261 C CG   . MET A 1 135 ? -2.324  -13.158 -2.028  1.00 27.75 ? 136 MET A CG   1 
ATOM   1262 S SD   . MET A 1 135 ? -1.494  -11.593 -1.624  1.00 26.70 ? 136 MET A SD   1 
ATOM   1263 C CE   . MET A 1 135 ? -0.456  -11.530 -3.054  1.00 29.28 ? 136 MET A CE   1 
ATOM   1264 H H    . MET A 1 135 ? -6.252  -12.555 -1.334  1.00 0.00  ? 136 MET A H    1 
ATOM   1265 N N    . ASN A 1 136 ? -5.606  -13.171 -4.517  1.00 20.37 ? 137 ASN A N    1 
ATOM   1266 C CA   . ASN A 1 136 ? -5.778  -13.520 -5.918  1.00 17.45 ? 137 ASN A CA   1 
ATOM   1267 C C    . ASN A 1 136 ? -6.056  -12.278 -6.732  1.00 18.20 ? 137 ASN A C    1 
ATOM   1268 O O    . ASN A 1 136 ? -5.681  -12.235 -7.910  1.00 20.91 ? 137 ASN A O    1 
ATOM   1269 C CB   . ASN A 1 136 ? -6.938  -14.506 -6.110  1.00 20.48 ? 137 ASN A CB   1 
ATOM   1270 C CG   . ASN A 1 136 ? -8.292  -13.988 -5.648  1.00 23.26 ? 137 ASN A CG   1 
ATOM   1271 O OD1  . ASN A 1 136 ? -8.408  -13.441 -4.547  1.00 22.95 ? 137 ASN A OD1  1 
ATOM   1272 N ND2  . ASN A 1 136 ? -9.335  -14.145 -6.446  1.00 24.43 ? 137 ASN A ND2  1 
ATOM   1273 H H    . ASN A 1 136 ? -6.285  -13.472 -3.877  1.00 0.00  ? 137 ASN A H    1 
ATOM   1274 H HD21 . ASN A 1 136 ? -10.197 -13.768 -6.164  1.00 0.00  ? 137 ASN A HD21 1 
ATOM   1275 H HD22 . ASN A 1 136 ? -9.216  -14.648 -7.285  1.00 0.00  ? 137 ASN A HD22 1 
ATOM   1276 N N    . ILE A 1 137 ? -6.688  -11.243 -6.145  1.00 17.02 ? 138 ILE A N    1 
ATOM   1277 C CA   . ILE A 1 137 ? -6.883  -9.964  -6.840  1.00 18.81 ? 138 ILE A CA   1 
ATOM   1278 C C    . ILE A 1 137 ? -5.509  -9.254  -6.967  1.00 20.09 ? 138 ILE A C    1 
ATOM   1279 O O    . ILE A 1 137 ? -5.206  -8.643  -8.000  1.00 20.38 ? 138 ILE A O    1 
ATOM   1280 C CB   . ILE A 1 137 ? -7.898  -9.058  -6.059  1.00 18.29 ? 138 ILE A CB   1 
ATOM   1281 C CG1  . ILE A 1 137 ? -9.245  -9.777  -5.887  1.00 19.24 ? 138 ILE A CG1  1 
ATOM   1282 C CG2  . ILE A 1 137 ? -8.069  -7.727  -6.808  1.00 16.77 ? 138 ILE A CG2  1 
ATOM   1283 C CD1  . ILE A 1 137 ? -9.898  -10.207 -7.217  1.00 19.57 ? 138 ILE A CD1  1 
ATOM   1284 H H    . ILE A 1 137 ? -7.023  -11.328 -5.229  1.00 0.00  ? 138 ILE A H    1 
ATOM   1285 N N    . VAL A 1 138 ? -4.634  -9.307  -5.958  1.00 20.53 ? 139 VAL A N    1 
ATOM   1286 C CA   . VAL A 1 138 ? -3.302  -8.694  -6.075  1.00 22.50 ? 139 VAL A CA   1 
ATOM   1287 C C    . VAL A 1 138 ? -2.543  -9.445  -7.179  1.00 22.72 ? 139 VAL A C    1 
ATOM   1288 O O    . VAL A 1 138 ? -1.961  -8.808  -8.059  1.00 23.34 ? 139 VAL A O    1 
ATOM   1289 C CB   . VAL A 1 138 ? -2.546  -8.776  -4.707  1.00 23.17 ? 139 VAL A CB   1 
ATOM   1290 C CG1  . VAL A 1 138 ? -1.149  -8.169  -4.844  1.00 22.68 ? 139 VAL A CG1  1 
ATOM   1291 C CG2  . VAL A 1 138 ? -3.283  -7.963  -3.638  1.00 20.90 ? 139 VAL A CG2  1 
ATOM   1292 H H    . VAL A 1 138 ? -4.901  -9.747  -5.122  1.00 0.00  ? 139 VAL A H    1 
ATOM   1293 N N    . GLU A 1 139 ? -2.590  -10.784 -7.217  1.00 23.07 ? 140 GLU A N    1 
ATOM   1294 C CA   . GLU A 1 139 ? -1.969  -11.550 -8.290  1.00 26.58 ? 140 GLU A CA   1 
ATOM   1295 C C    . GLU A 1 139 ? -2.486  -11.139 -9.657  1.00 26.62 ? 140 GLU A C    1 
ATOM   1296 O O    . GLU A 1 139 ? -1.706  -11.078 -10.611 1.00 26.42 ? 140 GLU A O    1 
ATOM   1297 C CB   . GLU A 1 139 ? -2.245  -13.025 -8.151  1.00 29.97 ? 140 GLU A CB   1 
ATOM   1298 C CG   . GLU A 1 139 ? -1.556  -13.733 -6.988  1.00 37.73 ? 140 GLU A CG   1 
ATOM   1299 C CD   . GLU A 1 139 ? -2.122  -15.123 -6.693  1.00 41.54 ? 140 GLU A CD   1 
ATOM   1300 O OE1  . GLU A 1 139 ? -2.724  -15.776 -7.562  1.00 45.02 ? 140 GLU A OE1  1 
ATOM   1301 O OE2  . GLU A 1 139 ? -2.006  -15.561 -5.552  1.00 44.06 ? 140 GLU A OE2  1 
ATOM   1302 H H    . GLU A 1 139 ? -3.002  -11.273 -6.478  1.00 0.00  ? 140 GLU A H    1 
ATOM   1303 N N    . ALA A 1 140 ? -3.787  -10.870 -9.811  1.00 25.31 ? 141 ALA A N    1 
ATOM   1304 C CA   . ALA A 1 140 ? -4.333  -10.414 -11.088 1.00 24.90 ? 141 ALA A CA   1 
ATOM   1305 C C    . ALA A 1 140 ? -3.827  -9.021  -11.477 1.00 24.97 ? 141 ALA A C    1 
ATOM   1306 O O    . ALA A 1 140 ? -3.552  -8.772  -12.651 1.00 24.32 ? 141 ALA A O    1 
ATOM   1307 C CB   . ALA A 1 140 ? -5.854  -10.367 -11.018 1.00 23.96 ? 141 ALA A CB   1 
ATOM   1308 H H    . ALA A 1 140 ? -4.395  -11.009 -9.055  1.00 0.00  ? 141 ALA A H    1 
ATOM   1309 N N    . MET A 1 141 ? -3.671  -8.106  -10.516 1.00 24.31 ? 142 MET A N    1 
ATOM   1310 C CA   . MET A 1 141 ? -3.173  -6.749  -10.753 1.00 27.55 ? 142 MET A CA   1 
ATOM   1311 C C    . MET A 1 141 ? -1.746  -6.778  -11.287 1.00 29.38 ? 142 MET A C    1 
ATOM   1312 O O    . MET A 1 141 ? -1.327  -6.027  -12.178 1.00 28.73 ? 142 MET A O    1 
ATOM   1313 C CB   . MET A 1 141 ? -3.124  -5.936  -9.477  1.00 28.72 ? 142 MET A CB   1 
ATOM   1314 C CG   . MET A 1 141 ? -4.416  -5.557  -8.818  1.00 30.22 ? 142 MET A CG   1 
ATOM   1315 S SD   . MET A 1 141 ? -4.108  -4.807  -7.205  1.00 34.99 ? 142 MET A SD   1 
ATOM   1316 C CE   . MET A 1 141 ? -2.915  -3.590  -7.672  1.00 29.81 ? 142 MET A CE   1 
ATOM   1317 H H    . MET A 1 141 ? -3.920  -8.359  -9.598  1.00 0.00  ? 142 MET A H    1 
ATOM   1318 N N    . GLU A 1 142 ? -0.999  -7.699  -10.686 1.00 29.87 ? 143 GLU A N    1 
ATOM   1319 C CA   . GLU A 1 142 ? 0.394   -7.931  -10.991 1.00 31.59 ? 143 GLU A CA   1 
ATOM   1320 C C    . GLU A 1 142 ? 0.680   -8.158  -12.473 1.00 29.06 ? 143 GLU A C    1 
ATOM   1321 O O    . GLU A 1 142 ? 1.686   -7.721  -13.025 1.00 28.35 ? 143 GLU A O    1 
ATOM   1322 C CB   . GLU A 1 142 ? 0.764   -9.090  -10.079 1.00 31.87 ? 143 GLU A CB   1 
ATOM   1323 C CG   . GLU A 1 142 ? 2.074   -9.705  -10.400 1.00 34.66 ? 143 GLU A CG   1 
ATOM   1324 C CD   . GLU A 1 142 ? 2.620   -10.545 -9.288  1.00 33.36 ? 143 GLU A CD   1 
ATOM   1325 O OE1  . GLU A 1 142 ? 2.111   -11.624 -9.020  1.00 34.80 ? 143 GLU A OE1  1 
ATOM   1326 O OE2  . GLU A 1 142 ? 3.630   -10.159 -8.735  1.00 34.68 ? 143 GLU A OE2  1 
ATOM   1327 H H    . GLU A 1 142 ? -1.390  -8.200  -9.940  1.00 0.00  ? 143 GLU A H    1 
ATOM   1328 N N    . ARG A 1 143 ? -0.273  -8.744  -13.184 1.00 30.28 ? 144 ARG A N    1 
ATOM   1329 C CA   . ARG A 1 143 ? -0.132  -9.023  -14.589 1.00 33.24 ? 144 ARG A CA   1 
ATOM   1330 C C    . ARG A 1 143 ? -0.128  -7.760  -15.442 1.00 31.35 ? 144 ARG A C    1 
ATOM   1331 O O    . ARG A 1 143 ? 0.193   -7.845  -16.633 1.00 33.12 ? 144 ARG A O    1 
ATOM   1332 C CB   . ARG A 1 143 ? -1.270  -9.945  -15.060 1.00 40.71 ? 144 ARG A CB   1 
ATOM   1333 C CG   . ARG A 1 143 ? -1.587  -11.162 -14.171 1.00 48.68 ? 144 ARG A CG   1 
ATOM   1334 C CD   . ARG A 1 143 ? -0.406  -12.110 -13.954 1.00 55.57 ? 144 ARG A CD   1 
ATOM   1335 N NE   . ARG A 1 143 ? -0.467  -12.638 -12.598 1.00 61.99 ? 144 ARG A NE   1 
ATOM   1336 C CZ   . ARG A 1 143 ? 0.601   -12.690 -11.776 1.00 63.92 ? 144 ARG A CZ   1 
ATOM   1337 N NH1  . ARG A 1 143 ? 1.829   -12.325 -12.194 1.00 64.65 ? 144 ARG A NH1  1 
ATOM   1338 N NH2  . ARG A 1 143 ? 0.434   -13.139 -10.525 1.00 63.37 ? 144 ARG A NH2  1 
ATOM   1339 H H    . ARG A 1 143 ? -1.125  -8.941  -12.740 1.00 0.00  ? 144 ARG A H    1 
ATOM   1340 H HE   . ARG A 1 143 ? -1.352  -12.882 -12.249 1.00 0.00  ? 144 ARG A HE   1 
ATOM   1341 H HH11 . ARG A 1 143 ? 1.986   -11.966 -13.111 1.00 0.00  ? 144 ARG A HH11 1 
ATOM   1342 H HH12 . ARG A 1 143 ? 2.573   -12.259 -11.516 1.00 0.00  ? 144 ARG A HH12 1 
ATOM   1343 H HH21 . ARG A 1 143 ? -0.463  -13.365 -10.145 1.00 0.00  ? 144 ARG A HH21 1 
ATOM   1344 H HH22 . ARG A 1 143 ? 1.169   -12.992 -9.842  1.00 0.00  ? 144 ARG A HH22 1 
ATOM   1345 N N    . PHE A 1 144 ? -0.488  -6.590  -14.915 1.00 26.63 ? 145 PHE A N    1 
ATOM   1346 C CA   . PHE A 1 144 ? -0.479  -5.363  -15.705 1.00 24.53 ? 145 PHE A CA   1 
ATOM   1347 C C    . PHE A 1 144 ? 0.768   -4.525  -15.461 1.00 23.44 ? 145 PHE A C    1 
ATOM   1348 O O    . PHE A 1 144 ? 0.893   -3.393  -15.952 1.00 24.19 ? 145 PHE A O    1 
ATOM   1349 C CB   . PHE A 1 144 ? -1.723  -4.513  -15.386 1.00 27.67 ? 145 PHE A CB   1 
ATOM   1350 C CG   . PHE A 1 144 ? -3.028  -5.246  -15.664 1.00 28.24 ? 145 PHE A CG   1 
ATOM   1351 C CD1  . PHE A 1 144 ? -3.483  -5.383  -16.979 1.00 29.31 ? 145 PHE A CD1  1 
ATOM   1352 C CD2  . PHE A 1 144 ? -3.762  -5.800  -14.603 1.00 28.68 ? 145 PHE A CD2  1 
ATOM   1353 C CE1  . PHE A 1 144 ? -4.676  -6.077  -17.217 1.00 29.98 ? 145 PHE A CE1  1 
ATOM   1354 C CE2  . PHE A 1 144 ? -4.947  -6.493  -14.859 1.00 29.45 ? 145 PHE A CE2  1 
ATOM   1355 C CZ   . PHE A 1 144 ? -5.406  -6.629  -16.165 1.00 27.38 ? 145 PHE A CZ   1 
ATOM   1356 H H    . PHE A 1 144 ? -0.733  -6.531  -13.971 1.00 0.00  ? 145 PHE A H    1 
ATOM   1357 N N    . GLY A 1 145 ? 1.719   -5.048  -14.692 1.00 26.32 ? 146 GLY A N    1 
ATOM   1358 C CA   . GLY A 1 145 ? 2.955   -4.330  -14.409 1.00 27.28 ? 146 GLY A CA   1 
ATOM   1359 C C    . GLY A 1 145 ? 4.061   -4.731  -15.385 1.00 28.76 ? 146 GLY A C    1 
ATOM   1360 O O    . GLY A 1 145 ? 3.829   -5.437  -16.368 1.00 26.44 ? 146 GLY A O    1 
ATOM   1361 H H    . GLY A 1 145 ? 1.641   -5.979  -14.395 1.00 0.00  ? 146 GLY A H    1 
ATOM   1362 N N    . SER A 1 146 ? 5.294   -4.291  -15.158 1.00 28.13 ? 147 SER A N    1 
ATOM   1363 C CA   . SER A 1 146 ? 6.390   -4.622  -16.054 1.00 27.28 ? 147 SER A CA   1 
ATOM   1364 C C    . SER A 1 146 ? 7.724   -4.540  -15.341 1.00 27.21 ? 147 SER A C    1 
ATOM   1365 O O    . SER A 1 146 ? 7.764   -4.128  -14.183 1.00 25.27 ? 147 SER A O    1 
ATOM   1366 C CB   . SER A 1 146 ? 6.381   -3.673  -17.233 1.00 24.71 ? 147 SER A CB   1 
ATOM   1367 O OG   . SER A 1 146 ? 6.380   -2.299  -16.907 1.00 26.05 ? 147 SER A OG   1 
ATOM   1368 H H    . SER A 1 146 ? 5.498   -3.837  -14.306 1.00 0.00  ? 147 SER A H    1 
ATOM   1369 H HG   . SER A 1 146 ? 5.829   -2.149  -16.121 1.00 0.00  ? 147 SER A HG   1 
ATOM   1370 N N    . ARG A 1 147 ? 8.828   -4.877  -16.013 1.00 29.60 ? 148 ARG A N    1 
ATOM   1371 C CA   . ARG A 1 147 ? 10.159  -4.849  -15.413 1.00 30.84 ? 148 ARG A CA   1 
ATOM   1372 C C    . ARG A 1 147 ? 10.541  -3.482  -14.846 1.00 28.11 ? 148 ARG A C    1 
ATOM   1373 O O    . ARG A 1 147 ? 11.088  -3.409  -13.753 1.00 28.81 ? 148 ARG A O    1 
ATOM   1374 C CB   . ARG A 1 147 ? 11.173  -5.320  -16.480 1.00 37.74 ? 148 ARG A CB   1 
ATOM   1375 C CG   . ARG A 1 147 ? 11.457  -6.833  -16.381 1.00 45.68 ? 148 ARG A CG   1 
ATOM   1376 C CD   . ARG A 1 147 ? 12.469  -7.376  -17.413 1.00 54.00 ? 148 ARG A CD   1 
ATOM   1377 N NE   . ARG A 1 147 ? 11.850  -7.599  -18.721 1.00 61.75 ? 148 ARG A NE   1 
ATOM   1378 C CZ   . ARG A 1 147 ? 12.535  -7.876  -19.853 1.00 65.20 ? 148 ARG A CZ   1 
ATOM   1379 N NH1  . ARG A 1 147 ? 13.860  -8.084  -19.821 1.00 66.39 ? 148 ARG A NH1  1 
ATOM   1380 N NH2  . ARG A 1 147 ? 11.854  -8.037  -21.001 1.00 66.23 ? 148 ARG A NH2  1 
ATOM   1381 H H    . ARG A 1 147 ? 8.735   -5.140  -16.951 1.00 0.00  ? 148 ARG A H    1 
ATOM   1382 H HE   . ARG A 1 147 ? 10.870  -7.624  -18.773 1.00 0.00  ? 148 ARG A HE   1 
ATOM   1383 H HH11 . ARG A 1 147 ? 14.350  -8.090  -18.949 1.00 0.00  ? 148 ARG A HH11 1 
ATOM   1384 H HH12 . ARG A 1 147 ? 14.367  -8.357  -20.657 1.00 0.00  ? 148 ARG A HH12 1 
ATOM   1385 H HH21 . ARG A 1 147 ? 10.839  -8.051  -21.022 1.00 0.00  ? 148 ARG A HH21 1 
ATOM   1386 H HH22 . ARG A 1 147 ? 12.315  -8.176  -21.887 1.00 0.00  ? 148 ARG A HH22 1 
ATOM   1387 N N    . ASN A 1 148 ? 10.199  -2.369  -15.499 1.00 24.64 ? 149 ASN A N    1 
ATOM   1388 C CA   . ASN A 1 148 ? 10.501  -1.061  -14.942 1.00 25.25 ? 149 ASN A CA   1 
ATOM   1389 C C    . ASN A 1 148 ? 9.330   -0.500  -14.105 1.00 25.38 ? 149 ASN A C    1 
ATOM   1390 O O    . ASN A 1 148 ? 9.331   0.670   -13.700 1.00 24.84 ? 149 ASN A O    1 
ATOM   1391 C CB   . ASN A 1 148 ? 10.841  -0.101  -16.075 1.00 28.56 ? 149 ASN A CB   1 
ATOM   1392 C CG   . ASN A 1 148 ? 9.645   0.224   -16.968 1.00 33.37 ? 149 ASN A CG   1 
ATOM   1393 O OD1  . ASN A 1 148 ? 8.587   -0.413  -16.907 1.00 35.99 ? 149 ASN A OD1  1 
ATOM   1394 N ND2  . ASN A 1 148 ? 9.762   1.196   -17.855 1.00 36.21 ? 149 ASN A ND2  1 
ATOM   1395 H H    . ASN A 1 148 ? 9.641   -2.397  -16.305 1.00 0.00  ? 149 ASN A H    1 
ATOM   1396 H HD21 . ASN A 1 148 ? 8.972   1.432   -18.372 1.00 0.00  ? 149 ASN A HD21 1 
ATOM   1397 H HD22 . ASN A 1 148 ? 10.630  1.637   -17.953 1.00 0.00  ? 149 ASN A HD22 1 
ATOM   1398 N N    . GLY A 1 149 ? 8.282   -1.285  -13.838 1.00 24.23 ? 150 GLY A N    1 
ATOM   1399 C CA   . GLY A 1 149 ? 7.204   -0.825  -12.996 1.00 23.01 ? 150 GLY A CA   1 
ATOM   1400 C C    . GLY A 1 149 ? 6.081   -0.112  -13.719 1.00 25.67 ? 150 GLY A C    1 
ATOM   1401 O O    . GLY A 1 149 ? 5.041   0.106   -13.091 1.00 25.22 ? 150 GLY A O    1 
ATOM   1402 H H    . GLY A 1 149 ? 8.268   -2.209  -14.156 1.00 0.00  ? 150 GLY A H    1 
ATOM   1403 N N    . LYS A 1 150 ? 6.203   0.224   -15.010 1.00 25.69 ? 151 LYS A N    1 
ATOM   1404 C CA   . LYS A 1 150 ? 5.121   0.913   -15.699 1.00 28.41 ? 151 LYS A CA   1 
ATOM   1405 C C    . LYS A 1 150 ? 3.943   -0.034  -15.945 1.00 25.69 ? 151 LYS A C    1 
ATOM   1406 O O    . LYS A 1 150 ? 4.136   -1.186  -16.367 1.00 24.71 ? 151 LYS A O    1 
ATOM   1407 C CB   . LYS A 1 150 ? 5.668   1.503   -17.013 1.00 34.95 ? 151 LYS A CB   1 
ATOM   1408 C CG   . LYS A 1 150 ? 5.045   1.095   -18.362 1.00 46.80 ? 151 LYS A CG   1 
ATOM   1409 C CD   . LYS A 1 150 ? 5.674   -0.156  -19.040 1.00 53.73 ? 151 LYS A CD   1 
ATOM   1410 C CE   . LYS A 1 150 ? 4.643   -1.070  -19.766 1.00 55.70 ? 151 LYS A CE   1 
ATOM   1411 N NZ   . LYS A 1 150 ? 3.929   -1.915  -18.821 1.00 56.53 ? 151 LYS A NZ   1 
ATOM   1412 H H    . LYS A 1 150 ? 7.029   -0.002  -15.493 1.00 0.00  ? 151 LYS A H    1 
ATOM   1413 H HZ1  . LYS A 1 150 ? 3.487   -1.335  -18.080 1.00 0.00  ? 151 LYS A HZ1  1 
ATOM   1414 H HZ2  . LYS A 1 150 ? 3.232   -2.520  -19.297 1.00 0.00  ? 151 LYS A HZ2  1 
ATOM   1415 H HZ3  . LYS A 1 150 ? 4.625   -2.500  -18.323 1.00 0.00  ? 151 LYS A HZ3  1 
ATOM   1416 N N    . THR A 1 151 ? 2.702   0.404   -15.762 1.00 24.73 ? 152 THR A N    1 
ATOM   1417 C CA   . THR A 1 151 ? 1.546   -0.467  -15.906 1.00 25.91 ? 152 THR A CA   1 
ATOM   1418 C C    . THR A 1 151 ? 0.943   -0.348  -17.296 1.00 25.39 ? 152 THR A C    1 
ATOM   1419 O O    . THR A 1 151 ? 1.059   0.713   -17.911 1.00 25.94 ? 152 THR A O    1 
ATOM   1420 C CB   . THR A 1 151 ? 0.488   -0.125  -14.812 1.00 23.85 ? 152 THR A CB   1 
ATOM   1421 O OG1  . THR A 1 151 ? 0.133   1.254   -14.896 1.00 24.96 ? 152 THR A OG1  1 
ATOM   1422 C CG2  . THR A 1 151 ? 1.045   -0.426  -13.422 1.00 24.21 ? 152 THR A CG2  1 
ATOM   1423 H H    . THR A 1 151 ? 2.541   1.350   -15.555 1.00 0.00  ? 152 THR A H    1 
ATOM   1424 H HG1  . THR A 1 151 ? 0.920   1.805   -14.766 1.00 0.00  ? 152 THR A HG1  1 
ATOM   1425 N N    . SER A 1 152 ? 0.403   -1.409  -17.884 1.00 28.08 ? 153 SER A N    1 
ATOM   1426 C CA   . SER A 1 152 ? -0.203  -1.283  -19.207 1.00 31.88 ? 153 SER A CA   1 
ATOM   1427 C C    . SER A 1 152 ? -1.669  -0.843  -19.173 1.00 33.10 ? 153 SER A C    1 
ATOM   1428 O O    . SER A 1 152 ? -2.285  -0.503  -20.196 1.00 35.97 ? 153 SER A O    1 
ATOM   1429 C CB   . SER A 1 152 ? -0.080  -2.605  -19.916 1.00 30.92 ? 153 SER A CB   1 
ATOM   1430 O OG   . SER A 1 152 ? -0.393  -3.667  -19.029 1.00 35.57 ? 153 SER A OG   1 
ATOM   1431 H H    . SER A 1 152 ? 0.318   -2.273  -17.421 1.00 0.00  ? 153 SER A H    1 
ATOM   1432 H HG   . SER A 1 152 ? -0.372  -4.515  -19.496 1.00 0.00  ? 153 SER A HG   1 
ATOM   1433 N N    . LYS A 1 153 ? -2.300  -0.848  -18.003 1.00 33.97 ? 154 LYS A N    1 
ATOM   1434 C CA   . LYS A 1 153 ? -3.676  -0.401  -17.810 1.00 34.35 ? 154 LYS A CA   1 
ATOM   1435 C C    . LYS A 1 153 ? -3.641  0.472   -16.563 1.00 32.61 ? 154 LYS A C    1 
ATOM   1436 O O    . LYS A 1 153 ? -2.735  0.299   -15.741 1.00 30.63 ? 154 LYS A O    1 
ATOM   1437 C CB   . LYS A 1 153 ? -4.595  -1.589  -17.550 1.00 37.69 ? 154 LYS A CB   1 
ATOM   1438 C CG   . LYS A 1 153 ? -5.500  -2.126  -18.641 1.00 44.52 ? 154 LYS A CG   1 
ATOM   1439 C CD   . LYS A 1 153 ? -4.808  -2.513  -19.927 1.00 50.08 ? 154 LYS A CD   1 
ATOM   1440 C CE   . LYS A 1 153 ? -5.269  -1.562  -21.046 1.00 57.01 ? 154 LYS A CE   1 
ATOM   1441 N NZ   . LYS A 1 153 ? -5.102  -0.144  -20.733 1.00 58.70 ? 154 LYS A NZ   1 
ATOM   1442 H H    . LYS A 1 153 ? -1.794  -1.048  -17.185 1.00 0.00  ? 154 LYS A H    1 
ATOM   1443 H HZ1  . LYS A 1 153 ? -4.103  0.062   -20.512 1.00 0.00  ? 154 LYS A HZ1  1 
ATOM   1444 H HZ2  . LYS A 1 153 ? -5.451  0.436   -21.512 1.00 0.00  ? 154 LYS A HZ2  1 
ATOM   1445 H HZ3  . LYS A 1 153 ? -5.750  0.102   -19.941 1.00 0.00  ? 154 LYS A HZ3  1 
ATOM   1446 N N    . LYS A 1 154 ? -4.604  1.377   -16.385 1.00 29.03 ? 155 LYS A N    1 
ATOM   1447 C CA   . LYS A 1 154 ? -4.700  2.222   -15.199 1.00 30.80 ? 155 LYS A CA   1 
ATOM   1448 C C    . LYS A 1 154 ? -5.351  1.406   -14.079 1.00 29.40 ? 155 LYS A C    1 
ATOM   1449 O O    . LYS A 1 154 ? -6.521  1.003   -14.200 1.00 25.76 ? 155 LYS A O    1 
ATOM   1450 C CB   . LYS A 1 154 ? -5.568  3.466   -15.482 1.00 33.81 ? 155 LYS A CB   1 
ATOM   1451 C CG   . LYS A 1 154 ? -5.374  4.573   -14.458 1.00 39.13 ? 155 LYS A CG   1 
ATOM   1452 C CD   . LYS A 1 154 ? -3.982  5.191   -14.628 1.00 45.72 ? 155 LYS A CD   1 
ATOM   1453 C CE   . LYS A 1 154 ? -3.640  6.024   -13.406 1.00 51.09 ? 155 LYS A CE   1 
ATOM   1454 N NZ   . LYS A 1 154 ? -2.551  6.974   -13.595 1.00 53.97 ? 155 LYS A NZ   1 
ATOM   1455 H H    . LYS A 1 154 ? -5.330  1.439   -17.033 1.00 0.00  ? 155 LYS A H    1 
ATOM   1456 H HZ1  . LYS A 1 154 ? -1.645  6.552   -13.851 1.00 0.00  ? 155 LYS A HZ1  1 
ATOM   1457 H HZ2  . LYS A 1 154 ? -2.826  7.751   -14.244 1.00 0.00  ? 155 LYS A HZ2  1 
ATOM   1458 H HZ3  . LYS A 1 154 ? -2.454  7.518   -12.706 1.00 0.00  ? 155 LYS A HZ3  1 
ATOM   1459 N N    . ILE A 1 155 ? -4.631  1.144   -12.985 1.00 25.16 ? 156 ILE A N    1 
ATOM   1460 C CA   . ILE A 1 155 ? -5.152  0.352   -11.877 1.00 23.91 ? 156 ILE A CA   1 
ATOM   1461 C C    . ILE A 1 155 ? -5.547  1.361   -10.814 1.00 23.66 ? 156 ILE A C    1 
ATOM   1462 O O    . ILE A 1 155 ? -4.683  2.130   -10.379 1.00 21.71 ? 156 ILE A O    1 
ATOM   1463 C CB   . ILE A 1 155 ? -4.066  -0.617  -11.316 1.00 25.71 ? 156 ILE A CB   1 
ATOM   1464 C CG1  . ILE A 1 155 ? -3.385  -1.453  -12.419 1.00 26.12 ? 156 ILE A CG1  1 
ATOM   1465 C CG2  . ILE A 1 155 ? -4.746  -1.492  -10.268 1.00 23.85 ? 156 ILE A CG2  1 
ATOM   1466 C CD1  . ILE A 1 155 ? -4.306  -2.342  -13.247 1.00 27.10 ? 156 ILE A CD1  1 
ATOM   1467 H H    . ILE A 1 155 ? -3.719  1.506   -12.919 1.00 0.00  ? 156 ILE A H    1 
ATOM   1468 N N    . THR A 1 156 ? -6.809  1.434   -10.385 1.00 22.79 ? 157 THR A N    1 
ATOM   1469 C CA   . THR A 1 156 ? -7.250  2.436   -9.418  1.00 24.01 ? 157 THR A CA   1 
ATOM   1470 C C    . THR A 1 156 ? -7.970  1.816   -8.248  1.00 20.08 ? 157 THR A C    1 
ATOM   1471 O O    . THR A 1 156 ? -8.526  0.709   -8.321  1.00 21.25 ? 157 THR A O    1 
ATOM   1472 C CB   . THR A 1 156 ? -8.220  3.501   -10.050 1.00 25.94 ? 157 THR A CB   1 
ATOM   1473 O OG1  . THR A 1 156 ? -9.313  2.819   -10.660 1.00 28.29 ? 157 THR A OG1  1 
ATOM   1474 C CG2  . THR A 1 156 ? -7.501  4.368   -11.069 1.00 27.47 ? 157 THR A CG2  1 
ATOM   1475 H H    . THR A 1 156 ? -7.472  0.782   -10.688 1.00 0.00  ? 157 THR A H    1 
ATOM   1476 H HG1  . THR A 1 156 ? -9.077  2.503   -11.544 1.00 0.00  ? 157 THR A HG1  1 
ATOM   1477 N N    . ILE A 1 157 ? -7.929  2.553   -7.144  1.00 18.69 ? 158 ILE A N    1 
ATOM   1478 C CA   . ILE A 1 157 ? -8.659  2.197   -5.950  1.00 19.90 ? 158 ILE A CA   1 
ATOM   1479 C C    . ILE A 1 157 ? -9.970  2.949   -6.139  1.00 21.72 ? 158 ILE A C    1 
ATOM   1480 O O    . ILE A 1 157 ? -10.103 4.135   -5.821  1.00 21.34 ? 158 ILE A O    1 
ATOM   1481 C CB   . ILE A 1 157 ? -7.909  2.675   -4.688  1.00 20.46 ? 158 ILE A CB   1 
ATOM   1482 C CG1  . ILE A 1 157 ? -6.549  1.968   -4.609  1.00 20.92 ? 158 ILE A CG1  1 
ATOM   1483 C CG2  . ILE A 1 157 ? -8.744  2.386   -3.443  1.00 19.90 ? 158 ILE A CG2  1 
ATOM   1484 C CD1  . ILE A 1 157 ? -5.623  2.516   -3.499  1.00 21.21 ? 158 ILE A CD1  1 
ATOM   1485 H H    . ILE A 1 157 ? -7.408  3.381   -7.149  1.00 0.00  ? 158 ILE A H    1 
ATOM   1486 N N    . ALA A 1 158 ? -10.933 2.246   -6.723  1.00 23.29 ? 159 ALA A N    1 
ATOM   1487 C CA   . ALA A 1 158 ? -12.270 2.758   -7.003  1.00 22.79 ? 159 ALA A CA   1 
ATOM   1488 C C    . ALA A 1 158 ? -12.995 3.123   -5.717  1.00 22.21 ? 159 ALA A C    1 
ATOM   1489 O O    . ALA A 1 158 ? -13.725 4.117   -5.652  1.00 24.43 ? 159 ALA A O    1 
ATOM   1490 C CB   . ALA A 1 158 ? -13.068 1.694   -7.741  1.00 19.05 ? 159 ALA A CB   1 
ATOM   1491 H H    . ALA A 1 158 ? -10.727 1.309   -6.930  1.00 0.00  ? 159 ALA A H    1 
ATOM   1492 N N    . ASP A 1 159 ? -12.815 2.361   -4.648  1.00 20.34 ? 160 ASP A N    1 
ATOM   1493 C CA   . ASP A 1 159 ? -13.428 2.675   -3.388  1.00 21.15 ? 160 ASP A CA   1 
ATOM   1494 C C    . ASP A 1 159 ? -12.570 2.043   -2.313  1.00 21.51 ? 160 ASP A C    1 
ATOM   1495 O O    . ASP A 1 159 ? -11.792 1.123   -2.606  1.00 21.37 ? 160 ASP A O    1 
ATOM   1496 C CB   . ASP A 1 159 ? -14.840 2.101   -3.342  1.00 24.55 ? 160 ASP A CB   1 
ATOM   1497 C CG   . ASP A 1 159 ? -15.681 2.696   -2.225  1.00 29.01 ? 160 ASP A CG   1 
ATOM   1498 O OD1  . ASP A 1 159 ? -15.388 3.803   -1.766  1.00 31.12 ? 160 ASP A OD1  1 
ATOM   1499 O OD2  . ASP A 1 159 ? -16.659 2.070   -1.839  1.00 32.56 ? 160 ASP A OD2  1 
ATOM   1500 H H    . ASP A 1 159 ? -12.240 1.564   -4.683  1.00 0.00  ? 160 ASP A H    1 
ATOM   1501 N N    . CYS A 1 160 ? -12.658 2.511   -1.082  1.00 21.98 ? 161 CYS A N    1 
ATOM   1502 C CA   . CYS A 1 160 ? -11.853 1.983   0.015   1.00 22.65 ? 161 CYS A CA   1 
ATOM   1503 C C    . CYS A 1 160 ? -12.460 2.453   1.326   1.00 21.49 ? 161 CYS A C    1 
ATOM   1504 O O    . CYS A 1 160 ? -13.156 3.476   1.354   1.00 22.90 ? 161 CYS A O    1 
ATOM   1505 C CB   . CYS A 1 160 ? -10.380 2.474   -0.080  1.00 21.47 ? 161 CYS A CB   1 
ATOM   1506 S SG   . CYS A 1 160 ? -10.093 4.259   -0.260  1.00 21.92 ? 161 CYS A SG   1 
ATOM   1507 H H    . CYS A 1 160 ? -13.358 3.170   -0.852  1.00 0.00  ? 161 CYS A H    1 
ATOM   1508 N N    . GLY A 1 161 ? -12.221 1.753   2.420   1.00 18.69 ? 162 GLY A N    1 
ATOM   1509 C CA   . GLY A 1 161 ? -12.728 2.177   3.701   1.00 20.44 ? 162 GLY A CA   1 
ATOM   1510 C C    . GLY A 1 161 ? -12.436 1.120   4.736   1.00 23.42 ? 162 GLY A C    1 
ATOM   1511 O O    . GLY A 1 161 ? -11.686 0.183   4.460   1.00 22.26 ? 162 GLY A O    1 
ATOM   1512 H H    . GLY A 1 161 ? -11.672 0.939   2.383   1.00 0.00  ? 162 GLY A H    1 
ATOM   1513 N N    . GLN A 1 162 ? -13.055 1.214   5.899   1.00 24.62 ? 163 GLN A N    1 
ATOM   1514 C CA   . GLN A 1 162 ? -12.796 0.284   6.969   1.00 28.54 ? 163 GLN A CA   1 
ATOM   1515 C C    . GLN A 1 162 ? -13.871 -0.784  7.052   1.00 33.59 ? 163 GLN A C    1 
ATOM   1516 O O    . GLN A 1 162 ? -15.034 -0.489  6.775   1.00 37.47 ? 163 GLN A O    1 
ATOM   1517 C CB   . GLN A 1 162 ? -12.723 1.082   8.240   1.00 27.21 ? 163 GLN A CB   1 
ATOM   1518 C CG   . GLN A 1 162 ? -12.133 0.285   9.372   1.00 28.08 ? 163 GLN A CG   1 
ATOM   1519 C CD   . GLN A 1 162 ? -11.700 1.166   10.528  1.00 27.95 ? 163 GLN A CD   1 
ATOM   1520 O OE1  . GLN A 1 162 ? -11.551 2.396   10.443  1.00 29.90 ? 163 GLN A OE1  1 
ATOM   1521 N NE2  . GLN A 1 162 ? -11.480 0.569   11.676  1.00 29.87 ? 163 GLN A NE2  1 
ATOM   1522 H H    . GLN A 1 162 ? -13.788 1.863   5.996   1.00 0.00  ? 163 GLN A H    1 
ATOM   1523 H HE21 . GLN A 1 162 ? -11.214 1.100   12.445  1.00 0.00  ? 163 GLN A HE21 1 
ATOM   1524 H HE22 . GLN A 1 162 ? -11.611 -0.403  11.739  1.00 0.00  ? 163 GLN A HE22 1 
ATOM   1525 N N    . LEU A 1 163 ? -13.488 -2.015  7.380   1.00 36.96 ? 164 LEU A N    1 
ATOM   1526 C CA   . LEU A 1 163 ? -14.392 -3.130  7.614   1.00 43.36 ? 164 LEU A CA   1 
ATOM   1527 C C    . LEU A 1 163 ? -14.406 -3.549  9.091   1.00 49.22 ? 164 LEU A C    1 
ATOM   1528 O O    . LEU A 1 163 ? -15.472 -3.943  9.554   1.00 53.21 ? 164 LEU A O    1 
ATOM   1529 C CB   . LEU A 1 163 ? -13.998 -4.378  6.794   1.00 38.96 ? 164 LEU A CB   1 
ATOM   1530 C CG   . LEU A 1 163 ? -14.041 -4.393  5.264   1.00 38.70 ? 164 LEU A CG   1 
ATOM   1531 C CD1  . LEU A 1 163 ? -13.480 -5.698  4.749   1.00 37.16 ? 164 LEU A CD1  1 
ATOM   1532 C CD2  . LEU A 1 163 ? -15.461 -4.278  4.769   1.00 37.74 ? 164 LEU A CD2  1 
ATOM   1533 H H    . LEU A 1 163 ? -12.539 -2.158  7.516   1.00 0.00  ? 164 LEU A H    1 
ATOM   1534 N N    . GLU A 1 164 ? -13.299 -3.453  9.856   1.00 57.33 ? 165 GLU A N    1 
ATOM   1535 C CA   . GLU A 1 164 ? -13.137 -3.983  11.229  1.00 63.72 ? 165 GLU A CA   1 
ATOM   1536 C C    . GLU A 1 164 ? -12.109 -3.110  11.981  1.00 63.90 ? 165 GLU A C    1 
ATOM   1537 O O    . GLU A 1 164 ? -11.843 -3.296  13.182  1.00 64.14 ? 165 GLU A O    1 
ATOM   1538 C CB   . GLU A 1 164 ? -12.631 -5.456  11.149  1.00 68.63 ? 165 GLU A CB   1 
ATOM   1539 C CG   . GLU A 1 164 ? -12.516 -6.329  12.415  1.00 73.90 ? 165 GLU A CG   1 
ATOM   1540 C CD   . GLU A 1 164 ? -11.161 -6.968  12.743  1.00 76.73 ? 165 GLU A CD   1 
ATOM   1541 O OE1  . GLU A 1 164 ? -10.274 -7.132  11.902  1.00 78.76 ? 165 GLU A OE1  1 
ATOM   1542 O OE2  . GLU A 1 164 ? -10.963 -7.327  13.902  1.00 78.78 ? 165 GLU A OE2  1 
ATOM   1543 O OXT  . GLU A 1 164 ? -11.533 -2.245  11.325  1.00 62.44 ? 165 GLU A OXT  1 
ATOM   1544 H H    . GLU A 1 164 ? -12.549 -2.905  9.550   1.00 0.00  ? 165 GLU A H    1 
HETATM 1545 N N    . ALA B 2 .   ? 11.219  4.262   -3.342  1.00 26.99 ? 201 ALA A N    1 
HETATM 1546 C CA   . ALA B 2 .   ? 11.810  2.952   -3.268  1.00 25.54 ? 201 ALA A CA   1 
HETATM 1547 C C    . ALA B 2 .   ? 10.755  2.117   -2.547  1.00 26.07 ? 201 ALA A C    1 
HETATM 1548 O O    . ALA B 2 .   ? 10.052  2.680   -1.682  1.00 22.86 ? 201 ALA A O    1 
HETATM 1549 C CB   . ALA B 2 .   ? 13.058  2.972   -2.416  1.00 24.99 ? 201 ALA A CB   1 
HETATM 1550 H H1   . ALA B 2 .   ? 10.308  4.141   -3.827  1.00 0.00  ? 201 ALA A H1   1 
HETATM 1551 H H2   . ALA B 2 .   ? 11.033  4.596   -2.376  1.00 0.00  ? 201 ALA A H2   1 
HETATM 1552 H H    . ALA B 2 .   ? 11.800  4.931   -3.854  1.00 0.00  ? 201 ALA A H    1 
HETATM 1553 N N    . PRO C 3 .   ? 10.637  0.802   -2.806  1.00 25.00 ? 202 PRO A N    1 
HETATM 1554 C CA   . PRO C 3 .   ? 11.408  0.082   -3.824  1.00 23.99 ? 202 PRO A CA   1 
HETATM 1555 C C    . PRO C 3 .   ? 11.003  0.317   -5.283  1.00 25.43 ? 202 PRO A C    1 
HETATM 1556 O O    . PRO C 3 .   ? 10.158  1.164   -5.552  1.00 26.00 ? 202 PRO A O    1 
HETATM 1557 C CB   . PRO C 3 .   ? 11.282  -1.345  -3.358  1.00 24.00 ? 202 PRO A CB   1 
HETATM 1558 C CG   . PRO C 3 .   ? 9.886   -1.402  -2.806  1.00 23.51 ? 202 PRO A CG   1 
HETATM 1559 C CD   . PRO C 3 .   ? 9.769   -0.091  -2.060  1.00 22.64 ? 202 PRO A CD   1 
HETATM 1560 O OXT  . PRO C 3 .   ? 11.592  -0.276  -6.175  1.00 26.17 ? 202 PRO A OXT  1 
HETATM 1561 O O    . HOH D 4 .   ? 9.564   2.744   5.823   1.00 20.18 ? 203 HOH A O    1 
HETATM 1562 H H1   . HOH D 4 .   ? 8.897   3.445   5.891   1.00 0.00  ? 203 HOH A H1   1 
HETATM 1563 H H2   . HOH D 4 .   ? 10.194  3.048   6.499   1.00 0.00  ? 203 HOH A H2   1 
HETATM 1564 O O    . HOH D 4 .   ? 9.103   -3.429  9.772   1.00 20.10 ? 204 HOH A O    1 
HETATM 1565 H H1   . HOH D 4 .   ? 8.724   -2.813  10.423  1.00 0.00  ? 204 HOH A H1   1 
HETATM 1566 H H2   . HOH D 4 .   ? 8.809   -4.264  10.157  1.00 0.00  ? 204 HOH A H2   1 
HETATM 1567 O O    . HOH D 4 .   ? 5.571   6.632   1.877   1.00 18.48 ? 205 HOH A O    1 
HETATM 1568 H H1   . HOH D 4 .   ? 6.419   6.355   2.259   1.00 0.00  ? 205 HOH A H1   1 
HETATM 1569 H H2   . HOH D 4 .   ? 5.203   5.753   1.690   1.00 0.00  ? 205 HOH A H2   1 
HETATM 1570 O O    . HOH D 4 .   ? -7.908  10.910  5.857   1.00 26.07 ? 206 HOH A O    1 
HETATM 1571 H H1   . HOH D 4 .   ? -7.474  11.142  5.027   1.00 0.00  ? 206 HOH A H1   1 
HETATM 1572 H H2   . HOH D 4 .   ? -7.991  9.957   5.749   1.00 0.00  ? 206 HOH A H2   1 
HETATM 1573 O O    . HOH D 4 .   ? 1.002   4.290   6.923   1.00 19.72 ? 207 HOH A O    1 
HETATM 1574 H H1   . HOH D 4 .   ? 0.771   3.624   7.576   1.00 0.00  ? 207 HOH A H1   1 
HETATM 1575 H H2   . HOH D 4 .   ? 0.990   3.810   6.088   1.00 0.00  ? 207 HOH A H2   1 
HETATM 1576 O O    . HOH D 4 .   ? 7.343   -3.323  11.901  1.00 21.10 ? 208 HOH A O    1 
HETATM 1577 H H1   . HOH D 4 .   ? 7.275   -2.803  12.720  1.00 0.00  ? 208 HOH A H1   1 
HETATM 1578 H H2   . HOH D 4 .   ? 6.497   -3.116  11.465  1.00 0.00  ? 208 HOH A H2   1 
HETATM 1579 O O    . HOH D 4 .   ? 6.937   4.199   10.070  1.00 19.08 ? 209 HOH A O    1 
HETATM 1580 H H1   . HOH D 4 .   ? 6.315   4.723   10.593  1.00 0.00  ? 209 HOH A H1   1 
HETATM 1581 H H2   . HOH D 4 .   ? 6.861   4.590   9.199   1.00 0.00  ? 209 HOH A H2   1 
HETATM 1582 O O    . HOH D 4 .   ? -9.918  7.665   0.999   1.00 20.61 ? 210 HOH A O    1 
HETATM 1583 H H1   . HOH D 4 .   ? -10.802 7.251   1.078   1.00 0.00  ? 210 HOH A H1   1 
HETATM 1584 H H2   . HOH D 4 .   ? -10.147 8.608   0.913   1.00 0.00  ? 210 HOH A H2   1 
HETATM 1585 O O    . HOH D 4 .   ? 16.727  10.226  8.869   1.00 30.11 ? 211 HOH A O    1 
HETATM 1586 H H1   . HOH D 4 .   ? 17.130  11.006  9.325   1.00 0.00  ? 211 HOH A H1   1 
HETATM 1587 H H2   . HOH D 4 .   ? 16.891  10.471  7.947   1.00 0.00  ? 211 HOH A H2   1 
HETATM 1588 O O    . HOH D 4 .   ? -2.918  8.437   -7.733  1.00 24.06 ? 212 HOH A O    1 
HETATM 1589 H H1   . HOH D 4 .   ? -2.939  8.614   -8.679  1.00 0.00  ? 212 HOH A H1   1 
HETATM 1590 H H2   . HOH D 4 .   ? -2.219  8.989   -7.362  1.00 0.00  ? 212 HOH A H2   1 
HETATM 1591 O O    . HOH D 4 .   ? 14.236  3.526   6.248   1.00 24.71 ? 213 HOH A O    1 
HETATM 1592 H H1   . HOH D 4 .   ? 13.710  3.801   7.015   1.00 0.00  ? 213 HOH A H1   1 
HETATM 1593 H H2   . HOH D 4 .   ? 13.844  2.663   6.066   1.00 0.00  ? 213 HOH A H2   1 
HETATM 1594 O O    . HOH D 4 .   ? 13.821  6.909   13.416  1.00 22.17 ? 214 HOH A O    1 
HETATM 1595 H H1   . HOH D 4 .   ? 13.400  6.876   12.548  1.00 0.00  ? 214 HOH A H1   1 
HETATM 1596 H H2   . HOH D 4 .   ? 14.299  6.051   13.404  1.00 0.00  ? 214 HOH A H2   1 
HETATM 1597 O O    . HOH D 4 .   ? -1.950  2.358   -13.130 1.00 24.03 ? 215 HOH A O    1 
HETATM 1598 H H1   . HOH D 4 .   ? -1.312  2.110   -12.443 1.00 0.00  ? 215 HOH A H1   1 
HETATM 1599 H H2   . HOH D 4 .   ? -1.574  1.892   -13.901 1.00 0.00  ? 215 HOH A H2   1 
HETATM 1600 O O    . HOH D 4 .   ? 4.177   9.612   0.090   1.00 25.28 ? 216 HOH A O    1 
HETATM 1601 H H1   . HOH D 4 .   ? 5.140   9.431   0.088   1.00 0.00  ? 216 HOH A H1   1 
HETATM 1602 H H2   . HOH D 4 .   ? 4.093   10.180  -0.698  1.00 0.00  ? 216 HOH A H2   1 
HETATM 1603 O O    . HOH D 4 .   ? -9.057  2.156   -13.436 1.00 23.26 ? 217 HOH A O    1 
HETATM 1604 H H1   . HOH D 4 .   ? -8.139  1.880   -13.588 1.00 0.00  ? 217 HOH A H1   1 
HETATM 1605 H H2   . HOH D 4 .   ? -9.169  2.919   -14.052 1.00 0.00  ? 217 HOH A H2   1 
HETATM 1606 O O    . HOH D 4 .   ? 12.276  -11.537 5.507   1.00 30.67 ? 218 HOH A O    1 
HETATM 1607 H H1   . HOH D 4 .   ? 12.939  -11.278 6.175   1.00 0.00  ? 218 HOH A H1   1 
HETATM 1608 H H2   . HOH D 4 .   ? 12.072  -10.618 5.251   1.00 0.00  ? 218 HOH A H2   1 
HETATM 1609 O O    . HOH D 4 .   ? -10.625 -15.208 -3.064  1.00 31.39 ? 219 HOH A O    1 
HETATM 1610 H H1   . HOH D 4 .   ? -10.214 -16.071 -2.956  1.00 0.00  ? 219 HOH A H1   1 
HETATM 1611 H H2   . HOH D 4 .   ? -10.623 -15.203 -4.032  1.00 0.00  ? 219 HOH A H2   1 
HETATM 1612 O O    . HOH D 4 .   ? 1.365   12.286  -13.166 1.00 30.62 ? 220 HOH A O    1 
HETATM 1613 H H1   . HOH D 4 .   ? 1.084   12.366  -12.235 1.00 0.00  ? 220 HOH A H1   1 
HETATM 1614 H H2   . HOH D 4 .   ? 1.477   11.330  -13.242 1.00 0.00  ? 220 HOH A H2   1 
HETATM 1615 O O    . HOH D 4 .   ? -8.504  -16.354 -8.339  1.00 28.61 ? 221 HOH A O    1 
HETATM 1616 H H1   . HOH D 4 .   ? -8.071  -16.992 -7.733  1.00 0.00  ? 221 HOH A H1   1 
HETATM 1617 H H2   . HOH D 4 .   ? -7.711  -16.016 -8.798  1.00 0.00  ? 221 HOH A H2   1 
HETATM 1618 O O    . HOH D 4 .   ? -7.120  9.956   -3.930  1.00 28.69 ? 222 HOH A O    1 
HETATM 1619 H H1   . HOH D 4 .   ? -8.081  9.992   -3.843  1.00 0.00  ? 222 HOH A H1   1 
HETATM 1620 H H2   . HOH D 4 .   ? -6.843  10.145  -3.023  1.00 0.00  ? 222 HOH A H2   1 
HETATM 1621 O O    . HOH D 4 .   ? -9.621  -14.295 -0.461  1.00 30.04 ? 223 HOH A O    1 
HETATM 1622 H H1   . HOH D 4 .   ? -9.283  -14.877 -1.153  1.00 0.00  ? 223 HOH A H1   1 
HETATM 1623 H H2   . HOH D 4 .   ? -9.612  -14.890 0.303   1.00 0.00  ? 223 HOH A H2   1 
HETATM 1624 O O    . HOH D 4 .   ? 17.108  0.224   10.230  1.00 38.88 ? 224 HOH A O    1 
HETATM 1625 H H1   . HOH D 4 .   ? 16.799  -0.419  9.577   1.00 0.00  ? 224 HOH A H1   1 
HETATM 1626 H H2   . HOH D 4 .   ? 16.953  1.039   9.687   1.00 0.00  ? 224 HOH A H2   1 
HETATM 1627 O O    . HOH D 4 .   ? 8.083   -10.614 10.953  1.00 32.40 ? 225 HOH A O    1 
HETATM 1628 H H1   . HOH D 4 .   ? 7.847   -11.016 11.792  1.00 0.00  ? 225 HOH A H1   1 
HETATM 1629 H H2   . HOH D 4 .   ? 7.231   -10.567 10.476  1.00 0.00  ? 225 HOH A H2   1 
HETATM 1630 O O    . HOH D 4 .   ? -2.948  4.335   -4.739  1.00 27.81 ? 226 HOH A O    1 
HETATM 1631 H H1   . HOH D 4 .   ? -3.611  3.810   -4.285  1.00 0.00  ? 226 HOH A H1   1 
HETATM 1632 H H2   . HOH D 4 .   ? -3.482  5.089   -5.012  1.00 0.00  ? 226 HOH A H2   1 
HETATM 1633 O O    . HOH D 4 .   ? -3.168  2.581   15.632  1.00 39.31 ? 227 HOH A O    1 
HETATM 1634 H H1   . HOH D 4 .   ? -2.539  2.614   14.906  1.00 0.00  ? 227 HOH A H1   1 
HETATM 1635 H H2   . HOH D 4 .   ? -4.000  2.413   15.132  1.00 0.00  ? 227 HOH A H2   1 
HETATM 1636 O O    . HOH D 4 .   ? 12.621  -2.279  15.497  1.00 37.45 ? 228 HOH A O    1 
HETATM 1637 H H1   . HOH D 4 .   ? 12.615  -2.419  16.445  1.00 0.00  ? 228 HOH A H1   1 
HETATM 1638 H H2   . HOH D 4 .   ? 13.552  -2.107  15.312  1.00 0.00  ? 228 HOH A H2   1 
HETATM 1639 O O    . HOH D 4 .   ? 13.772  12.804  7.374   1.00 47.88 ? 229 HOH A O    1 
HETATM 1640 H H1   . HOH D 4 .   ? 13.533  11.905  7.084   1.00 0.00  ? 229 HOH A H1   1 
HETATM 1641 H H2   . HOH D 4 .   ? 14.678  12.843  7.020   1.00 0.00  ? 229 HOH A H2   1 
HETATM 1642 O O    . HOH D 4 .   ? 1.817   21.055  -7.907  1.00 37.18 ? 230 HOH A O    1 
HETATM 1643 H H1   . HOH D 4 .   ? 2.332   21.563  -8.541  1.00 0.00  ? 230 HOH A H1   1 
HETATM 1644 H H2   . HOH D 4 .   ? 0.953   21.485  -7.941  1.00 0.00  ? 230 HOH A H2   1 
HETATM 1645 O O    . HOH D 4 .   ? 15.444  4.804   10.172  1.00 26.49 ? 231 HOH A O    1 
HETATM 1646 H H1   . HOH D 4 .   ? 14.686  4.308   9.811   1.00 0.00  ? 231 HOH A H1   1 
HETATM 1647 H H2   . HOH D 4 .   ? 15.387  5.593   9.629   1.00 0.00  ? 231 HOH A H2   1 
HETATM 1648 O O    . HOH D 4 .   ? 14.663  0.117   -0.851  1.00 38.30 ? 232 HOH A O    1 
HETATM 1649 H H1   . HOH D 4 .   ? 14.934  -0.696  -1.337  1.00 0.00  ? 232 HOH A H1   1 
HETATM 1650 H H2   . HOH D 4 .   ? 15.389  0.701   -1.091  1.00 0.00  ? 232 HOH A H2   1 
HETATM 1651 O O    . HOH D 4 .   ? 10.926  -10.772 -5.407  1.00 33.94 ? 233 HOH A O    1 
HETATM 1652 H H1   . HOH D 4 .   ? 10.084  -11.073 -5.790  1.00 0.00  ? 233 HOH A H1   1 
HETATM 1653 H H2   . HOH D 4 .   ? 11.262  -11.577 -4.970  1.00 0.00  ? 233 HOH A H2   1 
HETATM 1654 O O    . HOH D 4 .   ? 2.605   2.787   -14.265 1.00 40.15 ? 234 HOH A O    1 
HETATM 1655 H H1   . HOH D 4 .   ? 2.761   3.731   -14.174 1.00 0.00  ? 234 HOH A H1   1 
HETATM 1656 H H2   . HOH D 4 .   ? 2.824   2.455   -13.385 1.00 0.00  ? 234 HOH A H2   1 
HETATM 1657 O O    . HOH D 4 .   ? 8.296   2.802   -11.630 1.00 47.23 ? 235 HOH A O    1 
HETATM 1658 H H1   . HOH D 4 .   ? 7.388   3.124   -11.841 1.00 0.00  ? 235 HOH A H1   1 
HETATM 1659 H H2   . HOH D 4 .   ? 8.779   3.279   -12.311 1.00 0.00  ? 235 HOH A H2   1 
HETATM 1660 O O    . HOH D 4 .   ? 12.815  -2.781  -11.594 1.00 42.22 ? 236 HOH A O    1 
HETATM 1661 H H1   . HOH D 4 .   ? 13.387  -3.557  -11.558 1.00 0.00  ? 236 HOH A H1   1 
HETATM 1662 H H2   . HOH D 4 .   ? 12.291  -2.999  -12.382 1.00 0.00  ? 236 HOH A H2   1 
HETATM 1663 O O    . HOH D 4 .   ? -14.921 3.597   5.745   1.00 45.63 ? 237 HOH A O    1 
HETATM 1664 H H1   . HOH D 4 .   ? -15.139 4.142   4.980   1.00 0.00  ? 237 HOH A H1   1 
HETATM 1665 H H2   . HOH D 4 .   ? -15.723 3.617   6.273   1.00 0.00  ? 237 HOH A H2   1 
HETATM 1666 O O    . HOH D 4 .   ? -12.406 6.442   1.144   1.00 35.43 ? 238 HOH A O    1 
HETATM 1667 H H1   . HOH D 4 .   ? -13.272 6.300   1.535   1.00 0.00  ? 238 HOH A H1   1 
HETATM 1668 H H2   . HOH D 4 .   ? -11.968 5.618   1.413   1.00 0.00  ? 238 HOH A H2   1 
HETATM 1669 O O    . HOH D 4 .   ? -12.828 -9.824  -11.986 1.00 43.15 ? 239 HOH A O    1 
HETATM 1670 H H1   . HOH D 4 .   ? -12.488 -9.707  -11.089 1.00 0.00  ? 239 HOH A H1   1 
HETATM 1671 H H2   . HOH D 4 .   ? -13.277 -8.980  -12.100 1.00 0.00  ? 239 HOH A H2   1 
HETATM 1672 O O    . HOH D 4 .   ? 5.857   -10.096 9.126   1.00 38.51 ? 240 HOH A O    1 
HETATM 1673 H H1   . HOH D 4 .   ? 6.238   -9.556  8.419   1.00 0.00  ? 240 HOH A H1   1 
HETATM 1674 H H2   . HOH D 4 .   ? 5.456   -10.814 8.621   1.00 0.00  ? 240 HOH A H2   1 
HETATM 1675 O O    . HOH D 4 .   ? 11.415  6.111   5.670   1.00 15.69 ? 241 HOH A O    1 
HETATM 1676 H H1   . HOH D 4 .   ? 11.185  5.458   6.339   1.00 0.00  ? 241 HOH A H1   1 
HETATM 1677 H H2   . HOH D 4 .   ? 12.204  5.716   5.281   1.00 0.00  ? 241 HOH A H2   1 
HETATM 1678 O O    . HOH D 4 .   ? 0.151   6.187   -6.600  1.00 21.17 ? 242 HOH A O    1 
HETATM 1679 H H1   . HOH D 4 .   ? -0.737  5.811   -6.726  1.00 0.00  ? 242 HOH A H1   1 
HETATM 1680 H H2   . HOH D 4 .   ? -0.029  7.130   -6.699  1.00 0.00  ? 242 HOH A H2   1 
HETATM 1681 O O    . HOH D 4 .   ? -10.371 10.310  0.359   1.00 37.91 ? 243 HOH A O    1 
HETATM 1682 H H1   . HOH D 4 .   ? -10.936 10.914  0.850   1.00 0.00  ? 243 HOH A H1   1 
HETATM 1683 H H2   . HOH D 4 .   ? -10.192 10.795  -0.473  1.00 0.00  ? 243 HOH A H2   1 
HETATM 1684 O O    . HOH D 4 .   ? 12.905  2.894   14.063  1.00 36.77 ? 244 HOH A O    1 
HETATM 1685 H H1   . HOH D 4 .   ? 13.668  3.445   13.769  1.00 0.00  ? 244 HOH A H1   1 
HETATM 1686 H H2   . HOH D 4 .   ? 12.181  3.472   13.768  1.00 0.00  ? 244 HOH A H2   1 
HETATM 1687 O O    . HOH D 4 .   ? -9.936  11.233  -2.151  1.00 44.68 ? 245 HOH A O    1 
HETATM 1688 H H1   . HOH D 4 .   ? -10.663 11.741  -2.598  1.00 0.00  ? 245 HOH A H1   1 
HETATM 1689 H H2   . HOH D 4 .   ? -10.117 10.347  -2.501  1.00 0.00  ? 245 HOH A H2   1 
HETATM 1690 O O    . HOH D 4 .   ? 5.851   3.704   -12.291 1.00 47.14 ? 246 HOH A O    1 
HETATM 1691 H H1   . HOH D 4 .   ? 5.268   4.465   -12.336 1.00 0.00  ? 246 HOH A H1   1 
HETATM 1692 H H2   . HOH D 4 .   ? 5.238   2.964   -12.412 1.00 0.00  ? 246 HOH A H2   1 
HETATM 1693 O O    . HOH D 4 .   ? 11.820  6.405   15.557  1.00 43.31 ? 247 HOH A O    1 
HETATM 1694 H H1   . HOH D 4 .   ? 12.550  6.712   14.984  1.00 0.00  ? 247 HOH A H1   1 
HETATM 1695 H H2   . HOH D 4 .   ? 11.168  6.166   14.881  1.00 0.00  ? 247 HOH A H2   1 
HETATM 1696 O O    . HOH D 4 .   ? -5.339  2.485   13.938  1.00 34.85 ? 248 HOH A O    1 
HETATM 1697 H H1   . HOH D 4 .   ? -6.128  2.644   14.465  1.00 0.00  ? 248 HOH A H1   1 
HETATM 1698 H H2   . HOH D 4 .   ? -5.254  3.364   13.529  1.00 0.00  ? 248 HOH A H2   1 
HETATM 1699 O O    . HOH D 4 .   ? 11.914  2.483   17.133  1.00 57.13 ? 249 HOH A O    1 
HETATM 1700 H H1   . HOH D 4 .   ? 11.788  2.978   16.303  1.00 0.00  ? 249 HOH A H1   1 
HETATM 1701 H H2   . HOH D 4 .   ? 12.536  1.817   16.795  1.00 0.00  ? 249 HOH A H2   1 
HETATM 1702 O O    . HOH D 4 .   ? 6.959   8.490   0.308   1.00 51.24 ? 250 HOH A O    1 
HETATM 1703 H H1   . HOH D 4 .   ? 6.881   8.261   1.243   1.00 0.00  ? 250 HOH A H1   1 
HETATM 1704 H H2   . HOH D 4 .   ? 7.564   7.825   -0.029  1.00 0.00  ? 250 HOH A H2   1 
HETATM 1705 O O    . HOH D 4 .   ? 9.248   -8.839  -20.837 1.00 50.21 ? 251 HOH A O    1 
HETATM 1706 H H1   . HOH D 4 .   ? 8.491   -9.349  -20.511 1.00 0.00  ? 251 HOH A H1   1 
HETATM 1707 H H2   . HOH D 4 .   ? 8.857   -8.476  -21.648 1.00 0.00  ? 251 HOH A H2   1 
HETATM 1708 O O    . HOH D 4 .   ? 3.254   -11.801 -19.211 1.00 62.20 ? 252 HOH A O    1 
HETATM 1709 H H1   . HOH D 4 .   ? 2.705   -11.724 -20.002 1.00 0.00  ? 252 HOH A H1   1 
HETATM 1710 H H2   . HOH D 4 .   ? 3.634   -12.682 -19.309 1.00 0.00  ? 252 HOH A H2   1 
HETATM 1711 O O    . HOH D 4 .   ? 11.919  -12.915 -3.790  1.00 44.84 ? 253 HOH A O    1 
HETATM 1712 H H1   . HOH D 4 .   ? 12.607  -13.337 -3.265  1.00 0.00  ? 253 HOH A H1   1 
HETATM 1713 H H2   . HOH D 4 .   ? 11.444  -12.471 -3.074  1.00 0.00  ? 253 HOH A H2   1 
HETATM 1714 O O    . HOH D 4 .   ? 7.676   -9.939  1.662   1.00 28.91 ? 254 HOH A O    1 
HETATM 1715 H H1   . HOH D 4 .   ? 7.916   -9.290  0.980   1.00 0.00  ? 254 HOH A H1   1 
HETATM 1716 H H2   . HOH D 4 .   ? 6.881   -10.338 1.283   1.00 0.00  ? 254 HOH A H2   1 
HETATM 1717 O O    . HOH D 4 .   ? 8.550   -15.655 -2.554  1.00 49.22 ? 255 HOH A O    1 
HETATM 1718 H H1   . HOH D 4 .   ? 9.375   -16.003 -2.923  1.00 0.00  ? 255 HOH A H1   1 
HETATM 1719 H H2   . HOH D 4 .   ? 7.882   -16.098 -3.090  1.00 0.00  ? 255 HOH A H2   1 
HETATM 1720 O O    . HOH D 4 .   ? -1.223  8.318   15.854  1.00 45.15 ? 256 HOH A O    1 
HETATM 1721 H H1   . HOH D 4 .   ? -1.244  8.304   14.883  1.00 0.00  ? 256 HOH A H1   1 
HETATM 1722 H H2   . HOH D 4 .   ? -1.407  7.384   16.068  1.00 0.00  ? 256 HOH A H2   1 
HETATM 1723 O O    . HOH D 4 .   ? 7.146   6.508   16.203  1.00 47.54 ? 257 HOH A O    1 
HETATM 1724 H H1   . HOH D 4 .   ? 7.352   7.098   15.465  1.00 0.00  ? 257 HOH A H1   1 
HETATM 1725 H H2   . HOH D 4 .   ? 6.531   5.888   15.793  1.00 0.00  ? 257 HOH A H2   1 
HETATM 1726 O O    . HOH D 4 .   ? 4.571   11.327  -14.605 1.00 50.82 ? 258 HOH A O    1 
HETATM 1727 H H1   . HOH D 4 .   ? 4.301   11.133  -15.510 1.00 0.00  ? 258 HOH A H1   1 
HETATM 1728 H H2   . HOH D 4 .   ? 5.311   10.720  -14.483 1.00 0.00  ? 258 HOH A H2   1 
HETATM 1729 O O    . HOH D 4 .   ? -6.163  -13.650 0.824   1.00 50.47 ? 259 HOH A O    1 
HETATM 1730 H H1   . HOH D 4 .   ? -6.432  -14.559 1.027   1.00 0.00  ? 259 HOH A H1   1 
HETATM 1731 H H2   . HOH D 4 .   ? -6.154  -13.294 1.727   1.00 0.00  ? 259 HOH A H2   1 
HETATM 1732 O O    . HOH D 4 .   ? 16.275  10.946  5.231   1.00 58.44 ? 260 HOH A O    1 
HETATM 1733 H H1   . HOH D 4 .   ? 15.595  10.328  5.514   1.00 0.00  ? 260 HOH A H1   1 
HETATM 1734 H H2   . HOH D 4 .   ? 16.408  10.687  4.294   1.00 0.00  ? 260 HOH A H2   1 
HETATM 1735 O O    . HOH D 4 .   ? 15.405  3.783   3.685   1.00 52.68 ? 261 HOH A O    1 
HETATM 1736 H H1   . HOH D 4 .   ? 15.179  3.677   4.631   1.00 0.00  ? 261 HOH A H1   1 
HETATM 1737 H H2   . HOH D 4 .   ? 14.533  3.768   3.282   1.00 0.00  ? 261 HOH A H2   1 
HETATM 1738 O O    . HOH D 4 .   ? -5.510  -16.014 -8.825  1.00 57.21 ? 262 HOH A O    1 
HETATM 1739 H H1   . HOH D 4 .   ? -4.831  -16.188 -8.153  1.00 0.00  ? 262 HOH A H1   1 
HETATM 1740 H H2   . HOH D 4 .   ? -4.983  -15.484 -9.426  1.00 0.00  ? 262 HOH A H2   1 
HETATM 1741 O O    . HOH D 4 .   ? -4.931  -4.090  18.181  1.00 58.32 ? 263 HOH A O    1 
HETATM 1742 H H1   . HOH D 4 .   ? -4.176  -4.597  18.486  1.00 0.00  ? 263 HOH A H1   1 
HETATM 1743 H H2   . HOH D 4 .   ? -4.707  -3.952  17.255  1.00 0.00  ? 263 HOH A H2   1 
HETATM 1744 O O    . HOH D 4 .   ? 5.057   12.809  13.573  1.00 42.87 ? 264 HOH A O    1 
HETATM 1745 H H1   . HOH D 4 .   ? 5.227   12.993  12.611  1.00 0.00  ? 264 HOH A H1   1 
HETATM 1746 H H2   . HOH D 4 .   ? 4.932   13.727  13.843  1.00 0.00  ? 264 HOH A H2   1 
HETATM 1747 O O    . HOH D 4 .   ? 9.764   -15.967 5.530   1.00 58.33 ? 265 HOH A O    1 
HETATM 1748 H H1   . HOH D 4 .   ? 8.934   -15.510 5.690   1.00 0.00  ? 265 HOH A H1   1 
HETATM 1749 H H2   . HOH D 4 .   ? 9.453   -16.687 4.973   1.00 0.00  ? 265 HOH A H2   1 
HETATM 1750 O O    . HOH D 4 .   ? -5.332  -9.839  -14.598 1.00 58.22 ? 266 HOH A O    1 
HETATM 1751 H H1   . HOH D 4 .   ? -4.802  -9.136  -14.202 1.00 0.00  ? 266 HOH A H1   1 
HETATM 1752 H H2   . HOH D 4 .   ? -4.746  -10.593 -14.557 1.00 0.00  ? 266 HOH A H2   1 
HETATM 1753 O O    . HOH D 4 .   ? -9.531  8.118   -10.693 1.00 58.98 ? 267 HOH A O    1 
HETATM 1754 H H1   . HOH D 4 .   ? -8.984  7.611   -10.078 1.00 0.00  ? 267 HOH A H1   1 
HETATM 1755 H H2   . HOH D 4 .   ? -9.213  7.844   -11.560 1.00 0.00  ? 267 HOH A H2   1 
HETATM 1756 O O    . HOH D 4 .   ? -0.352  16.246  5.912   1.00 56.35 ? 268 HOH A O    1 
HETATM 1757 H H1   . HOH D 4 .   ? -0.616  16.490  6.811   1.00 0.00  ? 268 HOH A H1   1 
HETATM 1758 H H2   . HOH D 4 .   ? -0.493  15.287  5.943   1.00 0.00  ? 268 HOH A H2   1 
HETATM 1759 O O    . HOH D 4 .   ? -13.320 6.867   -6.801  1.00 47.67 ? 269 HOH A O    1 
HETATM 1760 H H1   . HOH D 4 .   ? -13.518 6.302   -7.557  1.00 0.00  ? 269 HOH A H1   1 
HETATM 1761 H H2   . HOH D 4 .   ? -12.534 7.331   -7.107  1.00 0.00  ? 269 HOH A H2   1 
HETATM 1762 O O    . HOH D 4 .   ? 17.794  -4.976  4.197   1.00 46.10 ? 270 HOH A O    1 
HETATM 1763 H H1   . HOH D 4 .   ? 17.371  -4.666  5.005   1.00 0.00  ? 270 HOH A H1   1 
HETATM 1764 H H2   . HOH D 4 .   ? 17.353  -5.821  4.072   1.00 0.00  ? 270 HOH A H2   1 
HETATM 1765 O O    . HOH D 4 .   ? 3.410   -0.917  19.939  1.00 53.42 ? 271 HOH A O    1 
HETATM 1766 H H1   . HOH D 4 .   ? 3.381   -1.525  19.191  1.00 0.00  ? 271 HOH A H1   1 
HETATM 1767 H H2   . HOH D 4 .   ? 2.536   -1.030  20.331  1.00 0.00  ? 271 HOH A H2   1 
HETATM 1768 O O    . HOH D 4 .   ? 1.705   -5.601  -22.497 1.00 54.03 ? 272 HOH A O    1 
HETATM 1769 H H1   . HOH D 4 .   ? 1.946   -6.370  -23.033 1.00 0.00  ? 272 HOH A H1   1 
HETATM 1770 H H2   . HOH D 4 .   ? 0.756   -5.559  -22.677 1.00 0.00  ? 272 HOH A H2   1 
HETATM 1771 O O    . HOH D 4 .   ? 16.539  10.169  2.609   1.00 60.88 ? 273 HOH A O    1 
HETATM 1772 H H1   . HOH D 4 .   ? 17.268  10.309  2.002   1.00 0.00  ? 273 HOH A H1   1 
HETATM 1773 H H2   . HOH D 4 .   ? 15.795  10.061  1.992   1.00 0.00  ? 273 HOH A H2   1 
HETATM 1774 O O    . HOH D 4 .   ? -17.737 -0.754  -2.153  1.00 52.47 ? 274 HOH A O    1 
HETATM 1775 H H1   . HOH D 4 .   ? -17.734 -0.340  -3.023  1.00 0.00  ? 274 HOH A H1   1 
HETATM 1776 H H2   . HOH D 4 .   ? -17.127 -0.118  -1.728  1.00 0.00  ? 274 HOH A H2   1 
HETATM 1777 O O    . HOH D 4 .   ? -10.153 -3.425  -18.240 1.00 53.21 ? 275 HOH A O    1 
HETATM 1778 H H1   . HOH D 4 .   ? -10.678 -3.537  -17.442 1.00 0.00  ? 275 HOH A H1   1 
HETATM 1779 H H2   . HOH D 4 .   ? -10.192 -2.470  -18.371 1.00 0.00  ? 275 HOH A H2   1 
HETATM 1780 O O    . HOH D 4 .   ? 6.098   14.963  -10.705 1.00 49.50 ? 276 HOH A O    1 
HETATM 1781 H H1   . HOH D 4 .   ? 6.285   14.467  -9.883  1.00 0.00  ? 276 HOH A H1   1 
HETATM 1782 H H2   . HOH D 4 .   ? 6.962   14.915  -11.136 1.00 0.00  ? 276 HOH A H2   1 
HETATM 1783 O O    . HOH D 4 .   ? 4.097   -13.719 4.715   1.00 52.47 ? 277 HOH A O    1 
HETATM 1784 H H1   . HOH D 4 .   ? 3.663   -13.673 3.855   1.00 0.00  ? 277 HOH A H1   1 
HETATM 1785 H H2   . HOH D 4 .   ? 3.350   -13.864 5.303   1.00 0.00  ? 277 HOH A H2   1 
HETATM 1786 O O    . HOH D 4 .   ? -13.023 -8.914  1.809   1.00 62.04 ? 278 HOH A O    1 
HETATM 1787 H H1   . HOH D 4 .   ? -13.827 -8.499  2.133   1.00 0.00  ? 278 HOH A H1   1 
HETATM 1788 H H2   . HOH D 4 .   ? -12.859 -9.581  2.494   1.00 0.00  ? 278 HOH A H2   1 
HETATM 1789 O O    . HOH D 4 .   ? -8.508  3.817   -17.816 1.00 57.43 ? 279 HOH A O    1 
HETATM 1790 H H1   . HOH D 4 .   ? -7.693  3.297   -17.729 1.00 0.00  ? 279 HOH A H1   1 
HETATM 1791 H H2   . HOH D 4 .   ? -8.886  3.356   -18.576 1.00 0.00  ? 279 HOH A H2   1 
HETATM 1792 O O    . HOH D 4 .   ? 4.375   -13.071 -8.572  1.00 60.23 ? 280 HOH A O    1 
HETATM 1793 H H1   . HOH D 4 .   ? 3.774   -13.238 -7.839  1.00 0.00  ? 280 HOH A H1   1 
HETATM 1794 H H2   . HOH D 4 .   ? 4.253   -12.114 -8.635  1.00 0.00  ? 280 HOH A H2   1 
HETATM 1795 O O    . HOH D 4 .   ? 11.358  -4.252  7.948   1.00 22.35 ? 281 HOH A O    1 
HETATM 1796 H H1   . HOH D 4 .   ? 10.573  -4.343  8.529   1.00 0.00  ? 281 HOH A H1   1 
HETATM 1797 H H2   . HOH D 4 .   ? 11.104  -3.393  7.573   1.00 0.00  ? 281 HOH A H2   1 
HETATM 1798 O O    . HOH D 4 .   ? -9.588  4.170   -15.275 1.00 59.34 ? 282 HOH A O    1 
HETATM 1799 H H1   . HOH D 4 .   ? -10.192 4.911   -15.386 1.00 0.00  ? 282 HOH A H1   1 
HETATM 1800 H H2   . HOH D 4 .   ? -9.193  4.109   -16.180 1.00 0.00  ? 282 HOH A H2   1 
HETATM 1801 O O    . HOH D 4 .   ? -3.790  0.932   17.832  1.00 62.35 ? 283 HOH A O    1 
HETATM 1802 H H1   . HOH D 4 .   ? -3.479  1.546   17.138  1.00 0.00  ? 283 HOH A H1   1 
HETATM 1803 H H2   . HOH D 4 .   ? -3.432  1.305   18.643  1.00 0.00  ? 283 HOH A H2   1 
HETATM 1804 O O    . HOH D 4 .   ? 20.184  -5.625  1.557   1.00 64.90 ? 284 HOH A O    1 
HETATM 1805 H H1   . HOH D 4 .   ? 20.907  -5.858  2.152   1.00 0.00  ? 284 HOH A H1   1 
HETATM 1806 H H2   . HOH D 4 .   ? 20.043  -6.441  1.046   1.00 0.00  ? 284 HOH A H2   1 
HETATM 1807 O O    . HOH D 4 .   ? 5.131   13.862  11.027  1.00 64.88 ? 285 HOH A O    1 
HETATM 1808 H H1   . HOH D 4 .   ? 5.509   13.755  10.142  1.00 0.00  ? 285 HOH A H1   1 
HETATM 1809 H H2   . HOH D 4 .   ? 4.477   14.566  10.871  1.00 0.00  ? 285 HOH A H2   1 
HETATM 1810 O O    . HOH D 4 .   ? -12.138 12.504  -3.489  1.00 52.98 ? 286 HOH A O    1 
HETATM 1811 H H1   . HOH D 4 .   ? -12.335 13.024  -4.294  1.00 0.00  ? 286 HOH A H1   1 
HETATM 1812 H H2   . HOH D 4 .   ? -12.737 13.033  -2.941  1.00 0.00  ? 286 HOH A H2   1 
HETATM 1813 O O    . HOH D 4 .   ? 13.689  -2.223  -6.563  1.00 28.06 ? 287 HOH A O    1 
HETATM 1814 H H1   . HOH D 4 .   ? 13.578  -2.740  -7.394  1.00 0.00  ? 287 HOH A H1   1 
HETATM 1815 H H2   . HOH D 4 .   ? 12.814  -1.813  -6.451  1.00 0.00  ? 287 HOH A H2   1 
HETATM 1816 O O    . HOH D 4 .   ? 9.472   3.789   -5.197  1.00 35.68 ? 288 HOH A O    1 
HETATM 1817 H H1   . HOH D 4 .   ? 9.714   3.650   -6.125  1.00 0.00  ? 288 HOH A H1   1 
HETATM 1818 H H2   . HOH D 4 .   ? 9.187   2.847   -5.040  1.00 0.00  ? 288 HOH A H2   1 
HETATM 1819 O O    . HOH D 4 .   ? 13.886  2.046   -6.114  1.00 57.28 ? 289 HOH A O    1 
HETATM 1820 H H1   . HOH D 4 .   ? 14.567  1.352   -6.254  1.00 0.00  ? 289 HOH A H1   1 
HETATM 1821 H H2   . HOH D 4 .   ? 13.089  1.502   -6.228  1.00 0.00  ? 289 HOH A H2   1 
# 
